data_3D2W
# 
_entry.id   3D2W 
# 
_audit_conform.dict_name       mmcif_pdbx.dic 
_audit_conform.dict_version    5.380 
_audit_conform.dict_location   http://mmcif.pdb.org/dictionaries/ascii/mmcif_pdbx.dic 
# 
loop_
_database_2.database_id 
_database_2.database_code 
_database_2.pdbx_database_accession 
_database_2.pdbx_DOI 
PDB   3D2W         pdb_00003d2w 10.2210/pdb3d2w/pdb 
NDB   PD1138       ?            ?                   
RCSB  RCSB047523   ?            ?                   
WWPDB D_1000047523 ?            ?                   
# 
_pdbx_database_status.status_code                     REL 
_pdbx_database_status.entry_id                        3D2W 
_pdbx_database_status.recvd_initial_deposition_date   2008-05-09 
_pdbx_database_status.deposit_site                    RCSB 
_pdbx_database_status.process_site                    PDBJ 
_pdbx_database_status.status_code_sf                  REL 
_pdbx_database_status.status_code_mr                  ? 
_pdbx_database_status.SG_entry                        ? 
_pdbx_database_status.pdb_format_compatible           Y 
_pdbx_database_status.status_code_cs                  ? 
_pdbx_database_status.status_code_nmr_data            ? 
_pdbx_database_status.methods_development_category    ? 
# 
loop_
_audit_author.name 
_audit_author.pdbx_ordinal 
'Kuo, P.H.'  1 
'Yuan, H.S.' 2 
# 
_citation.id                        primary 
_citation.title                     'Structural insights into TDP-43 in nucleic-acid binding and domain interactions' 
_citation.journal_abbrev            'Nucleic Acids Res.' 
_citation.journal_volume            37 
_citation.page_first                1799 
_citation.page_last                 1808 
_citation.year                      2009 
_citation.journal_id_ASTM           NARHAD 
_citation.country                   UK 
_citation.journal_id_ISSN           0305-1048 
_citation.journal_id_CSD            0389 
_citation.book_publisher            ? 
_citation.pdbx_database_id_PubMed   19174564 
_citation.pdbx_database_id_DOI      10.1093/nar/gkp013 
# 
loop_
_citation_author.citation_id 
_citation_author.name 
_citation_author.ordinal 
_citation_author.identifier_ORCID 
primary 'Kuo, P.H.'     1 ? 
primary 'Doudeva, L.G.' 2 ? 
primary 'Wang, Y.T.'    3 ? 
primary 'Shen, C.K.'    4 ? 
primary 'Yuan, H.S.'    5 ? 
# 
_cell.entry_id           3D2W 
_cell.length_a           41.283 
_cell.length_b           87.290 
_cell.length_c           125.345 
_cell.angle_alpha        90.00 
_cell.angle_beta         90.00 
_cell.angle_gamma        90.00 
_cell.Z_PDB              16 
_cell.pdbx_unique_axis   ? 
_cell.length_a_esd       ? 
_cell.length_b_esd       ? 
_cell.length_c_esd       ? 
_cell.angle_alpha_esd    ? 
_cell.angle_beta_esd     ? 
_cell.angle_gamma_esd    ? 
# 
_symmetry.entry_id                         3D2W 
_symmetry.space_group_name_H-M             'F 2 2 2' 
_symmetry.pdbx_full_space_group_name_H-M   ? 
_symmetry.cell_setting                     ? 
_symmetry.Int_Tables_number                22 
_symmetry.space_group_name_Hall            ? 
# 
loop_
_entity.id 
_entity.type 
_entity.src_method 
_entity.pdbx_description 
_entity.formula_weight 
_entity.pdbx_number_of_molecules 
_entity.pdbx_ec 
_entity.pdbx_mutation 
_entity.pdbx_fragment 
_entity.details 
1 polymer     man 'TAR DNA-binding protein 43'                             10097.466 1   ? ? 'RRM2 motif, UNP residues 192-265' ? 
2 polymer     syn 
;DNA (5'-D(*DGP*DTP*DTP*DGP*DAP*DGP*DCP*DGP*DTP*DT)-3')
;
3091.026  1   ? ? ?                                  ? 
3 non-polymer syn 'PHOSPHATE ION'                                          94.971    1   ? ? ?                                  ? 
4 water       nat water                                                    18.015    116 ? ? ?                                  ? 
# 
_entity_name_com.entity_id   1 
_entity_name_com.name        'TDP-43, RRM2 domain of mouse TDP-43' 
# 
loop_
_entity_poly.entity_id 
_entity_poly.type 
_entity_poly.nstd_linkage 
_entity_poly.nstd_monomer 
_entity_poly.pdbx_seq_one_letter_code 
_entity_poly.pdbx_seq_one_letter_code_can 
_entity_poly.pdbx_strand_id 
_entity_poly.pdbx_target_identifier 
1 'polypeptide(L)'        no no 
;MRGSHHHHHHGSKVFVGRCTEDMTAEELQQFFCQYGEVVDVFIPKPFRAFAFVTFADDKVAQSLCGEDLIIKGISVHISN
AEPKHNKLN
;
;MRGSHHHHHHGSKVFVGRCTEDMTAEELQQFFCQYGEVVDVFIPKPFRAFAFVTFADDKVAQSLCGEDLIIKGISVHISN
AEPKHNKLN
;
A ? 
2 polydeoxyribonucleotide no no '(DG)(DT)(DT)(DG)(DA)(DG)(DC)(DG)(DT)(DT)'                                                   
GTTGAGCGTT                                                                                   B ? 
# 
loop_
_entity_poly_seq.entity_id 
_entity_poly_seq.num 
_entity_poly_seq.mon_id 
_entity_poly_seq.hetero 
1 1  MET n 
1 2  ARG n 
1 3  GLY n 
1 4  SER n 
1 5  HIS n 
1 6  HIS n 
1 7  HIS n 
1 8  HIS n 
1 9  HIS n 
1 10 HIS n 
1 11 GLY n 
1 12 SER n 
1 13 LYS n 
1 14 VAL n 
1 15 PHE n 
1 16 VAL n 
1 17 GLY n 
1 18 ARG n 
1 19 CYS n 
1 20 THR n 
1 21 GLU n 
1 22 ASP n 
1 23 MET n 
1 24 THR n 
1 25 ALA n 
1 26 GLU n 
1 27 GLU n 
1 28 LEU n 
1 29 GLN n 
1 30 GLN n 
1 31 PHE n 
1 32 PHE n 
1 33 CYS n 
1 34 GLN n 
1 35 TYR n 
1 36 GLY n 
1 37 GLU n 
1 38 VAL n 
1 39 VAL n 
1 40 ASP n 
1 41 VAL n 
1 42 PHE n 
1 43 ILE n 
1 44 PRO n 
1 45 LYS n 
1 46 PRO n 
1 47 PHE n 
1 48 ARG n 
1 49 ALA n 
1 50 PHE n 
1 51 ALA n 
1 52 PHE n 
1 53 VAL n 
1 54 THR n 
1 55 PHE n 
1 56 ALA n 
1 57 ASP n 
1 58 ASP n 
1 59 LYS n 
1 60 VAL n 
1 61 ALA n 
1 62 GLN n 
1 63 SER n 
1 64 LEU n 
1 65 CYS n 
1 66 GLY n 
1 67 GLU n 
1 68 ASP n 
1 69 LEU n 
1 70 ILE n 
1 71 ILE n 
1 72 LYS n 
1 73 GLY n 
1 74 ILE n 
1 75 SER n 
1 76 VAL n 
1 77 HIS n 
1 78 ILE n 
1 79 SER n 
1 80 ASN n 
1 81 ALA n 
1 82 GLU n 
1 83 PRO n 
1 84 LYS n 
1 85 HIS n 
1 86 ASN n 
1 87 LYS n 
1 88 LEU n 
1 89 ASN n 
2 1  DG  n 
2 2  DT  n 
2 3  DT  n 
2 4  DG  n 
2 5  DA  n 
2 6  DG  n 
2 7  DC  n 
2 8  DG  n 
2 9  DT  n 
2 10 DT  n 
# 
_entity_src_gen.entity_id                          1 
_entity_src_gen.pdbx_src_id                        1 
_entity_src_gen.pdbx_alt_source_flag               sample 
_entity_src_gen.pdbx_seq_type                      ? 
_entity_src_gen.pdbx_beg_seq_num                   ? 
_entity_src_gen.pdbx_end_seq_num                   ? 
_entity_src_gen.gene_src_common_name               mouse 
_entity_src_gen.gene_src_genus                     ? 
_entity_src_gen.pdbx_gene_src_gene                 'Tardbp, Tdp43' 
_entity_src_gen.gene_src_species                   ? 
_entity_src_gen.gene_src_strain                    ? 
_entity_src_gen.gene_src_tissue                    ? 
_entity_src_gen.gene_src_tissue_fraction           ? 
_entity_src_gen.gene_src_details                   brain 
_entity_src_gen.pdbx_gene_src_fragment             ? 
_entity_src_gen.pdbx_gene_src_scientific_name      'Mus musculus' 
_entity_src_gen.pdbx_gene_src_ncbi_taxonomy_id     10090 
_entity_src_gen.pdbx_gene_src_variant              ? 
_entity_src_gen.pdbx_gene_src_cell_line            ? 
_entity_src_gen.pdbx_gene_src_atcc                 ? 
_entity_src_gen.pdbx_gene_src_organ                ? 
_entity_src_gen.pdbx_gene_src_organelle            ? 
_entity_src_gen.pdbx_gene_src_cell                 ? 
_entity_src_gen.pdbx_gene_src_cellular_location    ? 
_entity_src_gen.host_org_common_name               ? 
_entity_src_gen.pdbx_host_org_scientific_name      'Escherichia coli' 
_entity_src_gen.pdbx_host_org_ncbi_taxonomy_id     562 
_entity_src_gen.host_org_genus                     ? 
_entity_src_gen.pdbx_host_org_gene                 ? 
_entity_src_gen.pdbx_host_org_organ                ? 
_entity_src_gen.host_org_species                   ? 
_entity_src_gen.pdbx_host_org_tissue               ? 
_entity_src_gen.pdbx_host_org_tissue_fraction      ? 
_entity_src_gen.pdbx_host_org_strain               M15 
_entity_src_gen.pdbx_host_org_variant              ? 
_entity_src_gen.pdbx_host_org_cell_line            ? 
_entity_src_gen.pdbx_host_org_atcc                 ? 
_entity_src_gen.pdbx_host_org_culture_collection   ? 
_entity_src_gen.pdbx_host_org_cell                 ? 
_entity_src_gen.pdbx_host_org_organelle            ? 
_entity_src_gen.pdbx_host_org_cellular_location    ? 
_entity_src_gen.pdbx_host_org_vector_type          plasmid 
_entity_src_gen.pdbx_host_org_vector               ? 
_entity_src_gen.host_org_details                   ? 
_entity_src_gen.expression_system_id               ? 
_entity_src_gen.plasmid_name                       pQE30 
_entity_src_gen.plasmid_details                    ? 
_entity_src_gen.pdbx_description                   ? 
# 
_pdbx_entity_src_syn.entity_id              2 
_pdbx_entity_src_syn.pdbx_src_id            1 
_pdbx_entity_src_syn.pdbx_alt_source_flag   sample 
_pdbx_entity_src_syn.pdbx_beg_seq_num       ? 
_pdbx_entity_src_syn.pdbx_end_seq_num       ? 
_pdbx_entity_src_syn.organism_scientific    ? 
_pdbx_entity_src_syn.organism_common_name   ? 
_pdbx_entity_src_syn.ncbi_taxonomy_id       ? 
_pdbx_entity_src_syn.details                'Nucleotide synthesis' 
# 
loop_
_struct_ref.id 
_struct_ref.db_name 
_struct_ref.db_code 
_struct_ref.pdbx_db_accession 
_struct_ref.entity_id 
_struct_ref.pdbx_seq_one_letter_code 
_struct_ref.pdbx_align_begin 
_struct_ref.pdbx_db_isoform 
1 UNP TADBP_MOUSE Q921F2 1 KVFVGRCTEDMTAEELQQFFCQYGEVVDVFIPKPFRAFAFVTFADDKVAQSLCGEDLIIKGISVHISNAEPKHN 192 ? 
2 PDB 3D2W        3D2W   2 GTTGAGCGTT                                                                 1   ? 
# 
loop_
_struct_ref_seq.align_id 
_struct_ref_seq.ref_id 
_struct_ref_seq.pdbx_PDB_id_code 
_struct_ref_seq.pdbx_strand_id 
_struct_ref_seq.seq_align_beg 
_struct_ref_seq.pdbx_seq_align_beg_ins_code 
_struct_ref_seq.seq_align_end 
_struct_ref_seq.pdbx_seq_align_end_ins_code 
_struct_ref_seq.pdbx_db_accession 
_struct_ref_seq.db_align_beg 
_struct_ref_seq.pdbx_db_align_beg_ins_code 
_struct_ref_seq.db_align_end 
_struct_ref_seq.pdbx_db_align_end_ins_code 
_struct_ref_seq.pdbx_auth_seq_align_beg 
_struct_ref_seq.pdbx_auth_seq_align_end 
1 1 3D2W A 13 ? 86 ? Q921F2 192 ? 265 ? 192 265 
2 2 3D2W B 1  ? 10 ? 3D2W   1   ? 10  ? 1   10  
# 
loop_
_struct_ref_seq_dif.align_id 
_struct_ref_seq_dif.pdbx_pdb_id_code 
_struct_ref_seq_dif.mon_id 
_struct_ref_seq_dif.pdbx_pdb_strand_id 
_struct_ref_seq_dif.seq_num 
_struct_ref_seq_dif.pdbx_pdb_ins_code 
_struct_ref_seq_dif.pdbx_seq_db_name 
_struct_ref_seq_dif.pdbx_seq_db_accession_code 
_struct_ref_seq_dif.db_mon_id 
_struct_ref_seq_dif.pdbx_seq_db_seq_num 
_struct_ref_seq_dif.details 
_struct_ref_seq_dif.pdbx_auth_seq_num 
_struct_ref_seq_dif.pdbx_ordinal 
1 3D2W MET A 1  ? UNP Q921F2 ? ? 'expression tag' 180 1  
1 3D2W ARG A 2  ? UNP Q921F2 ? ? 'expression tag' 181 2  
1 3D2W GLY A 3  ? UNP Q921F2 ? ? 'expression tag' 182 3  
1 3D2W SER A 4  ? UNP Q921F2 ? ? 'expression tag' 183 4  
1 3D2W HIS A 5  ? UNP Q921F2 ? ? 'expression tag' 184 5  
1 3D2W HIS A 6  ? UNP Q921F2 ? ? 'expression tag' 185 6  
1 3D2W HIS A 7  ? UNP Q921F2 ? ? 'expression tag' 186 7  
1 3D2W HIS A 8  ? UNP Q921F2 ? ? 'expression tag' 187 8  
1 3D2W HIS A 9  ? UNP Q921F2 ? ? 'expression tag' 188 9  
1 3D2W HIS A 10 ? UNP Q921F2 ? ? 'expression tag' 189 10 
1 3D2W GLY A 11 ? UNP Q921F2 ? ? 'expression tag' 190 11 
1 3D2W SER A 12 ? UNP Q921F2 ? ? 'expression tag' 191 12 
1 3D2W LYS A 87 ? UNP Q921F2 ? ? 'expression tag' 266 13 
1 3D2W LEU A 88 ? UNP Q921F2 ? ? 'expression tag' 267 14 
1 3D2W ASN A 89 ? UNP Q921F2 ? ? 'expression tag' 268 15 
# 
loop_
_chem_comp.id 
_chem_comp.type 
_chem_comp.mon_nstd_flag 
_chem_comp.name 
_chem_comp.pdbx_synonyms 
_chem_comp.formula 
_chem_comp.formula_weight 
ALA 'L-peptide linking' y ALANINE                              ? 'C3 H7 N O2'      89.093  
ARG 'L-peptide linking' y ARGININE                             ? 'C6 H15 N4 O2 1'  175.209 
ASN 'L-peptide linking' y ASPARAGINE                           ? 'C4 H8 N2 O3'     132.118 
ASP 'L-peptide linking' y 'ASPARTIC ACID'                      ? 'C4 H7 N O4'      133.103 
CYS 'L-peptide linking' y CYSTEINE                             ? 'C3 H7 N O2 S'    121.158 
DA  'DNA linking'       y "2'-DEOXYADENOSINE-5'-MONOPHOSPHATE" ? 'C10 H14 N5 O6 P' 331.222 
DC  'DNA linking'       y "2'-DEOXYCYTIDINE-5'-MONOPHOSPHATE"  ? 'C9 H14 N3 O7 P'  307.197 
DG  'DNA linking'       y "2'-DEOXYGUANOSINE-5'-MONOPHOSPHATE" ? 'C10 H14 N5 O7 P' 347.221 
DT  'DNA linking'       y "THYMIDINE-5'-MONOPHOSPHATE"         ? 'C10 H15 N2 O8 P' 322.208 
GLN 'L-peptide linking' y GLUTAMINE                            ? 'C5 H10 N2 O3'    146.144 
GLU 'L-peptide linking' y 'GLUTAMIC ACID'                      ? 'C5 H9 N O4'      147.129 
GLY 'peptide linking'   y GLYCINE                              ? 'C2 H5 N O2'      75.067  
HIS 'L-peptide linking' y HISTIDINE                            ? 'C6 H10 N3 O2 1'  156.162 
HOH non-polymer         . WATER                                ? 'H2 O'            18.015  
ILE 'L-peptide linking' y ISOLEUCINE                           ? 'C6 H13 N O2'     131.173 
LEU 'L-peptide linking' y LEUCINE                              ? 'C6 H13 N O2'     131.173 
LYS 'L-peptide linking' y LYSINE                               ? 'C6 H15 N2 O2 1'  147.195 
MET 'L-peptide linking' y METHIONINE                           ? 'C5 H11 N O2 S'   149.211 
PHE 'L-peptide linking' y PHENYLALANINE                        ? 'C9 H11 N O2'     165.189 
PO4 non-polymer         . 'PHOSPHATE ION'                      ? 'O4 P -3'         94.971  
PRO 'L-peptide linking' y PROLINE                              ? 'C5 H9 N O2'      115.130 
SER 'L-peptide linking' y SERINE                               ? 'C3 H7 N O3'      105.093 
THR 'L-peptide linking' y THREONINE                            ? 'C4 H9 N O3'      119.119 
TYR 'L-peptide linking' y TYROSINE                             ? 'C9 H11 N O3'     181.189 
VAL 'L-peptide linking' y VALINE                               ? 'C5 H11 N O2'     117.146 
# 
_exptl.entry_id          3D2W 
_exptl.method            'X-RAY DIFFRACTION' 
_exptl.crystals_number   1 
# 
_exptl_crystal.id                    1 
_exptl_crystal.density_meas          ? 
_exptl_crystal.density_Matthews      2.14 
_exptl_crystal.density_percent_sol   42.54 
_exptl_crystal.description           ? 
_exptl_crystal.F_000                 ? 
_exptl_crystal.preparation           ? 
# 
_exptl_crystal_grow.crystal_id      1 
_exptl_crystal_grow.method          'VAPOR DIFFUSION, HANGING DROP' 
_exptl_crystal_grow.temp            298 
_exptl_crystal_grow.temp_details    ? 
_exptl_crystal_grow.pH              4.2 
_exptl_crystal_grow.pdbx_details    
;Reservoir solution containing 2M (NH4)2SO4, 0.1M phosphate-citrate, the reservoir solution contained an addition of 10% glycerol, pH4.2, VAPOR DIFFUSION, HANGING DROP, temperature 298K
;
_exptl_crystal_grow.pdbx_pH_range   . 
# 
loop_
_exptl_crystal_grow_comp.crystal_id 
_exptl_crystal_grow_comp.id 
_exptl_crystal_grow_comp.sol_id 
_exptl_crystal_grow_comp.name 
_exptl_crystal_grow_comp.volume 
_exptl_crystal_grow_comp.conc 
_exptl_crystal_grow_comp.details 
1 1 1 '(NH4)2SO4'       ? ? ? 
1 2 1 phosphate-citrate ? ? ? 
1 3 1 glycerol          ? ? ? 
1 4 1 HOH               ? ? ? 
1 5 2 '(NH4)2SO4'       ? ? ? 
1 6 2 phosphate-citrate ? ? ? 
1 7 2 glycerol          ? ? ? 
1 8 2 HOH               ? ? ? 
# 
_diffrn.id                     1 
_diffrn.ambient_temp           123 
_diffrn.ambient_temp_details   ? 
_diffrn.crystal_id             1 
# 
_diffrn_detector.diffrn_id              1 
_diffrn_detector.detector               CCD 
_diffrn_detector.type                   'ADSC QUANTUM 210' 
_diffrn_detector.pdbx_collection_date   2008-01-23 
_diffrn_detector.details                ? 
# 
_diffrn_radiation.diffrn_id                        1 
_diffrn_radiation.wavelength_id                    1 
_diffrn_radiation.pdbx_monochromatic_or_laue_m_l   M 
_diffrn_radiation.monochromator                    'Si(111)' 
_diffrn_radiation.pdbx_diffrn_protocol             'SINGLE WAVELENGTH' 
_diffrn_radiation.pdbx_scattering_type             x-ray 
# 
_diffrn_radiation_wavelength.id           1 
_diffrn_radiation_wavelength.wavelength   1 
_diffrn_radiation_wavelength.wt           1.0 
# 
_diffrn_source.diffrn_id                   1 
_diffrn_source.source                      SYNCHROTRON 
_diffrn_source.type                        'NSRRC BEAMLINE BL13C1' 
_diffrn_source.pdbx_synchrotron_site       NSRRC 
_diffrn_source.pdbx_synchrotron_beamline   BL13C1 
_diffrn_source.pdbx_wavelength             ? 
_diffrn_source.pdbx_wavelength_list        1 
# 
_reflns.entry_id                     3D2W 
_reflns.observed_criterion_sigma_F   1.87 
_reflns.observed_criterion_sigma_I   0.0 
_reflns.d_resolution_high            1.65 
_reflns.d_resolution_low             25.46 
_reflns.number_all                   13674 
_reflns.number_obs                   13854 
_reflns.percent_possible_obs         98.7 
_reflns.pdbx_Rmerge_I_obs            0.058 
_reflns.pdbx_Rsym_value              0.058 
_reflns.pdbx_netI_over_sigmaI        14 
_reflns.B_iso_Wilson_estimate        28.2 
_reflns.pdbx_redundancy              4.7 
_reflns.R_free_details               ? 
_reflns.limit_h_max                  ? 
_reflns.limit_h_min                  ? 
_reflns.limit_k_max                  ? 
_reflns.limit_k_min                  ? 
_reflns.limit_l_max                  ? 
_reflns.limit_l_min                  ? 
_reflns.observed_criterion_F_max     ? 
_reflns.observed_criterion_F_min     ? 
_reflns.pdbx_chi_squared             ? 
_reflns.pdbx_scaling_rejects         ? 
_reflns.pdbx_diffrn_id               1 
_reflns.pdbx_ordinal                 1 
# 
_reflns_shell.d_res_high             1.65 
_reflns_shell.d_res_low              1.71 
_reflns_shell.percent_possible_all   97.0 
_reflns_shell.Rmerge_I_obs           0.32 
_reflns_shell.pdbx_Rsym_value        0.32 
_reflns_shell.meanI_over_sigI_obs    3.51 
_reflns_shell.pdbx_redundancy        4.5 
_reflns_shell.percent_possible_obs   ? 
_reflns_shell.number_unique_all      1310 
_reflns_shell.number_measured_all    ? 
_reflns_shell.number_measured_obs    ? 
_reflns_shell.number_unique_obs      ? 
_reflns_shell.pdbx_chi_squared       ? 
_reflns_shell.pdbx_diffrn_id         ? 
_reflns_shell.pdbx_ordinal           1 
# 
_refine.entry_id                                 3D2W 
_refine.ls_number_reflns_obs                     12633 
_refine.ls_number_reflns_all                     12633 
_refine.pdbx_ls_sigma_I                          0 
_refine.pdbx_ls_sigma_F                          0 
_refine.pdbx_data_cutoff_high_absF               ? 
_refine.pdbx_data_cutoff_low_absF                ? 
_refine.pdbx_data_cutoff_high_rms_absF           ? 
_refine.ls_d_res_low                             25.46 
_refine.ls_d_res_high                            1.65 
_refine.ls_percent_reflns_obs                    98.74 
_refine.ls_R_factor_obs                          0.21031 
_refine.ls_R_factor_all                          ? 
_refine.ls_R_factor_R_work                       0.20728 
_refine.ls_R_factor_R_free                       0.24515 
_refine.ls_R_factor_R_free_error                 ? 
_refine.ls_R_factor_R_free_error_details         ? 
_refine.ls_percent_reflns_R_free                 7.6 
_refine.ls_number_reflns_R_free                  1041 
_refine.ls_number_parameters                     ? 
_refine.ls_number_restraints                     ? 
_refine.occupancy_min                            ? 
_refine.occupancy_max                            ? 
_refine.correlation_coeff_Fo_to_Fc               0.949 
_refine.correlation_coeff_Fo_to_Fc_free          0.931 
_refine.B_iso_mean                               23.140 
_refine.aniso_B[1][1]                            -0.04 
_refine.aniso_B[2][2]                            -0.03 
_refine.aniso_B[3][3]                            0.07 
_refine.aniso_B[1][2]                            0.00 
_refine.aniso_B[1][3]                            0.00 
_refine.aniso_B[2][3]                            0.00 
_refine.solvent_model_details                    MASK 
_refine.solvent_model_param_ksol                 ? 
_refine.solvent_model_param_bsol                 ? 
_refine.pdbx_solvent_vdw_probe_radii             1.20 
_refine.pdbx_solvent_ion_probe_radii             0.80 
_refine.pdbx_solvent_shrinkage_radii             0.80 
_refine.pdbx_ls_cross_valid_method               THROUGHOUT 
_refine.details                                  'HYDROGENS HAVE BEEN ADDED IN THE RIDING POSITIONS' 
_refine.pdbx_starting_model                      'PDB ENTRY 1WF0' 
_refine.pdbx_method_to_determine_struct          'MOLECULAR REPLACEMENT' 
_refine.pdbx_isotropic_thermal_model             ? 
_refine.pdbx_stereochemistry_target_values       'MAXIMUM LIKELIHOOD' 
_refine.pdbx_stereochem_target_val_spec_case     ? 
_refine.pdbx_R_Free_selection_details            RANDOM 
_refine.pdbx_overall_ESU_R                       0.109 
_refine.pdbx_overall_ESU_R_Free                  0.109 
_refine.overall_SU_ML                            0.067 
_refine.overall_SU_B                             1.912 
_refine.ls_redundancy_reflns_obs                 ? 
_refine.B_iso_min                                ? 
_refine.B_iso_max                                ? 
_refine.overall_SU_R_Cruickshank_DPI             ? 
_refine.overall_SU_R_free                        ? 
_refine.ls_wR_factor_R_free                      ? 
_refine.ls_wR_factor_R_work                      ? 
_refine.overall_FOM_free_R_set                   ? 
_refine.overall_FOM_work_R_set                   ? 
_refine.pdbx_overall_phase_error                 ? 
_refine.pdbx_refine_id                           'X-RAY DIFFRACTION' 
_refine.pdbx_diffrn_id                           1 
_refine.pdbx_TLS_residual_ADP_flag               ? 
_refine.pdbx_overall_SU_R_free_Cruickshank_DPI   ? 
_refine.pdbx_overall_SU_R_Blow_DPI               ? 
_refine.pdbx_overall_SU_R_free_Blow_DPI          ? 
# 
_refine_analyze.entry_id                        3D2W 
_refine_analyze.Luzzati_coordinate_error_obs    0.201 
_refine_analyze.Luzzati_sigma_a_obs             ? 
_refine_analyze.Luzzati_d_res_low_obs           ? 
_refine_analyze.Luzzati_coordinate_error_free   ? 
_refine_analyze.Luzzati_sigma_a_free            ? 
_refine_analyze.Luzzati_d_res_low_free          ? 
_refine_analyze.number_disordered_residues      ? 
_refine_analyze.occupancy_sum_non_hydrogen      ? 
_refine_analyze.occupancy_sum_hydrogen          ? 
_refine_analyze.pdbx_Luzzati_d_res_high_obs     ? 
_refine_analyze.pdbx_refine_id                  'X-RAY DIFFRACTION' 
# 
_refine_hist.pdbx_refine_id                   'X-RAY DIFFRACTION' 
_refine_hist.cycle_id                         LAST 
_refine_hist.pdbx_number_atoms_protein        561 
_refine_hist.pdbx_number_atoms_nucleic_acid   186 
_refine_hist.pdbx_number_atoms_ligand         5 
_refine_hist.number_atoms_solvent             116 
_refine_hist.number_atoms_total               868 
_refine_hist.d_res_high                       1.65 
_refine_hist.d_res_low                        25.46 
# 
loop_
_refine_ls_restr.type 
_refine_ls_restr.dev_ideal 
_refine_ls_restr.dev_ideal_target 
_refine_ls_restr.weight 
_refine_ls_restr.number 
_refine_ls_restr.pdbx_refine_id 
_refine_ls_restr.pdbx_restraint_function 
r_bond_refined_d             0.009  0.022  ? 783  'X-RAY DIFFRACTION' ? 
r_bond_other_d               ?      ?      ? ?    'X-RAY DIFFRACTION' ? 
r_angle_refined_deg          1.257  2.253  ? 1095 'X-RAY DIFFRACTION' ? 
r_angle_other_deg            ?      ?      ? ?    'X-RAY DIFFRACTION' ? 
r_dihedral_angle_1_deg       4.855  5.000  ? 71   'X-RAY DIFFRACTION' ? 
r_dihedral_angle_2_deg       37.762 25.000 ? 28   'X-RAY DIFFRACTION' ? 
r_dihedral_angle_3_deg       14.735 15.000 ? 95   'X-RAY DIFFRACTION' ? 
r_dihedral_angle_4_deg       21.406 15.000 ? 2    'X-RAY DIFFRACTION' ? 
r_chiral_restr               0.076  0.200  ? 122  'X-RAY DIFFRACTION' ? 
r_gen_planes_refined         0.005  0.020  ? 528  'X-RAY DIFFRACTION' ? 
r_gen_planes_other           ?      ?      ? ?    'X-RAY DIFFRACTION' ? 
r_nbd_refined                0.187  0.200  ? 331  'X-RAY DIFFRACTION' ? 
r_nbd_other                  ?      ?      ? ?    'X-RAY DIFFRACTION' ? 
r_nbtor_refined              0.309  0.200  ? 517  'X-RAY DIFFRACTION' ? 
r_nbtor_other                ?      ?      ? ?    'X-RAY DIFFRACTION' ? 
r_xyhbond_nbd_refined        0.132  0.200  ? 69   'X-RAY DIFFRACTION' ? 
r_xyhbond_nbd_other          ?      ?      ? ?    'X-RAY DIFFRACTION' ? 
r_metal_ion_refined          ?      ?      ? ?    'X-RAY DIFFRACTION' ? 
r_metal_ion_other            ?      ?      ? ?    'X-RAY DIFFRACTION' ? 
r_symmetry_vdw_refined       0.183  0.200  ? 65   'X-RAY DIFFRACTION' ? 
r_symmetry_vdw_other         ?      ?      ? ?    'X-RAY DIFFRACTION' ? 
r_symmetry_hbond_refined     0.152  0.200  ? 39   'X-RAY DIFFRACTION' ? 
r_symmetry_hbond_other       ?      ?      ? ?    'X-RAY DIFFRACTION' ? 
r_symmetry_metal_ion_refined ?      ?      ? ?    'X-RAY DIFFRACTION' ? 
r_symmetry_metal_ion_other   ?      ?      ? ?    'X-RAY DIFFRACTION' ? 
r_mcbond_it                  0.839  1.500  ? 363  'X-RAY DIFFRACTION' ? 
r_mcbond_other               ?      ?      ? ?    'X-RAY DIFFRACTION' ? 
r_mcangle_it                 1.484  2.000  ? 574  'X-RAY DIFFRACTION' ? 
r_scbond_it                  1.676  3.000  ? 527  'X-RAY DIFFRACTION' ? 
r_scangle_it                 2.567  4.500  ? 521  'X-RAY DIFFRACTION' ? 
r_rigid_bond_restr           ?      ?      ? ?    'X-RAY DIFFRACTION' ? 
r_sphericity_free            ?      ?      ? ?    'X-RAY DIFFRACTION' ? 
r_sphericity_bonded          ?      ?      ? ?    'X-RAY DIFFRACTION' ? 
# 
_refine_ls_shell.pdbx_total_number_of_bins_used   20 
_refine_ls_shell.d_res_high                       1.651 
_refine_ls_shell.d_res_low                        1.694 
_refine_ls_shell.number_reflns_R_work             892 
_refine_ls_shell.R_factor_R_work                  0.247 
_refine_ls_shell.percent_reflns_obs               95.99 
_refine_ls_shell.R_factor_R_free                  0.297 
_refine_ls_shell.R_factor_R_free_error            0.11 
_refine_ls_shell.percent_reflns_R_free            ? 
_refine_ls_shell.number_reflns_R_free             66 
_refine_ls_shell.number_reflns_all                ? 
_refine_ls_shell.R_factor_all                     ? 
_refine_ls_shell.number_reflns_obs                892 
_refine_ls_shell.redundancy_reflns_obs            ? 
_refine_ls_shell.pdbx_refine_id                   'X-RAY DIFFRACTION' 
# 
_struct.entry_id                  3D2W 
_struct.title                     'Crystal structure of mouse TDP-43 RRM2 domain in complex with DNA' 
_struct.pdbx_model_details        ? 
_struct.pdbx_CASP_flag            ? 
_struct.pdbx_model_type_details   ? 
# 
_struct_keywords.entry_id        3D2W 
_struct_keywords.pdbx_keywords   'DNA/RNA BINDING PROTEIN' 
_struct_keywords.text            
'DP-43 proteinopathy, TDP-43 inclusions, RNA recognition motif, FTLD-U, ALS, RRM, DNA-RNA BINDING PROTEIN COMPLEX' 
# 
loop_
_struct_asym.id 
_struct_asym.pdbx_blank_PDB_chainid_flag 
_struct_asym.pdbx_modified 
_struct_asym.entity_id 
_struct_asym.details 
A N N 1 ? 
B N N 2 ? 
C N N 3 ? 
D N N 4 ? 
E N N 4 ? 
# 
_struct_biol.id        1 
_struct_biol.details   ? 
# 
loop_
_struct_conf.conf_type_id 
_struct_conf.id 
_struct_conf.pdbx_PDB_helix_id 
_struct_conf.beg_label_comp_id 
_struct_conf.beg_label_asym_id 
_struct_conf.beg_label_seq_id 
_struct_conf.pdbx_beg_PDB_ins_code 
_struct_conf.end_label_comp_id 
_struct_conf.end_label_asym_id 
_struct_conf.end_label_seq_id 
_struct_conf.pdbx_end_PDB_ins_code 
_struct_conf.beg_auth_comp_id 
_struct_conf.beg_auth_asym_id 
_struct_conf.beg_auth_seq_id 
_struct_conf.end_auth_comp_id 
_struct_conf.end_auth_asym_id 
_struct_conf.end_auth_seq_id 
_struct_conf.pdbx_PDB_helix_class 
_struct_conf.details 
_struct_conf.pdbx_PDB_helix_length 
HELX_P HELX_P1 1 THR A 24 ? CYS A 33 ? THR A 203 CYS A 212 1 ? 10 
HELX_P HELX_P2 2 ASP A 57 ? CYS A 65 ? ASP A 236 CYS A 244 1 ? 9  
# 
_struct_conf_type.id          HELX_P 
_struct_conf_type.criteria    ? 
_struct_conf_type.reference   ? 
# 
loop_
_struct_conn.id 
_struct_conn.conn_type_id 
_struct_conn.pdbx_leaving_atom_flag 
_struct_conn.pdbx_PDB_id 
_struct_conn.ptnr1_label_asym_id 
_struct_conn.ptnr1_label_comp_id 
_struct_conn.ptnr1_label_seq_id 
_struct_conn.ptnr1_label_atom_id 
_struct_conn.pdbx_ptnr1_label_alt_id 
_struct_conn.pdbx_ptnr1_PDB_ins_code 
_struct_conn.pdbx_ptnr1_standard_comp_id 
_struct_conn.ptnr1_symmetry 
_struct_conn.ptnr2_label_asym_id 
_struct_conn.ptnr2_label_comp_id 
_struct_conn.ptnr2_label_seq_id 
_struct_conn.ptnr2_label_atom_id 
_struct_conn.pdbx_ptnr2_label_alt_id 
_struct_conn.pdbx_ptnr2_PDB_ins_code 
_struct_conn.ptnr1_auth_asym_id 
_struct_conn.ptnr1_auth_comp_id 
_struct_conn.ptnr1_auth_seq_id 
_struct_conn.ptnr2_auth_asym_id 
_struct_conn.ptnr2_auth_comp_id 
_struct_conn.ptnr2_auth_seq_id 
_struct_conn.ptnr2_symmetry 
_struct_conn.pdbx_ptnr3_label_atom_id 
_struct_conn.pdbx_ptnr3_label_seq_id 
_struct_conn.pdbx_ptnr3_label_comp_id 
_struct_conn.pdbx_ptnr3_label_asym_id 
_struct_conn.pdbx_ptnr3_label_alt_id 
_struct_conn.pdbx_ptnr3_PDB_ins_code 
_struct_conn.details 
_struct_conn.pdbx_dist_value 
_struct_conn.pdbx_value_order 
_struct_conn.pdbx_role 
hydrog1  hydrog ? ? B DA 5 N6 ? ? ? 1_555 B DG 8 N3 ? ? B DA 5 B DG 8 3_655 ? ? ? ? ? ? TYPE_11_PAIR ? ? ? 
hydrog2  hydrog ? ? B DA 5 N7 ? ? ? 1_555 B DG 8 N2 ? ? B DA 5 B DG 8 3_655 ? ? ? ? ? ? TYPE_11_PAIR ? ? ? 
hydrog3  hydrog ? ? B DG 6 N1 ? ? ? 1_555 B DC 7 N3 ? ? B DG 6 B DC 7 3_655 ? ? ? ? ? ? WATSON-CRICK ? ? ? 
hydrog4  hydrog ? ? B DG 6 N2 ? ? ? 1_555 B DC 7 O2 ? ? B DG 6 B DC 7 3_655 ? ? ? ? ? ? WATSON-CRICK ? ? ? 
hydrog5  hydrog ? ? B DG 6 O6 ? ? ? 1_555 B DC 7 N4 ? ? B DG 6 B DC 7 3_655 ? ? ? ? ? ? WATSON-CRICK ? ? ? 
hydrog6  hydrog ? ? B DC 7 N3 ? ? ? 1_555 B DG 6 N1 ? ? B DC 7 B DG 6 3_655 ? ? ? ? ? ? WATSON-CRICK ? ? ? 
hydrog7  hydrog ? ? B DC 7 N4 ? ? ? 1_555 B DG 6 O6 ? ? B DC 7 B DG 6 3_655 ? ? ? ? ? ? WATSON-CRICK ? ? ? 
hydrog8  hydrog ? ? B DC 7 O2 ? ? ? 1_555 B DG 6 N2 ? ? B DC 7 B DG 6 3_655 ? ? ? ? ? ? WATSON-CRICK ? ? ? 
hydrog9  hydrog ? ? B DG 8 N2 ? ? ? 1_555 B DA 5 N7 ? ? B DG 8 B DA 5 3_655 ? ? ? ? ? ? TYPE_11_PAIR ? ? ? 
hydrog10 hydrog ? ? B DG 8 N3 ? ? ? 1_555 B DA 5 N6 ? ? B DG 8 B DA 5 3_655 ? ? ? ? ? ? TYPE_11_PAIR ? ? ? 
# 
_struct_conn_type.id          hydrog 
_struct_conn_type.criteria    ? 
_struct_conn_type.reference   ? 
# 
_struct_mon_prot_cis.pdbx_id                1 
_struct_mon_prot_cis.label_comp_id          LYS 
_struct_mon_prot_cis.label_seq_id           45 
_struct_mon_prot_cis.label_asym_id          A 
_struct_mon_prot_cis.label_alt_id           . 
_struct_mon_prot_cis.pdbx_PDB_ins_code      ? 
_struct_mon_prot_cis.auth_comp_id           LYS 
_struct_mon_prot_cis.auth_seq_id            224 
_struct_mon_prot_cis.auth_asym_id           A 
_struct_mon_prot_cis.pdbx_label_comp_id_2   PRO 
_struct_mon_prot_cis.pdbx_label_seq_id_2    46 
_struct_mon_prot_cis.pdbx_label_asym_id_2   A 
_struct_mon_prot_cis.pdbx_PDB_ins_code_2    ? 
_struct_mon_prot_cis.pdbx_auth_comp_id_2    PRO 
_struct_mon_prot_cis.pdbx_auth_seq_id_2     225 
_struct_mon_prot_cis.pdbx_auth_asym_id_2    A 
_struct_mon_prot_cis.pdbx_PDB_model_num     1 
_struct_mon_prot_cis.pdbx_omega_angle       1.60 
# 
_struct_sheet.id               A 
_struct_sheet.type             ? 
_struct_sheet.number_strands   5 
_struct_sheet.details          ? 
# 
loop_
_struct_sheet_order.sheet_id 
_struct_sheet_order.range_id_1 
_struct_sheet_order.range_id_2 
_struct_sheet_order.offset 
_struct_sheet_order.sense 
A 1 2 ? anti-parallel 
A 2 3 ? anti-parallel 
A 3 4 ? anti-parallel 
A 4 5 ? anti-parallel 
# 
loop_
_struct_sheet_range.sheet_id 
_struct_sheet_range.id 
_struct_sheet_range.beg_label_comp_id 
_struct_sheet_range.beg_label_asym_id 
_struct_sheet_range.beg_label_seq_id 
_struct_sheet_range.pdbx_beg_PDB_ins_code 
_struct_sheet_range.end_label_comp_id 
_struct_sheet_range.end_label_asym_id 
_struct_sheet_range.end_label_seq_id 
_struct_sheet_range.pdbx_end_PDB_ins_code 
_struct_sheet_range.beg_auth_comp_id 
_struct_sheet_range.beg_auth_asym_id 
_struct_sheet_range.beg_auth_seq_id 
_struct_sheet_range.end_auth_comp_id 
_struct_sheet_range.end_auth_asym_id 
_struct_sheet_range.end_auth_seq_id 
A 1 VAL A 38 ? PHE A 42 ? VAL A 217 PHE A 221 
A 2 PHE A 50 ? PHE A 55 ? PHE A 229 PHE A 234 
A 3 LYS A 13 ? GLY A 17 ? LYS A 192 GLY A 196 
A 4 ILE A 74 ? ASN A 80 ? ILE A 253 ASN A 259 
A 5 ASP A 68 ? ILE A 71 ? ASP A 247 ILE A 250 
# 
loop_
_pdbx_struct_sheet_hbond.sheet_id 
_pdbx_struct_sheet_hbond.range_id_1 
_pdbx_struct_sheet_hbond.range_id_2 
_pdbx_struct_sheet_hbond.range_1_label_atom_id 
_pdbx_struct_sheet_hbond.range_1_label_comp_id 
_pdbx_struct_sheet_hbond.range_1_label_asym_id 
_pdbx_struct_sheet_hbond.range_1_label_seq_id 
_pdbx_struct_sheet_hbond.range_1_PDB_ins_code 
_pdbx_struct_sheet_hbond.range_1_auth_atom_id 
_pdbx_struct_sheet_hbond.range_1_auth_comp_id 
_pdbx_struct_sheet_hbond.range_1_auth_asym_id 
_pdbx_struct_sheet_hbond.range_1_auth_seq_id 
_pdbx_struct_sheet_hbond.range_2_label_atom_id 
_pdbx_struct_sheet_hbond.range_2_label_comp_id 
_pdbx_struct_sheet_hbond.range_2_label_asym_id 
_pdbx_struct_sheet_hbond.range_2_label_seq_id 
_pdbx_struct_sheet_hbond.range_2_PDB_ins_code 
_pdbx_struct_sheet_hbond.range_2_auth_atom_id 
_pdbx_struct_sheet_hbond.range_2_auth_comp_id 
_pdbx_struct_sheet_hbond.range_2_auth_asym_id 
_pdbx_struct_sheet_hbond.range_2_auth_seq_id 
A 1 2 N VAL A 39 ? N VAL A 218 O THR A 54 ? O THR A 233 
A 2 3 O ALA A 51 ? O ALA A 230 N VAL A 16 ? N VAL A 195 
A 3 4 N PHE A 15 ? N PHE A 194 O SER A 79 ? O SER A 258 
A 4 5 O VAL A 76 ? O VAL A 255 N LEU A 69 ? N LEU A 248 
# 
_struct_site.id                   AC1 
_struct_site.pdbx_evidence_code   Software 
_struct_site.pdbx_auth_asym_id    B 
_struct_site.pdbx_auth_comp_id    PO4 
_struct_site.pdbx_auth_seq_id     11 
_struct_site.pdbx_auth_ins_code   ? 
_struct_site.pdbx_num_residues    7 
_struct_site.details              'BINDING SITE FOR RESIDUE PO4 B 11' 
# 
loop_
_struct_site_gen.id 
_struct_site_gen.site_id 
_struct_site_gen.pdbx_num_res 
_struct_site_gen.label_comp_id 
_struct_site_gen.label_asym_id 
_struct_site_gen.label_seq_id 
_struct_site_gen.pdbx_auth_ins_code 
_struct_site_gen.auth_comp_id 
_struct_site_gen.auth_asym_id 
_struct_site_gen.auth_seq_id 
_struct_site_gen.label_atom_id 
_struct_site_gen.label_alt_id 
_struct_site_gen.symmetry 
_struct_site_gen.details 
1 AC1 7 GLY A 66 ? GLY A 245 . ? 14_555 ? 
2 AC1 7 HIS A 77 ? HIS A 256 . ? 14_555 ? 
3 AC1 7 SER A 79 ? SER A 258 . ? 14_555 ? 
4 AC1 7 DT  B 2  ? DT  B 2   . ? 1_555  ? 
5 AC1 7 HOH E .  ? HOH B 93  . ? 1_555  ? 
6 AC1 7 HOH E .  ? HOH B 94  . ? 14_555 ? 
7 AC1 7 HOH E .  ? HOH B 94  . ? 1_555  ? 
# 
_atom_sites.entry_id                    3D2W 
_atom_sites.fract_transf_matrix[1][1]   -0.02154481 
_atom_sites.fract_transf_matrix[1][2]   -0.00220372 
_atom_sites.fract_transf_matrix[1][3]   -0.01084983 
_atom_sites.fract_transf_matrix[2][1]   0.00052297 
_atom_sites.fract_transf_matrix[2][2]   0.01096806 
_atom_sites.fract_transf_matrix[2][3]   -0.00326621 
_atom_sites.fract_transf_matrix[3][1]   0.00362819 
_atom_sites.fract_transf_matrix[3][2]   -0.00218624 
_atom_sites.fract_transf_matrix[3][3]   -0.00676055 
_atom_sites.fract_transf_vector[1]      0.427342 
_atom_sites.fract_transf_vector[2]      0.126781 
_atom_sites.fract_transf_vector[3]      0.181860 
# 
loop_
_atom_type.symbol 
C 
N 
O 
P 
S 
# 
loop_
_atom_site.group_PDB 
_atom_site.id 
_atom_site.type_symbol 
_atom_site.label_atom_id 
_atom_site.label_alt_id 
_atom_site.label_comp_id 
_atom_site.label_asym_id 
_atom_site.label_entity_id 
_atom_site.label_seq_id 
_atom_site.pdbx_PDB_ins_code 
_atom_site.Cartn_x 
_atom_site.Cartn_y 
_atom_site.Cartn_z 
_atom_site.occupancy 
_atom_site.B_iso_or_equiv 
_atom_site.pdbx_formal_charge 
_atom_site.auth_seq_id 
_atom_site.auth_comp_id 
_atom_site.auth_asym_id 
_atom_site.auth_atom_id 
_atom_site.pdbx_PDB_model_num 
ATOM   1   N N     . GLY A 1 11 ? 4.288   -0.009  14.349  1.00 29.19 ? 190 GLY A N     1 
ATOM   2   C CA    . GLY A 1 11 ? 3.891   0.722   13.116  1.00 27.95 ? 190 GLY A CA    1 
ATOM   3   C C     . GLY A 1 11 ? 3.993   -0.173  11.896  1.00 27.05 ? 190 GLY A C     1 
ATOM   4   O O     . GLY A 1 11 ? 4.995   -0.152  11.172  1.00 28.12 ? 190 GLY A O     1 
ATOM   5   N N     . SER A 1 12 ? 2.957   -0.971  11.656  1.00 25.51 ? 191 SER A N     1 
ATOM   6   C CA    . SER A 1 12 ? 3.009   -1.926  10.554  1.00 23.73 ? 191 SER A CA    1 
ATOM   7   C C     . SER A 1 12 ? 2.050   -1.566  9.421   1.00 22.25 ? 191 SER A C     1 
ATOM   8   O O     . SER A 1 12 ? 1.745   -2.401  8.579   1.00 21.41 ? 191 SER A O     1 
ATOM   9   C CB    . SER A 1 12 ? 2.763   -3.351  11.042  1.00 24.05 ? 191 SER A CB    1 
ATOM   10  O OG    . SER A 1 12 ? 1.419   -3.531  11.416  1.00 26.86 ? 191 SER A OG    1 
ATOM   11  N N     . LYS A 1 13 ? 1.596   -0.319  9.411   1.00 20.59 ? 192 LYS A N     1 
ATOM   12  C CA    . LYS A 1 13 ? 0.716   0.170   8.348   1.00 19.36 ? 192 LYS A CA    1 
ATOM   13  C C     . LYS A 1 13 ? 1.424   1.225   7.521   1.00 18.53 ? 192 LYS A C     1 
ATOM   14  O O     . LYS A 1 13 ? 2.083   2.117   8.065   1.00 17.66 ? 192 LYS A O     1 
ATOM   15  C CB    . LYS A 1 13 ? -0.570  0.747   8.936   1.00 19.96 ? 192 LYS A CB    1 
ATOM   16  C CG    . LYS A 1 13 ? -1.668  0.988   7.887   1.00 21.27 ? 192 LYS A CG    1 
ATOM   17  C CD    . LYS A 1 13 ? -2.851  1.742   8.444   1.00 26.30 ? 192 LYS A CD    1 
ATOM   18  C CE    . LYS A 1 13 ? -3.851  0.831   9.114   1.00 28.08 ? 192 LYS A CE    1 
ATOM   19  N NZ    . LYS A 1 13 ? -5.148  1.538   9.308   1.00 28.55 ? 192 LYS A NZ    1 
ATOM   20  N N     . VAL A 1 14 ? 1.311   1.109   6.200   1.00 16.39 ? 193 VAL A N     1 
ATOM   21  C CA    . VAL A 1 14 ? 1.868   2.136   5.316   1.00 15.66 ? 193 VAL A CA    1 
ATOM   22  C C     . VAL A 1 14 ? 0.763   2.868   4.565   1.00 14.68 ? 193 VAL A C     1 
ATOM   23  O O     . VAL A 1 14 ? -0.304  2.302   4.296   1.00 14.45 ? 193 VAL A O     1 
ATOM   24  C CB    . VAL A 1 14 ? 2.890   1.556   4.285   1.00 15.73 ? 193 VAL A CB    1 
ATOM   25  C CG1   . VAL A 1 14 ? 4.047   0.863   4.986   1.00 16.79 ? 193 VAL A CG1   1 
ATOM   26  C CG2   . VAL A 1 14 ? 2.220   0.604   3.289   1.00 17.43 ? 193 VAL A CG2   1 
ATOM   27  N N     . PHE A 1 15 ? 1.046   4.121   4.239   1.00 13.13 ? 194 PHE A N     1 
ATOM   28  C CA    . PHE A 1 15 ? 0.225   4.938   3.355   1.00 13.20 ? 194 PHE A CA    1 
ATOM   29  C C     . PHE A 1 15 ? 0.763   4.773   1.938   1.00 12.90 ? 194 PHE A C     1 
ATOM   30  O O     . PHE A 1 15 ? 1.967   4.782   1.715   1.00 13.25 ? 194 PHE A O     1 
ATOM   31  C CB    . PHE A 1 15 ? 0.303   6.386   3.820   1.00 13.03 ? 194 PHE A CB    1 
ATOM   32  C CG    . PHE A 1 15 ? -0.268  7.389   2.861   1.00 13.30 ? 194 PHE A CG    1 
ATOM   33  C CD1   . PHE A 1 15 ? -1.592  7.796   2.977   1.00 13.65 ? 194 PHE A CD1   1 
ATOM   34  C CD2   . PHE A 1 15 ? 0.533   7.983   1.882   1.00 12.70 ? 194 PHE A CD2   1 
ATOM   35  C CE1   . PHE A 1 15 ? -2.123  8.760   2.130   1.00 13.18 ? 194 PHE A CE1   1 
ATOM   36  C CE2   . PHE A 1 15 ? 0.002   8.952   1.010   1.00 13.67 ? 194 PHE A CE2   1 
ATOM   37  C CZ    . PHE A 1 15 ? -1.330  9.343   1.146   1.00 14.46 ? 194 PHE A CZ    1 
ATOM   38  N N     . VAL A 1 16 ? -0.147  4.608   0.985   1.00 12.42 ? 195 VAL A N     1 
ATOM   39  C CA    . VAL A 1 16 ? 0.236   4.394   -0.412  1.00 12.02 ? 195 VAL A CA    1 
ATOM   40  C C     . VAL A 1 16 ? -0.342  5.528   -1.240  1.00 12.25 ? 195 VAL A C     1 
ATOM   41  O O     . VAL A 1 16 ? -1.550  5.604   -1.416  1.00 13.38 ? 195 VAL A O     1 
ATOM   42  C CB    . VAL A 1 16 ? -0.286  3.058   -0.926  1.00 11.32 ? 195 VAL A CB    1 
ATOM   43  C CG1   . VAL A 1 16 ? 0.220   2.827   -2.375  1.00 11.91 ? 195 VAL A CG1   1 
ATOM   44  C CG2   . VAL A 1 16 ? 0.177   1.907   -0.013  1.00 12.60 ? 195 VAL A CG2   1 
ATOM   45  N N     . GLY A 1 17 ? 0.510   6.433   -1.710  1.00 12.18 ? 196 GLY A N     1 
ATOM   46  C CA    . GLY A 1 17 ? 0.030   7.628   -2.392  1.00 11.42 ? 196 GLY A CA    1 
ATOM   47  C C     . GLY A 1 17 ? 0.081   7.468   -3.899  1.00 11.77 ? 196 GLY A C     1 
ATOM   48  O O     . GLY A 1 17 ? 0.869   6.692   -4.391  1.00 12.06 ? 196 GLY A O     1 
ATOM   49  N N     . ARG A 1 18 ? -0.772  8.208   -4.619  1.00 12.06 ? 197 ARG A N     1 
ATOM   50  C CA    . ARG A 1 18 ? -0.862  8.157   -6.085  1.00 11.98 ? 197 ARG A CA    1 
ATOM   51  C C     . ARG A 1 18 ? -1.479  6.872   -6.621  1.00 12.18 ? 197 ARG A C     1 
ATOM   52  O O     . ARG A 1 18 ? -1.154  6.428   -7.738  1.00 12.66 ? 197 ARG A O     1 
ATOM   53  C CB    . ARG A 1 18 ? 0.494   8.452   -6.767  1.00 11.66 ? 197 ARG A CB    1 
ATOM   54  C CG    . ARG A 1 18 ? 1.176   9.727   -6.271  1.00 10.75 ? 197 ARG A CG    1 
ATOM   55  C CD    . ARG A 1 18 ? 2.413   10.085  -7.086  1.00 12.38 ? 197 ARG A CD    1 
ATOM   56  N NE    . ARG A 1 18 ? 3.460   9.067   -7.034  1.00 10.89 ? 197 ARG A NE    1 
ATOM   57  C CZ    . ARG A 1 18 ? 4.641   9.189   -6.421  1.00 12.31 ? 197 ARG A CZ    1 
ATOM   58  N NH1   . ARG A 1 18 ? 4.969   10.289  -5.739  1.00 12.10 ? 197 ARG A NH1   1 
ATOM   59  N NH2   . ARG A 1 18 ? 5.512   8.186   -6.501  1.00 13.41 ? 197 ARG A NH2   1 
ATOM   60  N N     . CYS A 1 19 ? -2.374  6.266   -5.834  1.00 12.13 ? 198 CYS A N     1 
ATOM   61  C CA    . CYS A 1 19 ? -3.171  5.148   -6.339  1.00 13.06 ? 198 CYS A CA    1 
ATOM   62  C C     . CYS A 1 19 ? -4.082  5.646   -7.453  1.00 12.69 ? 198 CYS A C     1 
ATOM   63  O O     . CYS A 1 19 ? -4.399  6.833   -7.520  1.00 14.03 ? 198 CYS A O     1 
ATOM   64  C CB    . CYS A 1 19 ? -4.006  4.534   -5.214  1.00 13.14 ? 198 CYS A CB    1 
ATOM   65  S SG    . CYS A 1 19 ? -2.996  3.627   -4.026  1.00 14.47 ? 198 CYS A SG    1 
ATOM   66  N N     . THR A 1 20 ? -4.452  4.742   -8.345  1.00 13.85 ? 199 THR A N     1 
ATOM   67  C CA    . THR A 1 20 ? -5.424  5.067   -9.383  1.00 14.79 ? 199 THR A CA    1 
ATOM   68  C C     . THR A 1 20 ? -6.721  4.343   -9.056  1.00 15.76 ? 199 THR A C     1 
ATOM   69  O O     . THR A 1 20 ? -6.724  3.392   -8.279  1.00 16.35 ? 199 THR A O     1 
ATOM   70  C CB    . THR A 1 20 ? -4.924  4.660   -10.774 1.00 14.80 ? 199 THR A CB    1 
ATOM   71  O OG1   . THR A 1 20 ? -4.617  3.261   -10.766 1.00 15.54 ? 199 THR A OG1   1 
ATOM   72  C CG2   . THR A 1 20 ? -3.695  5.469   -11.161 1.00 15.26 ? 199 THR A CG2   1 
ATOM   73  N N     . GLU A 1 21 ? -7.815  4.773   -9.678  1.00 16.82 ? 200 GLU A N     1 
ATOM   74  C CA    . GLU A 1 21 ? -9.130  4.241   -9.322  1.00 18.91 ? 200 GLU A CA    1 
ATOM   75  C C     . GLU A 1 21 ? -9.324  2.757   -9.604  1.00 18.94 ? 200 GLU A C     1 
ATOM   76  O O     . GLU A 1 21 ? -10.092 2.082   -8.900  1.00 19.54 ? 200 GLU A O     1 
ATOM   77  C CB    . GLU A 1 21 ? -10.251 5.057   -9.960  1.00 19.32 ? 200 GLU A CB    1 
ATOM   78  C CG    . GLU A 1 21 ? -11.650 4.573   -9.529  1.00 23.55 ? 200 GLU A CG    1 
ATOM   79  C CD    . GLU A 1 21 ? -12.671 5.670   -9.469  1.00 27.26 ? 200 GLU A CD    1 
ATOM   80  O OE1   . GLU A 1 21 ? -12.343 6.801   -9.883  1.00 28.70 ? 200 GLU A OE1   1 
ATOM   81  O OE2   . GLU A 1 21 ? -13.804 5.404   -8.986  1.00 29.87 ? 200 GLU A OE2   1 
ATOM   82  N N     . ASP A 1 22 ? -8.640  2.248   -10.627 1.00 19.40 ? 201 ASP A N     1 
ATOM   83  C CA    . ASP A 1 22 ? -8.747  0.838   -10.989 1.00 19.88 ? 201 ASP A CA    1 
ATOM   84  C C     . ASP A 1 22 ? -8.010  -0.101  -10.039 1.00 19.53 ? 201 ASP A C     1 
ATOM   85  O O     . ASP A 1 22 ? -8.157  -1.327  -10.126 1.00 19.83 ? 201 ASP A O     1 
ATOM   86  C CB    . ASP A 1 22 ? -8.242  0.622   -12.421 1.00 20.36 ? 201 ASP A CB    1 
ATOM   87  C CG    . ASP A 1 22 ? -6.808  1.076   -12.605 1.00 22.17 ? 201 ASP A CG    1 
ATOM   88  O OD1   . ASP A 1 22 ? -5.920  0.219   -12.812 1.00 25.13 ? 201 ASP A OD1   1 
ATOM   89  O OD2   . ASP A 1 22 ? -6.557  2.300   -12.541 1.00 25.18 ? 201 ASP A OD2   1 
ATOM   90  N N     . MET A 1 23 ? -7.210  0.461   -9.125  1.00 18.85 ? 202 MET A N     1 
ATOM   91  C CA    . MET A 1 23 ? -6.495  -0.351  -8.148  1.00 18.63 ? 202 MET A CA    1 
ATOM   92  C C     . MET A 1 23 ? -7.411  -0.845  -7.042  1.00 19.01 ? 202 MET A C     1 
ATOM   93  O O     . MET A 1 23 ? -7.786  -0.087  -6.154  1.00 20.83 ? 202 MET A O     1 
ATOM   94  C CB    . MET A 1 23 ? -5.351  0.450   -7.540  1.00 18.39 ? 202 MET A CB    1 
ATOM   95  C CG    . MET A 1 23 ? -4.274  0.747   -8.534  1.00 18.18 ? 202 MET A CG    1 
ATOM   96  S SD    . MET A 1 23 ? -2.944  1.683   -7.760  1.00 17.24 ? 202 MET A SD    1 
ATOM   97  C CE    . MET A 1 23 ? -1.750  1.732   -9.081  1.00 19.20 ? 202 MET A CE    1 
ATOM   98  N N     . THR A 1 24 ? -7.762  -2.123  -7.093  1.00 18.64 ? 203 THR A N     1 
ATOM   99  C CA    . THR A 1 24 ? -8.689  -2.678  -6.115  1.00 18.04 ? 203 THR A CA    1 
ATOM   100 C C     . THR A 1 24 ? -7.948  -3.150  -4.869  1.00 17.91 ? 203 THR A C     1 
ATOM   101 O O     . THR A 1 24 ? -6.728  -3.338  -4.891  1.00 16.61 ? 203 THR A O     1 
ATOM   102 C CB    . THR A 1 24 ? -9.419  -3.882  -6.695  1.00 17.94 ? 203 THR A CB    1 
ATOM   103 O OG1   . THR A 1 24 ? -8.472  -4.913  -6.961  1.00 16.82 ? 203 THR A OG1   1 
ATOM   104 C CG2   . THR A 1 24 ? -10.161 -3.505  -8.006  1.00 18.89 ? 203 THR A CG2   1 
ATOM   105 N N     . ALA A 1 25 ? -8.697  -3.367  -3.792  1.00 17.66 ? 204 ALA A N     1 
ATOM   106 C CA    . ALA A 1 25 ? -8.108  -3.919  -2.570  1.00 18.06 ? 204 ALA A CA    1 
ATOM   107 C C     . ALA A 1 25 ? -7.429  -5.267  -2.812  1.00 18.03 ? 204 ALA A C     1 
ATOM   108 O O     . ALA A 1 25 ? -6.319  -5.500  -2.324  1.00 18.00 ? 204 ALA A O     1 
ATOM   109 C CB    . ALA A 1 25 ? -9.158  -3.998  -1.442  1.00 18.04 ? 204 ALA A CB    1 
ATOM   110 N N     . GLU A 1 26 ? -8.060  -6.136  -3.610  1.00 17.79 ? 205 GLU A N     1 
ATOM   111 C CA    . GLU A 1 26 ? -7.470  -7.410  -3.974  1.00 18.59 ? 205 GLU A CA    1 
ATOM   112 C C     . GLU A 1 26 ? -6.149  -7.212  -4.710  1.00 17.57 ? 205 GLU A C     1 
ATOM   113 O O     . GLU A 1 26 ? -5.167  -7.879  -4.417  1.00 17.14 ? 205 GLU A O     1 
ATOM   114 C CB    . GLU A 1 26 ? -8.426  -8.225  -4.855  1.00 18.21 ? 205 GLU A CB    1 
ATOM   115 C CG    . GLU A 1 26 ? -7.950  -9.643  -5.066  1.00 20.81 ? 205 GLU A CG    1 
ATOM   116 C CD    . GLU A 1 26 ? -8.843  -10.458 -5.992  1.00 21.39 ? 205 GLU A CD    1 
ATOM   117 O OE1   . GLU A 1 26 ? -8.424  -11.568 -6.376  1.00 26.58 ? 205 GLU A OE1   1 
ATOM   118 O OE2   . GLU A 1 26 ? -9.944  -9.985  -6.338  1.00 26.82 ? 205 GLU A OE2   1 
ATOM   119 N N     . GLU A 1 27 ? -6.136  -6.290  -5.671  1.00 17.09 ? 206 GLU A N     1 
ATOM   120 C CA    . GLU A 1 27 ? -4.916  -6.023  -6.446  1.00 16.85 ? 206 GLU A CA    1 
ATOM   121 C C     . GLU A 1 27 ? -3.779  -5.519  -5.559  1.00 15.87 ? 206 GLU A C     1 
ATOM   122 O O     . GLU A 1 27 ? -2.640  -5.993  -5.665  1.00 15.47 ? 206 GLU A O     1 
ATOM   123 C CB    . GLU A 1 27 ? -5.196  -5.041  -7.584  1.00 17.43 ? 206 GLU A CB    1 
ATOM   124 C CG    . GLU A 1 27 ? -5.928  -5.722  -8.738  1.00 20.83 ? 206 GLU A CG    1 
ATOM   125 C CD    . GLU A 1 27 ? -6.245  -4.788  -9.888  1.00 24.69 ? 206 GLU A CD    1 
ATOM   126 O OE1   . GLU A 1 27 ? -6.143  -3.560  -9.708  1.00 25.90 ? 206 GLU A OE1   1 
ATOM   127 O OE2   . GLU A 1 27 ? -6.601  -5.301  -10.976 1.00 28.12 ? 206 GLU A OE2   1 
ATOM   128 N N     . LEU A 1 28 ? -4.099  -4.596  -4.664  1.00 15.56 ? 207 LEU A N     1 
ATOM   129 C CA    . LEU A 1 28 ? -3.079  -4.041  -3.768  1.00 15.16 ? 207 LEU A CA    1 
ATOM   130 C C     . LEU A 1 28 ? -2.555  -5.116  -2.827  1.00 15.65 ? 207 LEU A C     1 
ATOM   131 O O     . LEU A 1 28 ? -1.360  -5.207  -2.576  1.00 14.59 ? 207 LEU A O     1 
ATOM   132 C CB    . LEU A 1 28 ? -3.617  -2.847  -2.977  1.00 15.51 ? 207 LEU A CB    1 
ATOM   133 C CG    . LEU A 1 28 ? -3.862  -1.535  -3.741  1.00 15.28 ? 207 LEU A CG    1 
ATOM   134 C CD1   . LEU A 1 28 ? -4.245  -0.456  -2.746  1.00 17.51 ? 207 LEU A CD1   1 
ATOM   135 C CD2   . LEU A 1 28 ? -2.636  -1.119  -4.549  1.00 18.29 ? 207 LEU A CD2   1 
ATOM   136 N N     . GLN A 1 29 ? -3.457  -5.942  -2.308  1.00 16.62 ? 208 GLN A N     1 
ATOM   137 C CA    . GLN A 1 29 ? -3.032  -7.015  -1.429  1.00 17.07 ? 208 GLN A CA    1 
ATOM   138 C C     . GLN A 1 29 ? -2.115  -8.004  -2.166  1.00 16.51 ? 208 GLN A C     1 
ATOM   139 O O     . GLN A 1 29 ? -1.056  -8.386  -1.665  1.00 16.58 ? 208 GLN A O     1 
ATOM   140 C CB    . GLN A 1 29 ? -4.259  -7.683  -0.828  1.00 17.56 ? 208 GLN A CB    1 
ATOM   141 C CG    . GLN A 1 29 ? -3.923  -8.635  0.239   1.00 20.09 ? 208 GLN A CG    1 
ATOM   142 C CD    . GLN A 1 29 ? -3.991  -10.017 -0.258  1.00 23.75 ? 208 GLN A CD    1 
ATOM   143 O OE1   . GLN A 1 29 ? -2.968  -10.632 -0.574  1.00 25.05 ? 208 GLN A OE1   1 
ATOM   144 N NE2   . GLN A 1 29 ? -5.207  -10.517 -0.400  1.00 20.05 ? 208 GLN A NE2   1 
ATOM   145 N N     . GLN A 1 30 ? -2.513  -8.401  -3.381  1.00 15.90 ? 209 GLN A N     1 
ATOM   146 C CA    . GLN A 1 30 ? -1.692  -9.257  -4.223  1.00 16.07 ? 209 GLN A CA    1 
ATOM   147 C C     . GLN A 1 30 ? -0.317  -8.661  -4.474  1.00 15.78 ? 209 GLN A C     1 
ATOM   148 O O     . GLN A 1 30 ? 0.691   -9.363  -4.434  1.00 17.23 ? 209 GLN A O     1 
ATOM   149 C CB    . GLN A 1 30 ? -2.402  -9.523  -5.555  1.00 16.81 ? 209 GLN A CB    1 
ATOM   150 C CG    . GLN A 1 30 ? -3.557  -10.509 -5.405  1.00 16.82 ? 209 GLN A CG    1 
ATOM   151 C CD    . GLN A 1 30 ? -4.561  -10.429 -6.536  1.00 19.94 ? 209 GLN A CD    1 
ATOM   152 O OE1   . GLN A 1 30 ? -4.616  -9.436  -7.274  1.00 23.36 ? 209 GLN A OE1   1 
ATOM   153 N NE2   . GLN A 1 30 ? -5.389  -11.470 -6.664  1.00 19.27 ? 209 GLN A NE2   1 
ATOM   154 N N     . PHE A 1 31 ? -0.282  -7.360  -4.743  1.00 15.32 ? 210 PHE A N     1 
ATOM   155 C CA    . PHE A 1 31 ? 0.989   -6.697  -5.006  1.00 13.80 ? 210 PHE A CA    1 
ATOM   156 C C     . PHE A 1 31 ? 1.845   -6.653  -3.751  1.00 13.20 ? 210 PHE A C     1 
ATOM   157 O O     . PHE A 1 31 ? 3.009   -7.034  -3.780  1.00 14.72 ? 210 PHE A O     1 
ATOM   158 C CB    . PHE A 1 31 ? 0.774   -5.275  -5.535  1.00 13.34 ? 210 PHE A CB    1 
ATOM   159 C CG    . PHE A 1 31 ? 2.066   -4.535  -5.783  1.00 13.62 ? 210 PHE A CG    1 
ATOM   160 C CD1   . PHE A 1 31 ? 2.592   -3.677  -4.812  1.00 13.73 ? 210 PHE A CD1   1 
ATOM   161 C CD2   . PHE A 1 31 ? 2.759   -4.703  -6.983  1.00 14.59 ? 210 PHE A CD2   1 
ATOM   162 C CE1   . PHE A 1 31 ? 3.784   -3.007  -5.031  1.00 13.86 ? 210 PHE A CE1   1 
ATOM   163 C CE2   . PHE A 1 31 ? 3.954   -4.032  -7.221  1.00 14.69 ? 210 PHE A CE2   1 
ATOM   164 C CZ    . PHE A 1 31 ? 4.482   -3.198  -6.236  1.00 12.61 ? 210 PHE A CZ    1 
ATOM   165 N N     . PHE A 1 32 ? 1.263   -6.200  -2.651  1.00 13.78 ? 211 PHE A N     1 
ATOM   166 C CA    . PHE A 1 32 ? 2.056   -5.957  -1.442  1.00 13.90 ? 211 PHE A CA    1 
ATOM   167 C C     . PHE A 1 32 ? 2.446   -7.207  -0.661  1.00 15.30 ? 211 PHE A C     1 
ATOM   168 O O     . PHE A 1 32 ? 3.421   -7.184  0.075   1.00 14.93 ? 211 PHE A O     1 
ATOM   169 C CB    . PHE A 1 32 ? 1.367   -4.939  -0.541  1.00 12.98 ? 211 PHE A CB    1 
ATOM   170 C CG    . PHE A 1 32 ? 1.573   -3.524  -1.012  1.00 11.98 ? 211 PHE A CG    1 
ATOM   171 C CD1   . PHE A 1 32 ? 0.592   -2.873  -1.742  1.00 11.67 ? 211 PHE A CD1   1 
ATOM   172 C CD2   . PHE A 1 32 ? 2.796   -2.883  -0.792  1.00 11.91 ? 211 PHE A CD2   1 
ATOM   173 C CE1   . PHE A 1 32 ? 0.791   -1.578  -2.212  1.00 11.29 ? 211 PHE A CE1   1 
ATOM   174 C CE2   . PHE A 1 32 ? 3.007   -1.584  -1.237  1.00 10.67 ? 211 PHE A CE2   1 
ATOM   175 C CZ    . PHE A 1 32 ? 1.994   -0.925  -1.955  1.00 11.67 ? 211 PHE A CZ    1 
ATOM   176 N N     . CYS A 1 33 ? 1.726   -8.305  -0.850  1.00 16.53 ? 212 CYS A N     1 
ATOM   177 C CA    . CYS A 1 33 ? 2.091   -9.515  -0.112  1.00 17.51 ? 212 CYS A CA    1 
ATOM   178 C C     . CYS A 1 33 ? 3.388   -10.179 -0.614  1.00 18.00 ? 212 CYS A C     1 
ATOM   179 O O     . CYS A 1 33 ? 3.894   -11.123 0.016   1.00 18.06 ? 212 CYS A O     1 
ATOM   180 C CB    . CYS A 1 33 ? 0.928   -10.490 -0.046  1.00 18.06 ? 212 CYS A CB    1 
ATOM   181 S SG    . CYS A 1 33 ? 0.678   -11.430 -1.550  1.00 20.56 ? 212 CYS A SG    1 
ATOM   182 N N     . GLN A 1 34 ? 3.955   -9.683  -1.714  1.00 18.08 ? 213 GLN A N     1 
ATOM   183 C CA    . GLN A 1 34 ? 5.295   -10.104 -2.123  1.00 18.97 ? 213 GLN A CA    1 
ATOM   184 C C     . GLN A 1 34 ? 6.355   -9.791  -1.063  1.00 18.60 ? 213 GLN A C     1 
ATOM   185 O O     . GLN A 1 34 ? 7.365   -10.488 -0.981  1.00 19.40 ? 213 GLN A O     1 
ATOM   186 C CB    . GLN A 1 34 ? 5.716   -9.512  -3.476  1.00 19.17 ? 213 GLN A CB    1 
ATOM   187 C CG    . GLN A 1 34 ? 5.946   -8.005  -3.440  1.00 19.85 ? 213 GLN A CG    1 
ATOM   188 C CD    . GLN A 1 34 ? 6.312   -7.425  -4.791  1.00 20.20 ? 213 GLN A CD    1 
ATOM   189 O OE1   . GLN A 1 34 ? 5.527   -6.692  -5.407  1.00 21.61 ? 213 GLN A OE1   1 
ATOM   190 N NE2   . GLN A 1 34 ? 7.503   -7.755  -5.262  1.00 17.62 ? 213 GLN A NE2   1 
ATOM   191 N N     . TYR A 1 35 ? 6.106   -8.756  -0.258  1.00 18.62 ? 214 TYR A N     1 
ATOM   192 C CA    . TYR A 1 35 ? 7.049   -8.278  0.769   1.00 18.29 ? 214 TYR A CA    1 
ATOM   193 C C     . TYR A 1 35 ? 6.850   -8.933  2.135   1.00 18.40 ? 214 TYR A C     1 
ATOM   194 O O     . TYR A 1 35 ? 7.751   -8.946  2.979   1.00 19.08 ? 214 TYR A O     1 
ATOM   195 C CB    . TYR A 1 35 ? 6.954   -6.757  0.905   1.00 17.65 ? 214 TYR A CB    1 
ATOM   196 C CG    . TYR A 1 35 ? 7.058   -6.016  -0.417  1.00 16.43 ? 214 TYR A CG    1 
ATOM   197 C CD1   . TYR A 1 35 ? 5.963   -5.323  -0.935  1.00 17.02 ? 214 TYR A CD1   1 
ATOM   198 C CD2   . TYR A 1 35 ? 8.240   -6.026  -1.152  1.00 17.30 ? 214 TYR A CD2   1 
ATOM   199 C CE1   . TYR A 1 35 ? 6.051   -4.640  -2.133  1.00 15.25 ? 214 TYR A CE1   1 
ATOM   200 C CE2   . TYR A 1 35 ? 8.341   -5.344  -2.376  1.00 17.52 ? 214 TYR A CE2   1 
ATOM   201 C CZ    . TYR A 1 35 ? 7.232   -4.659  -2.855  1.00 17.45 ? 214 TYR A CZ    1 
ATOM   202 O OH    . TYR A 1 35 ? 7.310   -3.989  -4.055  1.00 17.24 ? 214 TYR A OH    1 
ATOM   203 N N     . GLY A 1 36 ? 5.659   -9.464  2.354   1.00 18.25 ? 215 GLY A N     1 
ATOM   204 C CA    . GLY A 1 36 ? 5.313   -10.061 3.625   1.00 17.86 ? 215 GLY A CA    1 
ATOM   205 C C     . GLY A 1 36 ? 3.816   -10.159 3.728   1.00 17.42 ? 215 GLY A C     1 
ATOM   206 O O     . GLY A 1 36 ? 3.081   -9.572  2.933   1.00 17.37 ? 215 GLY A O     1 
ATOM   207 N N     . GLU A 1 37 ? 3.360   -10.893 4.728   1.00 17.10 ? 216 GLU A N     1 
ATOM   208 C CA    . GLU A 1 37 ? 1.936   -11.044 4.966   1.00 17.12 ? 216 GLU A CA    1 
ATOM   209 C C     . GLU A 1 37 ? 1.209   -9.705  5.116   1.00 17.46 ? 216 GLU A C     1 
ATOM   210 O O     . GLU A 1 37 ? 1.602   -8.848  5.916   1.00 15.73 ? 216 GLU A O     1 
ATOM   211 C CB    . GLU A 1 37 ? 1.709   -11.930 6.192   1.00 17.07 ? 216 GLU A CB    1 
ATOM   212 C CG    . GLU A 1 37 ? 0.279   -12.366 6.322   1.00 18.08 ? 216 GLU A CG    1 
ATOM   213 C CD    . GLU A 1 37 ? -0.018  -13.060 7.625   1.00 20.94 ? 216 GLU A CD    1 
ATOM   214 O OE1   . GLU A 1 37 ? 0.928   -13.353 8.379   1.00 21.68 ? 216 GLU A OE1   1 
ATOM   215 O OE2   . GLU A 1 37 ? -1.212  -13.298 7.881   1.00 20.70 ? 216 GLU A OE2   1 
ATOM   216 N N     . VAL A 1 38 ? 0.167   -9.518  4.304   1.00 17.15 ? 217 VAL A N     1 
ATOM   217 C CA    . VAL A 1 38 ? -0.723  -8.365  4.401   1.00 18.26 ? 217 VAL A CA    1 
ATOM   218 C C     . VAL A 1 38 ? -1.999  -8.775  5.125   1.00 19.33 ? 217 VAL A C     1 
ATOM   219 O O     . VAL A 1 38 ? -2.607  -9.793  4.788   1.00 20.59 ? 217 VAL A O     1 
ATOM   220 C CB    . VAL A 1 38 ? -1.081  -7.804  2.986   1.00 17.75 ? 217 VAL A CB    1 
ATOM   221 C CG1   . VAL A 1 38 ? -2.134  -6.691  3.076   1.00 17.71 ? 217 VAL A CG1   1 
ATOM   222 C CG2   . VAL A 1 38 ? 0.179   -7.322  2.268   1.00 19.02 ? 217 VAL A CG2   1 
ATOM   223 N N     . VAL A 1 39 ? -2.392  -7.985  6.112   1.00 20.54 ? 218 VAL A N     1 
ATOM   224 C CA    . VAL A 1 39 ? -3.560  -8.315  6.938   1.00 21.92 ? 218 VAL A CA    1 
ATOM   225 C C     . VAL A 1 39 ? -4.748  -7.379  6.732   1.00 22.09 ? 218 VAL A C     1 
ATOM   226 O O     . VAL A 1 39 ? -5.873  -7.734  7.044   1.00 23.13 ? 218 VAL A O     1 
ATOM   227 C CB    . VAL A 1 39 ? -3.202  -8.487  8.441   1.00 22.05 ? 218 VAL A CB    1 
ATOM   228 C CG1   . VAL A 1 39 ? -2.298  -9.710  8.620   1.00 23.64 ? 218 VAL A CG1   1 
ATOM   229 C CG2   . VAL A 1 39 ? -2.559  -7.235  9.025   1.00 22.01 ? 218 VAL A CG2   1 
ATOM   230 N N     . ASP A 1 40 ? -4.509  -6.189  6.184   1.00 21.32 ? 219 ASP A N     1 
ATOM   231 C CA    . ASP A 1 40 ? -5.620  -5.325  5.803   1.00 20.84 ? 219 ASP A CA    1 
ATOM   232 C C     . ASP A 1 40 ? -5.254  -4.370  4.671   1.00 19.88 ? 219 ASP A C     1 
ATOM   233 O O     . ASP A 1 40 ? -4.088  -4.062  4.467   1.00 18.85 ? 219 ASP A O     1 
ATOM   234 C CB    . ASP A 1 40 ? -6.120  -4.526  7.003   1.00 21.84 ? 219 ASP A CB    1 
ATOM   235 C CG    . ASP A 1 40 ? -7.617  -4.256  6.948   1.00 25.25 ? 219 ASP A CG    1 
ATOM   236 O OD1   . ASP A 1 40 ? -8.272  -4.539  5.910   1.00 28.21 ? 219 ASP A OD1   1 
ATOM   237 O OD2   . ASP A 1 40 ? -8.139  -3.751  7.962   1.00 30.56 ? 219 ASP A OD2   1 
ATOM   238 N N     . VAL A 1 41 ? -6.272  -3.927  3.938   1.00 18.88 ? 220 VAL A N     1 
ATOM   239 C CA    . VAL A 1 41 ? -6.117  -2.884  2.924   1.00 17.70 ? 220 VAL A CA    1 
ATOM   240 C C     . VAL A 1 41 ? -7.317  -1.963  3.083   1.00 17.60 ? 220 VAL A C     1 
ATOM   241 O O     . VAL A 1 41 ? -8.444  -2.437  3.211   1.00 18.99 ? 220 VAL A O     1 
ATOM   242 C CB    . VAL A 1 41 ? -6.098  -3.434  1.472   1.00 17.83 ? 220 VAL A CB    1 
ATOM   243 C CG1   . VAL A 1 41 ? -6.035  -2.282  0.448   1.00 17.57 ? 220 VAL A CG1   1 
ATOM   244 C CG2   . VAL A 1 41 ? -4.935  -4.386  1.249   1.00 17.36 ? 220 VAL A CG2   1 
ATOM   245 N N     . PHE A 1 42 ? -7.072  -0.663  3.076   1.00 16.48 ? 221 PHE A N     1 
ATOM   246 C CA    . PHE A 1 42 ? -8.137  0.314   3.137   1.00 16.59 ? 221 PHE A CA    1 
ATOM   247 C C     . PHE A 1 42 ? -8.025  1.245   1.943   1.00 16.42 ? 221 PHE A C     1 
ATOM   248 O O     . PHE A 1 42 ? -6.979  1.873   1.731   1.00 16.16 ? 221 PHE A O     1 
ATOM   249 C CB    . PHE A 1 42 ? -8.064  1.114   4.438   1.00 16.85 ? 221 PHE A CB    1 
ATOM   250 C CG    . PHE A 1 42 ? -9.238  2.017   4.656   1.00 17.64 ? 221 PHE A CG    1 
ATOM   251 C CD1   . PHE A 1 42 ? -9.284  3.275   4.066   1.00 18.86 ? 221 PHE A CD1   1 
ATOM   252 C CD2   . PHE A 1 42 ? -10.300 1.615   5.475   1.00 19.99 ? 221 PHE A CD2   1 
ATOM   253 C CE1   . PHE A 1 42 ? -10.376 4.121   4.264   1.00 20.91 ? 221 PHE A CE1   1 
ATOM   254 C CE2   . PHE A 1 42 ? -11.389 2.457   5.680   1.00 20.04 ? 221 PHE A CE2   1 
ATOM   255 C CZ    . PHE A 1 42 ? -11.428 3.705   5.073   1.00 18.90 ? 221 PHE A CZ    1 
ATOM   256 N N     . ILE A 1 43 ? -9.111  1.330   1.179   1.00 16.68 ? 222 ILE A N     1 
ATOM   257 C CA    . ILE A 1 43 ? -9.219  2.245   0.058   1.00 17.39 ? 222 ILE A CA    1 
ATOM   258 C C     . ILE A 1 43 ? -10.395 3.180   0.334   1.00 18.02 ? 222 ILE A C     1 
ATOM   259 O O     . ILE A 1 43 ? -11.533 2.717   0.449   1.00 17.69 ? 222 ILE A O     1 
ATOM   260 C CB    . ILE A 1 43 ? -9.425  1.487   -1.284  1.00 17.37 ? 222 ILE A CB    1 
ATOM   261 C CG1   . ILE A 1 43 ? -8.195  0.637   -1.605  1.00 18.06 ? 222 ILE A CG1   1 
ATOM   262 C CG2   . ILE A 1 43 ? -9.749  2.474   -2.430  1.00 17.10 ? 222 ILE A CG2   1 
ATOM   263 C CD1   . ILE A 1 43 ? -8.349  -0.309  -2.807  1.00 18.54 ? 222 ILE A CD1   1 
ATOM   264 N N     . PRO A 1 44 ? -10.127 4.490   0.451   1.00 18.68 ? 223 PRO A N     1 
ATOM   265 C CA    . PRO A 1 44 ? -11.219 5.433   0.691   1.00 19.27 ? 223 PRO A CA    1 
ATOM   266 C C     . PRO A 1 44 ? -12.270 5.421   -0.416  1.00 20.13 ? 223 PRO A C     1 
ATOM   267 O O     . PRO A 1 44 ? -11.956 5.188   -1.588  1.00 19.50 ? 223 PRO A O     1 
ATOM   268 C CB    . PRO A 1 44 ? -10.508 6.786   0.719   1.00 19.34 ? 223 PRO A CB    1 
ATOM   269 C CG    . PRO A 1 44 ? -9.116  6.442   1.157   1.00 19.42 ? 223 PRO A CG    1 
ATOM   270 C CD    . PRO A 1 44 ? -8.832  5.188   0.393   1.00 18.69 ? 223 PRO A CD    1 
ATOM   271 N N     . LYS A 1 45 ? -13.513 5.656   -0.005  1.00 20.94 ? 224 LYS A N     1 
ATOM   272 C CA    . LYS A 1 45 ? -14.649 5.826   -0.903  1.00 22.90 ? 224 LYS A CA    1 
ATOM   273 C C     . LYS A 1 45 ? -15.393 7.066   -0.456  1.00 22.77 ? 224 LYS A C     1 
ATOM   274 O O     . LYS A 1 45 ? -15.765 7.165   0.721   1.00 24.69 ? 224 LYS A O     1 
ATOM   275 C CB    . LYS A 1 45 ? -15.595 4.627   -0.834  1.00 23.15 ? 224 LYS A CB    1 
ATOM   276 C CG    . LYS A 1 45 ? -15.159 3.447   -1.665  1.00 26.19 ? 224 LYS A CG    1 
ATOM   277 C CD    . LYS A 1 45 ? -14.300 2.525   -0.845  1.00 29.61 ? 224 LYS A CD    1 
ATOM   278 C CE    . LYS A 1 45 ? -13.478 1.600   -1.718  1.00 30.53 ? 224 LYS A CE    1 
ATOM   279 N NZ    . LYS A 1 45 ? -12.895 0.540   -0.881  1.00 29.82 ? 224 LYS A NZ    1 
ATOM   280 N N     . PRO A 1 46 ? -15.597 8.038   -1.367  1.00 22.06 ? 225 PRO A N     1 
ATOM   281 C CA    . PRO A 1 46 ? -15.211 8.038   -2.785  1.00 20.46 ? 225 PRO A CA    1 
ATOM   282 C C     . PRO A 1 46 ? -13.700 8.114   -3.015  1.00 18.98 ? 225 PRO A C     1 
ATOM   283 O O     . PRO A 1 46 ? -12.937 8.328   -2.079  1.00 18.49 ? 225 PRO A O     1 
ATOM   284 C CB    . PRO A 1 46 ? -15.888 9.299   -3.338  1.00 20.43 ? 225 PRO A CB    1 
ATOM   285 C CG    . PRO A 1 46 ? -16.902 9.700   -2.290  1.00 22.05 ? 225 PRO A CG    1 
ATOM   286 C CD    . PRO A 1 46 ? -16.308 9.275   -1.001  1.00 22.33 ? 225 PRO A CD    1 
ATOM   287 N N     . PHE A 1 47 ? -13.298 7.932   -4.268  1.00 17.76 ? 226 PHE A N     1 
ATOM   288 C CA    . PHE A 1 47 ? -11.884 7.839   -4.644  1.00 17.19 ? 226 PHE A CA    1 
ATOM   289 C C     . PHE A 1 47 ? -11.065 9.061   -4.239  1.00 16.67 ? 226 PHE A C     1 
ATOM   290 O O     . PHE A 1 47 ? -11.406 10.194  -4.573  1.00 16.76 ? 226 PHE A O     1 
ATOM   291 C CB    . PHE A 1 47 ? -11.788 7.617   -6.154  1.00 16.44 ? 226 PHE A CB    1 
ATOM   292 C CG    . PHE A 1 47 ? -10.375 7.596   -6.683  1.00 16.64 ? 226 PHE A CG    1 
ATOM   293 C CD1   . PHE A 1 47 ? -9.519  6.540   -6.376  1.00 17.87 ? 226 PHE A CD1   1 
ATOM   294 C CD2   . PHE A 1 47 ? -9.910  8.628   -7.487  1.00 17.27 ? 226 PHE A CD2   1 
ATOM   295 C CE1   . PHE A 1 47 ? -8.204  6.527   -6.879  1.00 16.17 ? 226 PHE A CE1   1 
ATOM   296 C CE2   . PHE A 1 47 ? -8.609  8.610   -8.001  1.00 15.73 ? 226 PHE A CE2   1 
ATOM   297 C CZ    . PHE A 1 47 ? -7.764  7.569   -7.691  1.00 16.87 ? 226 PHE A CZ    1 
ATOM   298 N N     . ARG A 1 48 ? -9.958  8.809   -3.537  1.00 16.19 ? 227 ARG A N     1 
ATOM   299 C CA    . ARG A 1 48 ? -9.071  9.868   -3.090  1.00 16.04 ? 227 ARG A CA    1 
ATOM   300 C C     . ARG A 1 48 ? -7.597  9.663   -3.483  1.00 15.69 ? 227 ARG A C     1 
ATOM   301 O O     . ARG A 1 48 ? -6.726  10.436  -3.057  1.00 15.76 ? 227 ARG A O     1 
ATOM   302 C CB    . ARG A 1 48 ? -9.198  10.060  -1.571  1.00 17.11 ? 227 ARG A CB    1 
ATOM   303 C CG    . ARG A 1 48 ? -10.487 10.727  -1.139  1.00 19.62 ? 227 ARG A CG    1 
ATOM   304 C CD    . ARG A 1 48 ? -10.199 11.720  -0.013  1.00 26.65 ? 227 ARG A CD    1 
ATOM   305 N NE    . ARG A 1 48 ? -10.230 11.058  1.279   1.00 31.37 ? 227 ARG A NE    1 
ATOM   306 C CZ    . ARG A 1 48 ? -9.635  11.488  2.390   1.00 31.33 ? 227 ARG A CZ    1 
ATOM   307 N NH1   . ARG A 1 48 ? -8.914  12.605  2.416   1.00 31.80 ? 227 ARG A NH1   1 
ATOM   308 N NH2   . ARG A 1 48 ? -9.760  10.773  3.491   1.00 33.67 ? 227 ARG A NH2   1 
ATOM   309 N N     . ALA A 1 49 ? -7.327  8.641   -4.299  1.00 15.23 ? 228 ALA A N     1 
ATOM   310 C CA    . ALA A 1 49 ? -5.974  8.398   -4.874  1.00 14.50 ? 228 ALA A CA    1 
ATOM   311 C C     . ALA A 1 49 ? -4.920  7.999   -3.833  1.00 14.42 ? 228 ALA A C     1 
ATOM   312 O O     . ALA A 1 49 ? -3.731  8.294   -3.975  1.00 14.12 ? 228 ALA A O     1 
ATOM   313 C CB    . ALA A 1 49 ? -5.500  9.583   -5.713  1.00 14.58 ? 228 ALA A CB    1 
ATOM   314 N N     . PHE A 1 50 ? -5.368  7.339   -2.775  1.00 14.02 ? 229 PHE A N     1 
ATOM   315 C CA    . PHE A 1 50 ? -4.446  6.718   -1.823  1.00 13.64 ? 229 PHE A CA    1 
ATOM   316 C C     . PHE A 1 50 ? -5.068  5.491   -1.171  1.00 13.18 ? 229 PHE A C     1 
ATOM   317 O O     . PHE A 1 50 ? -6.236  5.188   -1.387  1.00 13.95 ? 229 PHE A O     1 
ATOM   318 C CB    . PHE A 1 50 ? -3.932  7.731   -0.778  1.00 14.13 ? 229 PHE A CB    1 
ATOM   319 C CG    . PHE A 1 50 ? -4.981  8.225   0.196   1.00 15.71 ? 229 PHE A CG    1 
ATOM   320 C CD1   . PHE A 1 50 ? -5.670  9.405   -0.053  1.00 18.57 ? 229 PHE A CD1   1 
ATOM   321 C CD2   . PHE A 1 50 ? -5.249  7.521   1.369   1.00 17.34 ? 229 PHE A CD2   1 
ATOM   322 C CE1   . PHE A 1 50 ? -6.614  9.874   0.853   1.00 19.17 ? 229 PHE A CE1   1 
ATOM   323 C CE2   . PHE A 1 50 ? -6.193  7.981   2.286   1.00 17.53 ? 229 PHE A CE2   1 
ATOM   324 C CZ    . PHE A 1 50 ? -6.889  9.153   2.015   1.00 16.89 ? 229 PHE A CZ    1 
ATOM   325 N N     . ALA A 1 51 ? -4.265  4.762   -0.416  1.00 12.77 ? 230 ALA A N     1 
ATOM   326 C CA    . ALA A 1 51 ? -4.724  3.557   0.264   1.00 12.77 ? 230 ALA A CA    1 
ATOM   327 C C     . ALA A 1 51 ? -3.862  3.341   1.501   1.00 12.88 ? 230 ALA A C     1 
ATOM   328 O O     . ALA A 1 51 ? -2.826  3.975   1.659   1.00 13.11 ? 230 ALA A O     1 
ATOM   329 C CB    . ALA A 1 51 ? -4.629  2.350   -0.664  1.00 13.23 ? 230 ALA A CB    1 
ATOM   330 N N     . PHE A 1 52 ? -4.320  2.465   2.383   1.00 13.30 ? 231 PHE A N     1 
ATOM   331 C CA    . PHE A 1 52 ? -3.481  1.994   3.483   1.00 13.19 ? 231 PHE A CA    1 
ATOM   332 C C     . PHE A 1 52 ? -3.325  0.514   3.364   1.00 13.67 ? 231 PHE A C     1 
ATOM   333 O O     . PHE A 1 52 ? -4.283  -0.202  3.042   1.00 14.26 ? 231 PHE A O     1 
ATOM   334 C CB    . PHE A 1 52 ? -4.115  2.336   4.833   1.00 14.41 ? 231 PHE A CB    1 
ATOM   335 C CG    . PHE A 1 52 ? -4.146  3.800   5.123   1.00 15.44 ? 231 PHE A CG    1 
ATOM   336 C CD1   . PHE A 1 52 ? -5.271  4.560   4.830   1.00 16.77 ? 231 PHE A CD1   1 
ATOM   337 C CD2   . PHE A 1 52 ? -3.026  4.430   5.646   1.00 16.14 ? 231 PHE A CD2   1 
ATOM   338 C CE1   . PHE A 1 52 ? -5.276  5.934   5.073   1.00 19.10 ? 231 PHE A CE1   1 
ATOM   339 C CE2   . PHE A 1 52 ? -3.027  5.791   5.894   1.00 18.04 ? 231 PHE A CE2   1 
ATOM   340 C CZ    . PHE A 1 52 ? -4.153  6.546   5.616   1.00 18.29 ? 231 PHE A CZ    1 
ATOM   341 N N     . VAL A 1 53 ? -2.115  0.038   3.629   1.00 13.05 ? 232 VAL A N     1 
ATOM   342 C CA    . VAL A 1 53 ? -1.858  -1.399  3.595   1.00 13.43 ? 232 VAL A CA    1 
ATOM   343 C C     . VAL A 1 53 ? -1.231  -1.760  4.939   1.00 13.90 ? 232 VAL A C     1 
ATOM   344 O O     . VAL A 1 53 ? -0.246  -1.137  5.357   1.00 12.97 ? 232 VAL A O     1 
ATOM   345 C CB    . VAL A 1 53 ? -0.900  -1.814  2.441   1.00 13.31 ? 232 VAL A CB    1 
ATOM   346 C CG1   . VAL A 1 53 ? -0.547  -3.275  2.537   1.00 12.98 ? 232 VAL A CG1   1 
ATOM   347 C CG2   . VAL A 1 53 ? -1.507  -1.509  1.055   1.00 13.88 ? 232 VAL A CG2   1 
ATOM   348 N N     . THR A 1 54 ? -1.809  -2.766  5.593   1.00 14.85 ? 233 THR A N     1 
ATOM   349 C CA    . THR A 1 54 ? -1.314  -3.224  6.890   1.00 15.52 ? 233 THR A CA    1 
ATOM   350 C C     . THR A 1 54 ? -0.601  -4.565  6.750   1.00 15.39 ? 233 THR A C     1 
ATOM   351 O O     . THR A 1 54 ? -1.147  -5.519  6.196   1.00 14.98 ? 233 THR A O     1 
ATOM   352 C CB    . THR A 1 54 ? -2.458  -3.337  7.936   1.00 16.32 ? 233 THR A CB    1 
ATOM   353 O OG1   . THR A 1 54 ? -3.213  -2.125  7.944   1.00 17.21 ? 233 THR A OG1   1 
ATOM   354 C CG2   . THR A 1 54 ? -1.868  -3.539  9.336   1.00 17.09 ? 233 THR A CG2   1 
ATOM   355 N N     . PHE A 1 55 ? 0.618   -4.628  7.281   1.00 15.39 ? 234 PHE A N     1 
ATOM   356 C CA    . PHE A 1 55 ? 1.404   -5.854  7.325   1.00 16.02 ? 234 PHE A CA    1 
ATOM   357 C C     . PHE A 1 55 ? 1.367   -6.496  8.697   1.00 16.84 ? 234 PHE A C     1 
ATOM   358 O O     . PHE A 1 55 ? 1.184   -5.807  9.706   1.00 16.82 ? 234 PHE A O     1 
ATOM   359 C CB    . PHE A 1 55 ? 2.859   -5.555  6.944   1.00 15.94 ? 234 PHE A CB    1 
ATOM   360 C CG    . PHE A 1 55 ? 3.000   -5.032  5.564   1.00 15.08 ? 234 PHE A CG    1 
ATOM   361 C CD1   . PHE A 1 55 ? 2.935   -3.666  5.309   1.00 15.00 ? 234 PHE A CD1   1 
ATOM   362 C CD2   . PHE A 1 55 ? 3.160   -5.913  4.504   1.00 16.33 ? 234 PHE A CD2   1 
ATOM   363 C CE1   . PHE A 1 55 ? 3.040   -3.199  3.999   1.00 15.25 ? 234 PHE A CE1   1 
ATOM   364 C CE2   . PHE A 1 55 ? 3.273   -5.451  3.202   1.00 15.97 ? 234 PHE A CE2   1 
ATOM   365 C CZ    . PHE A 1 55 ? 3.191   -4.087  2.954   1.00 15.01 ? 234 PHE A CZ    1 
ATOM   366 N N     . ALA A 1 56 ? 1.545   -7.816  8.730   1.00 17.75 ? 235 ALA A N     1 
ATOM   367 C CA    . ALA A 1 56 ? 1.670   -8.535  10.006  1.00 19.57 ? 235 ALA A CA    1 
ATOM   368 C C     . ALA A 1 56 ? 2.979   -8.152  10.705  1.00 20.46 ? 235 ALA A C     1 
ATOM   369 O O     . ALA A 1 56 ? 3.022   -8.058  11.936  1.00 20.98 ? 235 ALA A O     1 
ATOM   370 C CB    . ALA A 1 56 ? 1.588   -10.035 9.788   1.00 19.41 ? 235 ALA A CB    1 
ATOM   371 N N     . ASP A 1 57 ? 4.015   -7.897  9.907   1.00 21.58 ? 236 ASP A N     1 
ATOM   372 C CA    . ASP A 1 57 ? 5.380   -7.630  10.381  1.00 23.19 ? 236 ASP A CA    1 
ATOM   373 C C     . ASP A 1 57 ? 5.773   -6.138  10.237  1.00 23.74 ? 236 ASP A C     1 
ATOM   374 O O     . ASP A 1 57 ? 5.792   -5.599  9.122   1.00 23.72 ? 236 ASP A O     1 
ATOM   375 C CB    . ASP A 1 57 ? 6.328   -8.540  9.583   1.00 23.25 ? 236 ASP A CB    1 
ATOM   376 C CG    . ASP A 1 57 ? 7.788   -8.441  10.009  1.00 25.48 ? 236 ASP A CG    1 
ATOM   377 O OD1   . ASP A 1 57 ? 8.112   -7.728  10.981  1.00 28.71 ? 236 ASP A OD1   1 
ATOM   378 O OD2   . ASP A 1 57 ? 8.627   -9.101  9.345   1.00 27.68 ? 236 ASP A OD2   1 
ATOM   379 N N     . ASP A 1 58 ? 6.109   -5.482  11.357  1.00 25.01 ? 237 ASP A N     1 
ATOM   380 C CA    . ASP A 1 58 ? 6.563   -4.073  11.344  1.00 25.70 ? 237 ASP A CA    1 
ATOM   381 C C     . ASP A 1 58 ? 7.761   -3.835  10.439  1.00 25.14 ? 237 ASP A C     1 
ATOM   382 O O     . ASP A 1 58 ? 7.826   -2.822  9.745   1.00 24.86 ? 237 ASP A O     1 
ATOM   383 C CB    . ASP A 1 58 ? 6.946   -3.590  12.750  1.00 26.67 ? 237 ASP A CB    1 
ATOM   384 C CG    . ASP A 1 58 ? 5.746   -3.276  13.612  1.00 29.53 ? 237 ASP A CG    1 
ATOM   385 O OD1   . ASP A 1 58 ? 4.813   -4.108  13.683  1.00 34.41 ? 237 ASP A OD1   1 
ATOM   386 O OD2   . ASP A 1 58 ? 5.748   -2.195  14.240  1.00 33.76 ? 237 ASP A OD2   1 
ATOM   387 N N     . LYS A 1 59 ? 8.710   -4.766  10.471  1.00 24.36 ? 238 LYS A N     1 
ATOM   388 C CA    . LYS A 1 59 ? 9.940   -4.667  9.699   1.00 24.29 ? 238 LYS A CA    1 
ATOM   389 C C     . LYS A 1 59 ? 9.646   -4.514  8.209   1.00 23.37 ? 238 LYS A C     1 
ATOM   390 O O     . LYS A 1 59 ? 10.316  -3.752  7.511   1.00 23.28 ? 238 LYS A O     1 
ATOM   391 C CB    . LYS A 1 59 ? 10.819  -5.892  9.955   1.00 24.77 ? 238 LYS A CB    1 
ATOM   392 C CG    . LYS A 1 59 ? 11.478  -5.910  11.331  1.00 27.81 ? 238 LYS A CG    1 
ATOM   393 C CD    . LYS A 1 59 ? 12.909  -5.361  11.257  1.00 31.59 ? 238 LYS A CD    1 
ATOM   394 C CE    . LYS A 1 59 ? 13.700  -5.638  12.531  1.00 32.11 ? 238 LYS A CE    1 
ATOM   395 N NZ    . LYS A 1 59 ? 13.172  -4.886  13.714  1.00 35.17 ? 238 LYS A NZ    1 
ATOM   396 N N     . VAL A 1 60 ? 8.617   -5.216  7.742   1.00 22.27 ? 239 VAL A N     1 
ATOM   397 C CA    . VAL A 1 60 ? 8.212   -5.137  6.340   1.00 21.76 ? 239 VAL A CA    1 
ATOM   398 C C     . VAL A 1 60 ? 7.685   -3.740  5.986   1.00 21.42 ? 239 VAL A C     1 
ATOM   399 O O     . VAL A 1 60 ? 8.096   -3.145  4.987   1.00 21.53 ? 239 VAL A O     1 
ATOM   400 C CB    . VAL A 1 60 ? 7.169   -6.212  5.969   1.00 21.51 ? 239 VAL A CB    1 
ATOM   401 C CG1   . VAL A 1 60 ? 6.761   -6.060  4.487   1.00 21.39 ? 239 VAL A CG1   1 
ATOM   402 C CG2   . VAL A 1 60 ? 7.727   -7.608  6.203   1.00 21.97 ? 239 VAL A CG2   1 
ATOM   403 N N     . ALA A 1 61 ? 6.799   -3.204  6.816   1.00 21.09 ? 240 ALA A N     1 
ATOM   404 C CA    . ALA A 1 61 ? 6.239   -1.872  6.569   1.00 20.67 ? 240 ALA A CA    1 
ATOM   405 C C     . ALA A 1 61 ? 7.344   -0.810  6.527   1.00 20.64 ? 240 ALA A C     1 
ATOM   406 O O     . ALA A 1 61 ? 7.395   0.034   5.625   1.00 20.51 ? 240 ALA A O     1 
ATOM   407 C CB    . ALA A 1 61 ? 5.197   -1.535  7.627   1.00 20.97 ? 240 ALA A CB    1 
ATOM   408 N N     . GLN A 1 62 ? 8.254   -0.875  7.494   1.00 21.04 ? 241 GLN A N     1 
ATOM   409 C CA    . GLN A 1 62 ? 9.335   0.101   7.589   1.00 21.24 ? 241 GLN A CA    1 
ATOM   410 C C     . GLN A 1 62 ? 10.306  0.056   6.406   1.00 20.31 ? 241 GLN A C     1 
ATOM   411 O O     . GLN A 1 62 ? 10.817  1.095   5.988   1.00 20.64 ? 241 GLN A O     1 
ATOM   412 C CB    . GLN A 1 62 ? 10.079  -0.027  8.924   1.00 22.04 ? 241 GLN A CB    1 
ATOM   413 C CG    . GLN A 1 62 ? 9.212   0.344   10.144  1.00 25.40 ? 241 GLN A CG    1 
ATOM   414 C CD    . GLN A 1 62 ? 8.431   1.650   9.968   1.00 29.12 ? 241 GLN A CD    1 
ATOM   415 O OE1   . GLN A 1 62 ? 7.200   1.660   10.020  1.00 31.36 ? 241 GLN A OE1   1 
ATOM   416 N NE2   . GLN A 1 62 ? 9.148   2.753   9.747   1.00 30.44 ? 241 GLN A NE2   1 
ATOM   417 N N     . SER A 1 63 ? 10.539  -1.132  5.857   1.00 19.57 ? 242 SER A N     1 
ATOM   418 C CA    . SER A 1 63 ? 11.460  -1.294  4.733   1.00 18.84 ? 242 SER A CA    1 
ATOM   419 C C     . SER A 1 63 ? 10.921  -0.644  3.454   1.00 17.26 ? 242 SER A C     1 
ATOM   420 O O     . SER A 1 63 ? 11.683  -0.264  2.571   1.00 17.66 ? 242 SER A O     1 
ATOM   421 C CB    . SER A 1 63 ? 11.778  -2.774  4.479   1.00 19.74 ? 242 SER A CB    1 
ATOM   422 O OG    . SER A 1 63 ? 10.604  -3.488  4.116   1.00 23.16 ? 242 SER A OG    1 
ATOM   423 N N     . LEU A 1 64 ? 9.603   -0.516  3.373   1.00 15.70 ? 243 LEU A N     1 
ATOM   424 C CA    . LEU A 1 64 ? 8.964   0.071   2.200   1.00 14.66 ? 243 LEU A CA    1 
ATOM   425 C C     . LEU A 1 64 ? 8.855   1.585   2.257   1.00 14.23 ? 243 LEU A C     1 
ATOM   426 O O     . LEU A 1 64 ? 8.675   2.232   1.230   1.00 12.75 ? 243 LEU A O     1 
ATOM   427 C CB    . LEU A 1 64 ? 7.558   -0.509  2.029   1.00 14.92 ? 243 LEU A CB    1 
ATOM   428 C CG    . LEU A 1 64 ? 7.470   -2.014  1.775   1.00 15.90 ? 243 LEU A CG    1 
ATOM   429 C CD1   . LEU A 1 64 ? 6.000   -2.409  1.764   1.00 18.12 ? 243 LEU A CD1   1 
ATOM   430 C CD2   . LEU A 1 64 ? 8.198   -2.432  0.491   1.00 17.35 ? 243 LEU A CD2   1 
ATOM   431 N N     . CYS A 1 65 ? 8.923   2.155   3.456   1.00 13.65 ? 244 CYS A N     1 
ATOM   432 C CA    . CYS A 1 65 ? 8.680   3.589   3.608   1.00 14.65 ? 244 CYS A CA    1 
ATOM   433 C C     . CYS A 1 65 ? 9.762   4.384   2.897   1.00 13.97 ? 244 CYS A C     1 
ATOM   434 O O     . CYS A 1 65 ? 10.955  4.084   3.026   1.00 15.00 ? 244 CYS A O     1 
ATOM   435 C CB    . CYS A 1 65 ? 8.587   3.967   5.082   1.00 15.38 ? 244 CYS A CB    1 
ATOM   436 S SG    . CYS A 1 65 ? 7.061   3.408   5.850   1.00 19.06 ? 244 CYS A SG    1 
ATOM   437 N N     . GLY A 1 66 ? 9.331   5.365   2.106   1.00 13.94 ? 245 GLY A N     1 
ATOM   438 C CA    . GLY A 1 66 ? 10.232  6.199   1.336   1.00 12.67 ? 245 GLY A CA    1 
ATOM   439 C C     . GLY A 1 66 ? 10.479  5.702   -0.079  1.00 12.24 ? 245 GLY A C     1 
ATOM   440 O O     . GLY A 1 66 ? 11.125  6.398   -0.853  1.00 12.69 ? 245 GLY A O     1 
ATOM   441 N N     . GLU A 1 67 ? 9.962   4.518   -0.404  1.00 10.47 ? 246 GLU A N     1 
ATOM   442 C CA    . GLU A 1 67 ? 10.131  3.927   -1.742  1.00 10.36 ? 246 GLU A CA    1 
ATOM   443 C C     . GLU A 1 67 ? 9.027   4.373   -2.681  1.00 10.74 ? 246 GLU A C     1 
ATOM   444 O O     . GLU A 1 67 ? 7.950   4.776   -2.247  1.00 11.31 ? 246 GLU A O     1 
ATOM   445 C CB    . GLU A 1 67 ? 10.141  2.404   -1.659  1.00 11.41 ? 246 GLU A CB    1 
ATOM   446 C CG    . GLU A 1 67 ? 11.314  1.928   -0.810  1.00 11.60 ? 246 GLU A CG    1 
ATOM   447 C CD    . GLU A 1 67 ? 11.566  0.441   -0.863  1.00 13.35 ? 246 GLU A CD    1 
ATOM   448 O OE1   . GLU A 1 67 ? 10.631  -0.346  -1.132  1.00 11.06 ? 246 GLU A OE1   1 
ATOM   449 O OE2   . GLU A 1 67 ? 12.732  0.057   -0.612  1.00 13.79 ? 246 GLU A OE2   1 
ATOM   450 N N     . ASP A 1 68 ? 9.313   4.284   -3.972  1.00 11.39 ? 247 ASP A N     1 
ATOM   451 C CA    . ASP A 1 68 ? 8.300   4.523   -4.995  1.00 11.74 ? 247 ASP A CA    1 
ATOM   452 C C     . ASP A 1 68 ? 8.241   3.243   -5.801  1.00 12.00 ? 247 ASP A C     1 
ATOM   453 O O     . ASP A 1 68 ? 9.235   2.820   -6.379  1.00 12.52 ? 247 ASP A O     1 
ATOM   454 C CB    . ASP A 1 68 ? 8.715   5.699   -5.859  1.00 13.25 ? 247 ASP A CB    1 
ATOM   455 C CG    . ASP A 1 68 ? 8.927   6.933   -5.050  1.00 15.56 ? 247 ASP A CG    1 
ATOM   456 O OD1   . ASP A 1 68 ? 7.903   7.461   -4.574  1.00 16.61 ? 247 ASP A OD1   1 
ATOM   457 O OD2   . ASP A 1 68 ? 10.112  7.338   -4.841  1.00 17.61 ? 247 ASP A OD2   1 
ATOM   458 N N     . LEU A 1 69 ? 7.075   2.604   -5.777  1.00 11.73 ? 248 LEU A N     1 
ATOM   459 C CA    . LEU A 1 69 ? 6.931   1.261   -6.316  1.00 12.10 ? 248 LEU A CA    1 
ATOM   460 C C     . LEU A 1 69 ? 6.074   1.346   -7.552  1.00 12.46 ? 248 LEU A C     1 
ATOM   461 O O     . LEU A 1 69 ? 5.299   2.281   -7.695  1.00 13.16 ? 248 LEU A O     1 
ATOM   462 C CB    . LEU A 1 69 ? 6.276   0.358   -5.275  1.00 11.98 ? 248 LEU A CB    1 
ATOM   463 C CG    . LEU A 1 69 ? 7.084   0.214   -3.979  1.00 11.53 ? 248 LEU A CG    1 
ATOM   464 C CD1   . LEU A 1 69 ? 6.404   -0.755  -3.048  1.00 11.96 ? 248 LEU A CD1   1 
ATOM   465 C CD2   . LEU A 1 69 ? 8.507   -0.256  -4.256  1.00 12.13 ? 248 LEU A CD2   1 
ATOM   466 N N     . ILE A 1 70 ? 6.212   0.375   -8.443  1.00 12.19 ? 249 ILE A N     1 
ATOM   467 C CA    . ILE A 1 70 ? 5.452   0.397   -9.693  1.00 12.49 ? 249 ILE A CA    1 
ATOM   468 C C     . ILE A 1 70 ? 4.352   -0.662  -9.626  1.00 12.56 ? 249 ILE A C     1 
ATOM   469 O O     . ILE A 1 70 ? 4.643   -1.851  -9.495  1.00 12.50 ? 249 ILE A O     1 
ATOM   470 C CB    . ILE A 1 70 ? 6.379   0.148   -10.922 1.00 12.86 ? 249 ILE A CB    1 
ATOM   471 C CG1   . ILE A 1 70 ? 7.395   1.293   -11.106 1.00 13.29 ? 249 ILE A CG1   1 
ATOM   472 C CG2   . ILE A 1 70 ? 5.576   -0.036  -12.211 1.00 13.64 ? 249 ILE A CG2   1 
ATOM   473 C CD1   . ILE A 1 70 ? 6.803   2.633   -11.504 1.00 16.11 ? 249 ILE A CD1   1 
ATOM   474 N N     . ILE A 1 71 ? 3.102   -0.207  -9.688  1.00 13.01 ? 250 ILE A N     1 
ATOM   475 C CA    . ILE A 1 71 ? 1.927   -1.087  -9.678  1.00 14.05 ? 250 ILE A CA    1 
ATOM   476 C C     . ILE A 1 71 ? 1.188   -0.847  -10.990 1.00 15.54 ? 250 ILE A C     1 
ATOM   477 O O     . ILE A 1 71 ? 0.730   0.263   -11.241 1.00 15.17 ? 250 ILE A O     1 
ATOM   478 C CB    . ILE A 1 71 ? 0.976   -0.788  -8.494  1.00 13.90 ? 250 ILE A CB    1 
ATOM   479 C CG1   . ILE A 1 71 ? 1.708   -0.970  -7.161  1.00 13.54 ? 250 ILE A CG1   1 
ATOM   480 C CG2   . ILE A 1 71 ? -0.246  -1.713  -8.572  1.00 14.53 ? 250 ILE A CG2   1 
ATOM   481 C CD1   . ILE A 1 71 ? 0.890   -0.674  -5.927  1.00 15.30 ? 250 ILE A CD1   1 
ATOM   482 N N     . LYS A 1 72 ? 1.105   -1.885  -11.828 1.00 17.36 ? 251 LYS A N     1 
ATOM   483 C CA    . LYS A 1 72 ? 0.497   -1.768  -13.170 1.00 19.51 ? 251 LYS A CA    1 
ATOM   484 C C     . LYS A 1 72 ? 1.030   -0.530  -13.936 1.00 18.98 ? 251 LYS A C     1 
ATOM   485 O O     . LYS A 1 72 ? 0.248   0.220   -14.534 1.00 19.69 ? 251 LYS A O     1 
ATOM   486 C CB    . LYS A 1 72 ? -1.049  -1.690  -13.105 1.00 20.37 ? 251 LYS A CB    1 
ATOM   487 C CG    . LYS A 1 72 ? -1.794  -2.510  -12.029 1.00 22.29 ? 251 LYS A CG    1 
ATOM   488 C CD    . LYS A 1 72 ? -3.257  -2.024  -11.835 1.00 22.40 ? 251 LYS A CD    1 
ATOM   489 C CE    . LYS A 1 72 ? -4.278  -2.774  -12.710 1.00 25.32 ? 251 LYS A CE    1 
ATOM   490 N NZ    . LYS A 1 72 ? -5.703  -2.406  -12.393 1.00 24.45 ? 251 LYS A NZ    1 
ATOM   491 N N     . GLY A 1 73 ? 2.346   -0.304  -13.893 1.00 17.61 ? 252 GLY A N     1 
ATOM   492 C CA    . GLY A 1 73 ? 2.983   0.825   -14.604 1.00 16.33 ? 252 GLY A CA    1 
ATOM   493 C C     . GLY A 1 73 ? 2.921   2.202   -13.954 1.00 14.83 ? 252 GLY A C     1 
ATOM   494 O O     . GLY A 1 73 ? 3.436   3.185   -14.502 1.00 15.32 ? 252 GLY A O     1 
ATOM   495 N N     . ILE A 1 74 ? 2.305   2.275   -12.775 1.00 13.40 ? 253 ILE A N     1 
ATOM   496 C CA    . ILE A 1 74 ? 2.083   3.539   -12.064 1.00 13.21 ? 253 ILE A CA    1 
ATOM   497 C C     . ILE A 1 74 ? 3.004   3.614   -10.850 1.00 11.67 ? 253 ILE A C     1 
ATOM   498 O O     . ILE A 1 74 ? 3.144   2.646   -10.121 1.00 10.99 ? 253 ILE A O     1 
ATOM   499 C CB    . ILE A 1 74 ? 0.642   3.631   -11.591 1.00 14.06 ? 253 ILE A CB    1 
ATOM   500 C CG1   . ILE A 1 74 ? -0.296  3.456   -12.790 1.00 16.55 ? 253 ILE A CG1   1 
ATOM   501 C CG2   . ILE A 1 74 ? 0.396   4.960   -10.859 1.00 13.33 ? 253 ILE A CG2   1 
ATOM   502 C CD1   . ILE A 1 74 ? -1.533  2.736   -12.443 1.00 20.43 ? 253 ILE A CD1   1 
ATOM   503 N N     . SER A 1 75 ? 3.670   4.748   -10.682 1.00 11.87 ? 254 SER A N     1 
ATOM   504 C CA    . SER A 1 75 ? 4.552   4.944   -9.533  1.00 11.81 ? 254 SER A CA    1 
ATOM   505 C C     . SER A 1 75 ? 3.754   5.455   -8.362  1.00 11.80 ? 254 SER A C     1 
ATOM   506 O O     . SER A 1 75 ? 3.205   6.552   -8.423  1.00 11.91 ? 254 SER A O     1 
ATOM   507 C CB    . SER A 1 75 ? 5.658   5.937   -9.882  1.00 12.83 ? 254 SER A CB    1 
ATOM   508 O OG    . SER A 1 75 ? 6.450   6.214   -8.743  1.00 13.10 ? 254 SER A OG    1 
ATOM   509 N N     . VAL A 1 76 ? 3.696   4.641   -7.308  1.00 11.42 ? 255 VAL A N     1 
ATOM   510 C CA    . VAL A 1 76 ? 3.043   5.021   -6.047  1.00 12.03 ? 255 VAL A CA    1 
ATOM   511 C C     . VAL A 1 76 ? 4.109   5.286   -4.985  1.00 11.88 ? 255 VAL A C     1 
ATOM   512 O O     . VAL A 1 76 ? 5.177   4.672   -4.998  1.00 12.83 ? 255 VAL A O     1 
ATOM   513 C CB    . VAL A 1 76 ? 2.039   3.927   -5.556  1.00 11.45 ? 255 VAL A CB    1 
ATOM   514 C CG1   . VAL A 1 76 ? 0.937   3.685   -6.619  1.00 12.58 ? 255 VAL A CG1   1 
ATOM   515 C CG2   . VAL A 1 76 ? 2.751   2.615   -5.170  1.00 12.78 ? 255 VAL A CG2   1 
ATOM   516 N N     . HIS A 1 77 ? 3.825   6.189   -4.059  1.00 12.17 ? 256 HIS A N     1 
ATOM   517 C CA    . HIS A 1 77 ? 4.809   6.522   -3.045  1.00 12.92 ? 256 HIS A CA    1 
ATOM   518 C C     . HIS A 1 77 ? 4.385   5.901   -1.732  1.00 13.01 ? 256 HIS A C     1 
ATOM   519 O O     . HIS A 1 77 ? 3.218   5.994   -1.346  1.00 13.64 ? 256 HIS A O     1 
ATOM   520 C CB    . HIS A 1 77 ? 4.965   8.043   -2.869  1.00 13.77 ? 256 HIS A CB    1 
ATOM   521 C CG    . HIS A 1 77 ? 6.072   8.401   -1.925  1.00 14.68 ? 256 HIS A CG    1 
ATOM   522 N ND1   . HIS A 1 77 ? 5.848   8.934   -0.673  1.00 19.86 ? 256 HIS A ND1   1 
ATOM   523 C CD2   . HIS A 1 77 ? 7.411   8.244   -2.034  1.00 15.55 ? 256 HIS A CD2   1 
ATOM   524 C CE1   . HIS A 1 77 ? 7.007   9.116   -0.065  1.00 17.15 ? 256 HIS A CE1   1 
ATOM   525 N NE2   . HIS A 1 77 ? 7.972   8.701   -0.861  1.00 18.78 ? 256 HIS A NE2   1 
ATOM   526 N N     . ILE A 1 78 ? 5.334   5.287   -1.029  1.00 13.12 ? 257 ILE A N     1 
ATOM   527 C CA    . ILE A 1 78 ? 5.040   4.637   0.244   1.00 13.33 ? 257 ILE A CA    1 
ATOM   528 C C     . ILE A 1 78 ? 5.507   5.507   1.410   1.00 14.19 ? 257 ILE A C     1 
ATOM   529 O O     . ILE A 1 78 ? 6.656   5.956   1.435   1.00 14.77 ? 257 ILE A O     1 
ATOM   530 C CB    . ILE A 1 78 ? 5.739   3.256   0.367   1.00 13.18 ? 257 ILE A CB    1 
ATOM   531 C CG1   . ILE A 1 78 ? 5.575   2.413   -0.913  1.00 12.52 ? 257 ILE A CG1   1 
ATOM   532 C CG2   . ILE A 1 78 ? 5.237   2.509   1.615   1.00 14.96 ? 257 ILE A CG2   1 
ATOM   533 C CD1   . ILE A 1 78 ? 4.111   2.175   -1.337  1.00 15.53 ? 257 ILE A CD1   1 
ATOM   534 N N     . SER A 1 79 ? 4.627   5.723   2.380   1.00 15.04 ? 258 SER A N     1 
ATOM   535 C CA    . SER A 1 79 ? 4.970   6.532   3.554   1.00 16.89 ? 258 SER A CA    1 
ATOM   536 C C     . SER A 1 79 ? 4.382   5.905   4.812   1.00 17.37 ? 258 SER A C     1 
ATOM   537 O O     . SER A 1 79 ? 3.528   5.024   4.740   1.00 16.80 ? 258 SER A O     1 
ATOM   538 C CB    . SER A 1 79 ? 4.435   7.953   3.369   1.00 17.26 ? 258 SER A CB    1 
ATOM   539 O OG    . SER A 1 79 ? 5.076   8.844   4.268   1.00 21.44 ? 258 SER A OG    1 
ATOM   540 N N     . ASN A 1 80 ? 4.844   6.338   5.980   1.00 18.81 ? 259 ASN A N     1 
ATOM   541 C CA    . ASN A 1 80 ? 4.233   5.851   7.202   1.00 20.86 ? 259 ASN A CA    1 
ATOM   542 C C     . ASN A 1 80 ? 2.790   6.303   7.309   1.00 21.51 ? 259 ASN A C     1 
ATOM   543 O O     . ASN A 1 80 ? 2.459   7.425   6.921   1.00 21.44 ? 259 ASN A O     1 
ATOM   544 C CB    . ASN A 1 80 ? 5.012   6.345   8.414   1.00 21.54 ? 259 ASN A CB    1 
ATOM   545 C CG    . ASN A 1 80 ? 6.275   5.567   8.623   1.00 24.00 ? 259 ASN A CG    1 
ATOM   546 O OD1   . ASN A 1 80 ? 7.351   6.003   8.222   1.00 30.43 ? 259 ASN A OD1   1 
ATOM   547 N ND2   . ASN A 1 80 ? 6.154   4.388   9.234   1.00 28.48 ? 259 ASN A ND2   1 
ATOM   548 N N     . ALA A 1 81 ? 1.939   5.412   7.812   1.00 23.17 ? 260 ALA A N     1 
ATOM   549 C CA    . ALA A 1 81 ? 0.564   5.752   8.129   1.00 25.53 ? 260 ALA A CA    1 
ATOM   550 C C     . ALA A 1 81 ? 0.543   6.463   9.477   1.00 27.17 ? 260 ALA A C     1 
ATOM   551 O O     . ALA A 1 81 ? 1.166   5.999   10.437  1.00 27.57 ? 260 ALA A O     1 
ATOM   552 C CB    . ALA A 1 81 ? -0.294  4.506   8.182   1.00 25.41 ? 260 ALA A CB    1 
ATOM   553 N N     . GLU A 1 82 ? -0.145  7.595   9.535   1.00 29.04 ? 261 GLU A N     1 
ATOM   554 C CA    . GLU A 1 82 ? -0.275  8.339   10.790  1.00 30.85 ? 261 GLU A CA    1 
ATOM   555 C C     . GLU A 1 82 ? -1.727  8.396   11.258  1.00 31.45 ? 261 GLU A C     1 
ATOM   556 O O     . GLU A 1 82 ? -2.642  8.073   10.495  1.00 32.39 ? 261 GLU A O     1 
ATOM   557 C CB    . GLU A 1 82 ? 0.344   9.741   10.679  1.00 31.57 ? 261 GLU A CB    1 
ATOM   558 C CG    . GLU A 1 82 ? 0.095   10.487  9.369   1.00 34.26 ? 261 GLU A CG    1 
ATOM   559 C CD    . GLU A 1 82 ? -1.191  11.296  9.370   1.00 36.75 ? 261 GLU A CD    1 
ATOM   560 O OE1   . GLU A 1 82 ? -2.281  10.699  9.469   1.00 38.55 ? 261 GLU A OE1   1 
ATOM   561 O OE2   . GLU A 1 82 ? -1.114  12.541  9.247   1.00 39.45 ? 261 GLU A OE2   1 
ATOM   562 P P     . DT  B 2 2  ? -3.970  15.520  -2.058  0.50 35.42 ? 2   DT  B P     1 
ATOM   563 O OP1   . DT  B 2 2  ? -4.664  15.989  -3.281  0.50 34.87 ? 2   DT  B OP1   1 
ATOM   564 O OP2   . DT  B 2 2  ? -4.095  16.290  -0.798  0.50 34.95 ? 2   DT  B OP2   1 
ATOM   565 O "O5'" . DT  B 2 2  ? -4.399  14.009  -1.745  0.50 32.54 ? 2   DT  B "O5'" 1 
ATOM   566 C "C5'" . DT  B 2 2  ? -3.709  12.921  -2.366  0.50 32.28 ? 2   DT  B "C5'" 1 
ATOM   567 C "C4'" . DT  B 2 2  ? -2.841  12.181  -1.360  0.50 30.94 ? 2   DT  B "C4'" 1 
ATOM   568 O "O4'" . DT  B 2 2  ? -1.753  11.524  -2.055  0.50 30.39 ? 2   DT  B "O4'" 1 
ATOM   569 C "C3'" . DT  B 2 2  ? -2.208  13.075  -0.293  0.50 31.16 ? 2   DT  B "C3'" 1 
ATOM   570 O "O3'" . DT  B 2 2  ? -2.536  12.616  1.012   0.50 33.00 ? 2   DT  B "O3'" 1 
ATOM   571 C "C2'" . DT  B 2 2  ? -0.709  13.019  -0.543  0.50 30.04 ? 2   DT  B "C2'" 1 
ATOM   572 C "C1'" . DT  B 2 2  ? -0.541  11.756  -1.375  0.50 28.94 ? 2   DT  B "C1'" 1 
ATOM   573 N N1    . DT  B 2 2  ? 0.555   11.910  -2.358  0.50 28.14 ? 2   DT  B N1    1 
ATOM   574 C C2    . DT  B 2 2  ? 1.774   11.316  -2.100  0.50 28.19 ? 2   DT  B C2    1 
ATOM   575 O O2    . DT  B 2 2  ? 2.006   10.650  -1.103  0.50 28.49 ? 2   DT  B O2    1 
ATOM   576 N N3    . DT  B 2 2  ? 2.730   11.537  -3.061  0.50 26.62 ? 2   DT  B N3    1 
ATOM   577 C C4    . DT  B 2 2  ? 2.582   12.268  -4.220  0.50 26.60 ? 2   DT  B C4    1 
ATOM   578 O O4    . DT  B 2 2  ? 3.505   12.392  -5.009  0.50 27.77 ? 2   DT  B O4    1 
ATOM   579 C C5    . DT  B 2 2  ? 1.279   12.866  -4.432  0.50 26.91 ? 2   DT  B C5    1 
ATOM   580 C C7    . DT  B 2 2  ? 0.975   13.666  -5.666  0.50 25.71 ? 2   DT  B C7    1 
ATOM   581 C C6    . DT  B 2 2  ? 0.342   12.664  -3.500  0.50 27.28 ? 2   DT  B C6    1 
ATOM   582 P P     . DT  B 2 3  ? -3.164  13.663  2.047   1.00 35.72 ? 3   DT  B P     1 
ATOM   583 O OP1   . DT  B 2 3  ? -4.360  14.238  1.379   1.00 34.35 ? 3   DT  B OP1   1 
ATOM   584 O OP2   . DT  B 2 3  ? -2.100  14.572  2.529   1.00 35.38 ? 3   DT  B OP2   1 
ATOM   585 O "O5'" . DT  B 2 3  ? -3.643  12.757  3.293   1.00 32.30 ? 3   DT  B "O5'" 1 
ATOM   586 C "C5'" . DT  B 2 3  ? -4.751  11.868  3.201   1.00 28.27 ? 3   DT  B "C5'" 1 
ATOM   587 C "C4'" . DT  B 2 3  ? -4.938  11.004  4.445   1.00 24.88 ? 3   DT  B "C4'" 1 
ATOM   588 O "O4'" . DT  B 2 3  ? -3.830  10.079  4.594   1.00 21.24 ? 3   DT  B "O4'" 1 
ATOM   589 C "C3'" . DT  B 2 3  ? -5.026  11.758  5.770   1.00 25.54 ? 3   DT  B "C3'" 1 
ATOM   590 O "O3'" . DT  B 2 3  ? -5.993  11.172  6.608   1.00 27.98 ? 3   DT  B "O3'" 1 
ATOM   591 C "C2'" . DT  B 2 3  ? -3.636  11.601  6.386   1.00 23.06 ? 3   DT  B "C2'" 1 
ATOM   592 C "C1'" . DT  B 2 3  ? -3.164  10.262  5.823   1.00 22.22 ? 3   DT  B "C1'" 1 
ATOM   593 N N1    . DT  B 2 3  ? -1.710  10.210  5.496   1.00 21.40 ? 3   DT  B N1    1 
ATOM   594 C C2    . DT  B 2 3  ? -0.910  9.252   6.080   1.00 20.53 ? 3   DT  B C2    1 
ATOM   595 O O2    . DT  B 2 3  ? -1.317  8.421   6.871   1.00 20.40 ? 3   DT  B O2    1 
ATOM   596 N N3    . DT  B 2 3  ? 0.408   9.297   5.691   1.00 20.72 ? 3   DT  B N3    1 
ATOM   597 C C4    . DT  B 2 3  ? 0.988   10.179  4.795   1.00 22.61 ? 3   DT  B C4    1 
ATOM   598 O O4    . DT  B 2 3  ? 2.185   10.127  4.509   1.00 22.87 ? 3   DT  B O4    1 
ATOM   599 C C5    . DT  B 2 3  ? 0.093   11.145  4.209   1.00 22.53 ? 3   DT  B C5    1 
ATOM   600 C C7    . DT  B 2 3  ? 0.597   12.152  3.212   1.00 24.99 ? 3   DT  B C7    1 
ATOM   601 C C6    . DT  B 2 3  ? -1.195  11.116  4.583   1.00 22.33 ? 3   DT  B C6    1 
ATOM   602 P P     . DG  B 2 4  ? -7.561  11.421  6.357   1.00 30.33 ? 4   DG  B P     1 
ATOM   603 O OP1   . DG  B 2 4  ? -7.792  12.697  5.628   1.00 31.22 ? 4   DG  B OP1   1 
ATOM   604 O OP2   . DG  B 2 4  ? -8.169  11.156  7.675   1.00 31.46 ? 4   DG  B OP2   1 
ATOM   605 O "O5'" . DG  B 2 4  ? -7.970  10.255  5.347   1.00 29.59 ? 4   DG  B "O5'" 1 
ATOM   606 C "C5'" . DG  B 2 4  ? -7.724  8.916   5.667   1.00 27.87 ? 4   DG  B "C5'" 1 
ATOM   607 C "C4'" . DG  B 2 4  ? -8.943  8.053   5.402   1.00 26.03 ? 4   DG  B "C4'" 1 
ATOM   608 O "O4'" . DG  B 2 4  ? -8.552  6.665   5.517   1.00 24.22 ? 4   DG  B "O4'" 1 
ATOM   609 C "C3'" . DG  B 2 4  ? -10.090 8.159   6.398   1.00 25.92 ? 4   DG  B "C3'" 1 
ATOM   610 O "O3'" . DG  B 2 4  ? -11.175 7.445   5.853   1.00 27.27 ? 4   DG  B "O3'" 1 
ATOM   611 C "C2'" . DG  B 2 4  ? -9.518  7.364   7.557   1.00 25.09 ? 4   DG  B "C2'" 1 
ATOM   612 C "C1'" . DG  B 2 4  ? -8.954  6.167   6.785   1.00 23.68 ? 4   DG  B "C1'" 1 
ATOM   613 N N9    . DG  B 2 4  ? -7.812  5.504   7.409   1.00 23.48 ? 4   DG  B N9    1 
ATOM   614 C C8    . DG  B 2 4  ? -7.652  4.142   7.501   1.00 23.05 ? 4   DG  B C8    1 
ATOM   615 N N7    . DG  B 2 4  ? -6.551  3.791   8.105   1.00 23.39 ? 4   DG  B N7    1 
ATOM   616 C C5    . DG  B 2 4  ? -5.939  4.995   8.430   1.00 22.60 ? 4   DG  B C5    1 
ATOM   617 C C6    . DG  B 2 4  ? -4.707  5.245   9.088   1.00 22.84 ? 4   DG  B C6    1 
ATOM   618 O O6    . DG  B 2 4  ? -3.904  4.419   9.535   1.00 23.76 ? 4   DG  B O6    1 
ATOM   619 N N1    . DG  B 2 4  ? -4.426  6.600   9.235   1.00 23.72 ? 4   DG  B N1    1 
ATOM   620 C C2    . DG  B 2 4  ? -5.244  7.608   8.788   1.00 23.34 ? 4   DG  B C2    1 
ATOM   621 N N2    . DG  B 2 4  ? -4.803  8.854   9.012   1.00 23.47 ? 4   DG  B N2    1 
ATOM   622 N N3    . DG  B 2 4  ? -6.399  7.391   8.155   1.00 23.75 ? 4   DG  B N3    1 
ATOM   623 C C4    . DG  B 2 4  ? -6.698  6.071   8.013   1.00 22.53 ? 4   DG  B C4    1 
ATOM   624 P P     . DA  B 2 5  ? -12.702 7.747   6.239   1.00 29.82 ? 5   DA  B P     1 
ATOM   625 O OP1   . DA  B 2 5  ? -13.381 8.081   4.961   1.00 31.21 ? 5   DA  B OP1   1 
ATOM   626 O OP2   . DA  B 2 5  ? -12.737 8.711   7.359   1.00 30.70 ? 5   DA  B OP2   1 
ATOM   627 O "O5'" . DA  B 2 5  ? -13.263 6.331   6.690   1.00 28.82 ? 5   DA  B "O5'" 1 
ATOM   628 C "C5'" . DA  B 2 5  ? -12.793 5.683   7.867   1.00 28.34 ? 5   DA  B "C5'" 1 
ATOM   629 C "C4'" . DA  B 2 5  ? -13.906 4.786   8.375   1.00 27.76 ? 5   DA  B "C4'" 1 
ATOM   630 O "O4'" . DA  B 2 5  ? -13.464 3.965   9.485   1.00 27.49 ? 5   DA  B "O4'" 1 
ATOM   631 C "C3'" . DA  B 2 5  ? -15.143 5.515   8.876   1.00 28.90 ? 5   DA  B "C3'" 1 
ATOM   632 O "O3'" . DA  B 2 5  ? -16.243 4.690   8.521   1.00 30.70 ? 5   DA  B "O3'" 1 
ATOM   633 C "C2'" . DA  B 2 5  ? -14.870 5.616   10.377  1.00 28.16 ? 5   DA  B "C2'" 1 
ATOM   634 C "C1'" . DA  B 2 5  ? -14.180 4.290   10.665  1.00 27.09 ? 5   DA  B "C1'" 1 
ATOM   635 N N9    . DA  B 2 5  ? -13.154 4.285   11.704  1.00 25.82 ? 5   DA  B N9    1 
ATOM   636 C C8    . DA  B 2 5  ? -12.279 5.289   12.013  1.00 25.83 ? 5   DA  B C8    1 
ATOM   637 N N7    . DA  B 2 5  ? -11.443 4.972   12.974  1.00 26.24 ? 5   DA  B N7    1 
ATOM   638 C C5    . DA  B 2 5  ? -11.781 3.676   13.306  1.00 25.87 ? 5   DA  B C5    1 
ATOM   639 C C6    . DA  B 2 5  ? -11.263 2.767   14.260  1.00 26.68 ? 5   DA  B C6    1 
ATOM   640 N N6    . DA  B 2 5  ? -10.251 3.084   15.072  1.00 26.96 ? 5   DA  B N6    1 
ATOM   641 N N1    . DA  B 2 5  ? -11.836 1.539   14.348  1.00 26.59 ? 5   DA  B N1    1 
ATOM   642 C C2    . DA  B 2 5  ? -12.851 1.240   13.518  1.00 26.45 ? 5   DA  B C2    1 
ATOM   643 N N3    . DA  B 2 5  ? -13.417 2.012   12.576  1.00 26.64 ? 5   DA  B N3    1 
ATOM   644 C C4    . DA  B 2 5  ? -12.833 3.226   12.524  1.00 26.19 ? 5   DA  B C4    1 
ATOM   645 P P     . DG  B 2 6  ? -17.766 5.072   8.843   1.00 31.71 ? 6   DG  B P     1 
ATOM   646 O OP1   . DG  B 2 6  ? -18.607 4.330   7.872   1.00 32.27 ? 6   DG  B OP1   1 
ATOM   647 O OP2   . DG  B 2 6  ? -17.866 6.540   8.977   1.00 32.09 ? 6   DG  B OP2   1 
ATOM   648 O "O5'" . DG  B 2 6  ? -17.971 4.354   10.258  1.00 32.66 ? 6   DG  B "O5'" 1 
ATOM   649 C "C5'" . DG  B 2 6  ? -17.923 2.926   10.328  1.00 32.70 ? 6   DG  B "C5'" 1 
ATOM   650 C "C4'" . DG  B 2 6  ? -17.914 2.447   11.764  1.00 34.27 ? 6   DG  B "C4'" 1 
ATOM   651 O "O4'" . DG  B 2 6  ? -16.743 2.972   12.436  1.00 33.98 ? 6   DG  B "O4'" 1 
ATOM   652 C "C3'" . DG  B 2 6  ? -19.129 2.881   12.580  1.00 34.75 ? 6   DG  B "C3'" 1 
ATOM   653 O "O3'" . DG  B 2 6  ? -19.802 1.709   13.066  1.00 37.00 ? 6   DG  B "O3'" 1 
ATOM   654 C "C2'" . DG  B 2 6  ? -18.553 3.770   13.689  1.00 34.21 ? 6   DG  B "C2'" 1 
ATOM   655 C "C1'" . DG  B 2 6  ? -17.082 3.359   13.752  1.00 31.89 ? 6   DG  B "C1'" 1 
ATOM   656 N N9    . DG  B 2 6  ? -16.128 4.409   14.113  1.00 31.26 ? 6   DG  B N9    1 
ATOM   657 C C8    . DG  B 2 6  ? -16.108 5.693   13.627  1.00 30.29 ? 6   DG  B C8    1 
ATOM   658 N N7    . DG  B 2 6  ? -15.139 6.417   14.101  1.00 30.72 ? 6   DG  B N7    1 
ATOM   659 C C5    . DG  B 2 6  ? -14.453 5.560   14.955  1.00 30.08 ? 6   DG  B C5    1 
ATOM   660 C C6    . DG  B 2 6  ? -13.301 5.791   15.752  1.00 30.13 ? 6   DG  B C6    1 
ATOM   661 O O6    . DG  B 2 6  ? -12.637 6.829   15.866  1.00 30.33 ? 6   DG  B O6    1 
ATOM   662 N N1    . DG  B 2 6  ? -12.932 4.657   16.476  1.00 30.76 ? 6   DG  B N1    1 
ATOM   663 C C2    . DG  B 2 6  ? -13.582 3.447   16.433  1.00 30.80 ? 6   DG  B C2    1 
ATOM   664 N N2    . DG  B 2 6  ? -13.054 2.478   17.200  1.00 30.76 ? 6   DG  B N2    1 
ATOM   665 N N3    . DG  B 2 6  ? -14.664 3.213   15.684  1.00 30.36 ? 6   DG  B N3    1 
ATOM   666 C C4    . DG  B 2 6  ? -15.045 4.310   14.972  1.00 30.26 ? 6   DG  B C4    1 
ATOM   667 P P     . DC  B 2 7  ? -21.127 1.780   13.978  1.00 38.08 ? 7   DC  B P     1 
ATOM   668 O OP1   . DC  B 2 7  ? -21.891 0.538   13.707  1.00 38.70 ? 7   DC  B OP1   1 
ATOM   669 O OP2   . DC  B 2 7  ? -21.775 3.105   13.842  1.00 36.56 ? 7   DC  B OP2   1 
ATOM   670 O "O5'" . DC  B 2 7  ? -20.502 1.658   15.440  1.00 35.80 ? 7   DC  B "O5'" 1 
ATOM   671 C "C5'" . DC  B 2 7  ? -19.703 0.525   15.750  1.00 34.47 ? 7   DC  B "C5'" 1 
ATOM   672 C "C4'" . DC  B 2 7  ? -19.054 0.718   17.102  1.00 33.36 ? 7   DC  B "C4'" 1 
ATOM   673 O "O4'" . DC  B 2 7  ? -18.090 1.792   17.007  1.00 31.90 ? 7   DC  B "O4'" 1 
ATOM   674 C "C3'" . DC  B 2 7  ? -20.022 1.106   18.222  1.00 33.37 ? 7   DC  B "C3'" 1 
ATOM   675 O "O3'" . DC  B 2 7  ? -19.733 0.289   19.336  1.00 34.18 ? 7   DC  B "O3'" 1 
ATOM   676 C "C2'" . DC  B 2 7  ? -19.710 2.580   18.484  1.00 31.39 ? 7   DC  B "C2'" 1 
ATOM   677 C "C1'" . DC  B 2 7  ? -18.215 2.565   18.181  1.00 30.10 ? 7   DC  B "C1'" 1 
ATOM   678 N N1    . DC  B 2 7  ? -17.572 3.896   17.980  1.00 28.48 ? 7   DC  B N1    1 
ATOM   679 C C2    . DC  B 2 7  ? -16.361 4.156   18.645  1.00 27.77 ? 7   DC  B C2    1 
ATOM   680 O O2    . DC  B 2 7  ? -15.866 3.278   19.371  1.00 28.80 ? 7   DC  B O2    1 
ATOM   681 N N3    . DC  B 2 7  ? -15.777 5.370   18.468  1.00 27.88 ? 7   DC  B N3    1 
ATOM   682 C C4    . DC  B 2 7  ? -16.348 6.282   17.671  1.00 27.89 ? 7   DC  B C4    1 
ATOM   683 N N4    . DC  B 2 7  ? -15.742 7.462   17.514  1.00 28.58 ? 7   DC  B N4    1 
ATOM   684 C C5    . DC  B 2 7  ? -17.575 6.030   16.983  1.00 28.05 ? 7   DC  B C5    1 
ATOM   685 C C6    . DC  B 2 7  ? -18.146 4.836   17.168  1.00 27.54 ? 7   DC  B C6    1 
ATOM   686 P P     . DG  B 2 8  ? -20.725 0.225   20.595  1.00 35.13 ? 8   DG  B P     1 
ATOM   687 O OP1   . DG  B 2 8  ? -20.399 -1.026  21.312  1.00 35.57 ? 8   DG  B OP1   1 
ATOM   688 O OP2   . DG  B 2 8  ? -22.108 0.514   20.146  1.00 35.27 ? 8   DG  B OP2   1 
ATOM   689 O "O5'" . DG  B 2 8  ? -20.222 1.463   21.478  1.00 33.72 ? 8   DG  B "O5'" 1 
ATOM   690 C "C5'" . DG  B 2 8  ? -18.892 1.508   21.979  1.00 32.73 ? 8   DG  B "C5'" 1 
ATOM   691 C "C4'" . DG  B 2 8  ? -18.615 2.880   22.564  1.00 31.43 ? 8   DG  B "C4'" 1 
ATOM   692 O "O4'" . DG  B 2 8  ? -18.525 3.849   21.488  1.00 29.91 ? 8   DG  B "O4'" 1 
ATOM   693 C "C3'" . DG  B 2 8  ? -19.699 3.409   23.504  1.00 31.62 ? 8   DG  B "C3'" 1 
ATOM   694 O "O3'" . DG  B 2 8  ? -19.078 4.123   24.552  1.00 33.61 ? 8   DG  B "O3'" 1 
ATOM   695 C "C2'" . DG  B 2 8  ? -20.474 4.373   22.621  1.00 31.31 ? 8   DG  B "C2'" 1 
ATOM   696 C "C1'" . DG  B 2 8  ? -19.290 4.967   21.862  1.00 28.24 ? 8   DG  B "C1'" 1 
ATOM   697 N N9    . DG  B 2 8  ? -19.661 5.811   20.733  1.00 27.32 ? 8   DG  B N9    1 
ATOM   698 C C8    . DG  B 2 8  ? -20.764 5.701   19.913  1.00 27.30 ? 8   DG  B C8    1 
ATOM   699 N N7    . DG  B 2 8  ? -20.832 6.638   19.006  1.00 26.87 ? 8   DG  B N7    1 
ATOM   700 C C5    . DG  B 2 8  ? -19.706 7.425   19.243  1.00 27.02 ? 8   DG  B C5    1 
ATOM   701 C C6    . DG  B 2 8  ? -19.234 8.588   18.581  1.00 27.61 ? 8   DG  B C6    1 
ATOM   702 O O6    . DG  B 2 8  ? -19.732 9.180   17.615  1.00 27.99 ? 8   DG  B O6    1 
ATOM   703 N N1    . DG  B 2 8  ? -18.044 9.071   19.143  1.00 27.74 ? 8   DG  B N1    1 
ATOM   704 C C2    . DG  B 2 8  ? -17.400 8.490   20.217  1.00 27.21 ? 8   DG  B C2    1 
ATOM   705 N N2    . DG  B 2 8  ? -16.267 9.076   20.640  1.00 27.62 ? 8   DG  B N2    1 
ATOM   706 N N3    . DG  B 2 8  ? -17.829 7.405   20.844  1.00 26.57 ? 8   DG  B N3    1 
ATOM   707 C C4    . DG  B 2 8  ? -18.983 6.927   20.307  1.00 26.91 ? 8   DG  B C4    1 
ATOM   708 P P     . DT  B 2 9  ? -19.696 4.172   26.029  1.00 33.98 ? 9   DT  B P     1 
ATOM   709 O OP1   . DT  B 2 9  ? -19.893 2.789   26.508  1.00 33.68 ? 9   DT  B OP1   1 
ATOM   710 O OP2   . DT  B 2 9  ? -20.814 5.143   26.002  1.00 33.18 ? 9   DT  B OP2   1 
ATOM   711 O "O5'" . DT  B 2 9  ? -18.466 4.805   26.839  1.00 31.18 ? 9   DT  B "O5'" 1 
ATOM   712 C "C5'" . DT  B 2 9  ? -17.161 4.218   26.692  1.00 29.10 ? 9   DT  B "C5'" 1 
ATOM   713 C "C4'" . DT  B 2 9  ? -16.080 5.280   26.818  1.00 27.07 ? 9   DT  B "C4'" 1 
ATOM   714 O "O4'" . DT  B 2 9  ? -16.150 6.201   25.701  1.00 26.33 ? 9   DT  B "O4'" 1 
ATOM   715 C "C3'" . DT  B 2 9  ? -16.195 6.139   28.077  1.00 27.13 ? 9   DT  B "C3'" 1 
ATOM   716 O "O3'" . DT  B 2 9  ? -14.919 6.459   28.585  1.00 27.86 ? 9   DT  B "O3'" 1 
ATOM   717 C "C2'" . DT  B 2 9  ? -16.907 7.400   27.589  1.00 26.53 ? 9   DT  B "C2'" 1 
ATOM   718 C "C1'" . DT  B 2 9  ? -16.322 7.523   26.183  1.00 25.67 ? 9   DT  B "C1'" 1 
ATOM   719 N N1    . DT  B 2 9  ? -17.132 8.295   25.186  1.00 25.55 ? 9   DT  B N1    1 
ATOM   720 C C2    . DT  B 2 9  ? -16.633 9.504   24.724  1.00 25.04 ? 9   DT  B C2    1 
ATOM   721 O O2    . DT  B 2 9  ? -15.577 10.005  25.080  1.00 25.69 ? 9   DT  B O2    1 
ATOM   722 N N3    . DT  B 2 9  ? -17.411 10.144  23.805  1.00 25.50 ? 9   DT  B N3    1 
ATOM   723 C C4    . DT  B 2 9  ? -18.625 9.709   23.300  1.00 24.87 ? 9   DT  B C4    1 
ATOM   724 O O4    . DT  B 2 9  ? -19.236 10.371  22.463  1.00 26.42 ? 9   DT  B O4    1 
ATOM   725 C C5    . DT  B 2 9  ? -19.096 8.444   23.817  1.00 24.78 ? 9   DT  B C5    1 
ATOM   726 C C7    . DT  B 2 9  ? -20.494 7.998   23.505  1.00 25.85 ? 9   DT  B C7    1 
ATOM   727 C C6    . DT  B 2 9  ? -18.338 7.790   24.716  1.00 23.63 ? 9   DT  B C6    1 
ATOM   728 P P     . DT  B 2 10 ? -14.106 5.443   29.526  1.00 30.29 ? 10  DT  B P     1 
ATOM   729 O OP1   . DT  B 2 10 ? -13.678 4.266   28.715  1.00 32.53 ? 10  DT  B OP1   1 
ATOM   730 O OP2   . DT  B 2 10 ? -14.894 5.228   30.767  1.00 30.67 ? 10  DT  B OP2   1 
ATOM   731 O "O5'" . DT  B 2 10 ? -12.800 6.309   29.848  1.00 30.47 ? 10  DT  B "O5'" 1 
ATOM   732 C "C5'" . DT  B 2 10 ? -11.918 6.745   28.795  1.00 30.39 ? 10  DT  B "C5'" 1 
ATOM   733 C "C4'" . DT  B 2 10 ? -10.790 7.607   29.339  1.00 29.54 ? 10  DT  B "C4'" 1 
ATOM   734 O "O4'" . DT  B 2 10 ? -11.364 8.862   29.792  1.00 28.56 ? 10  DT  B "O4'" 1 
ATOM   735 C "C3'" . DT  B 2 10 ? -10.034 7.022   30.530  1.00 30.32 ? 10  DT  B "C3'" 1 
ATOM   736 O "O3'" . DT  B 2 10 ? -8.845  6.346   30.110  1.00 33.69 ? 10  DT  B "O3'" 1 
ATOM   737 C "C2'" . DT  B 2 10 ? -9.696  8.238   31.385  1.00 28.35 ? 10  DT  B "C2'" 1 
ATOM   738 C "C1'" . DT  B 2 10 ? -10.796 9.236   31.032  1.00 25.31 ? 10  DT  B "C1'" 1 
ATOM   739 N N1    . DT  B 2 10 ? -11.903 9.346   32.056  1.00 23.32 ? 10  DT  B N1    1 
ATOM   740 C C2    . DT  B 2 10 ? -12.254 10.609  32.497  1.00 23.63 ? 10  DT  B C2    1 
ATOM   741 O O2    . DT  B 2 10 ? -11.735 11.644  32.104  1.00 23.22 ? 10  DT  B O2    1 
ATOM   742 N N3    . DT  B 2 10 ? -13.278 10.620  33.420  1.00 21.66 ? 10  DT  B N3    1 
ATOM   743 C C4    . DT  B 2 10 ? -13.945 9.518   33.937  1.00 23.02 ? 10  DT  B C4    1 
ATOM   744 O O4    . DT  B 2 10 ? -14.841 9.633   34.765  1.00 20.18 ? 10  DT  B O4    1 
ATOM   745 C C5    . DT  B 2 10 ? -13.524 8.229   33.436  1.00 22.61 ? 10  DT  B C5    1 
ATOM   746 C C7    . DT  B 2 10 ? -14.258 6.985   33.844  1.00 22.80 ? 10  DT  B C7    1 
ATOM   747 C C6    . DT  B 2 10 ? -12.534 8.205   32.530  1.00 23.28 ? 10  DT  B C6    1 
HETATM 748 P P     . PO4 C 3 .  ? 4.223   13.280  -0.404  1.00 35.77 ? 11  PO4 B P     1 
HETATM 749 O O1    . PO4 C 3 .  ? 5.361   13.409  0.574   1.00 36.40 ? 11  PO4 B O1    1 
HETATM 750 O O2    . PO4 C 3 .  ? 4.736   12.563  -1.644  1.00 34.33 ? 11  PO4 B O2    1 
HETATM 751 O O3    . PO4 C 3 .  ? 3.154   12.440  0.256   1.00 36.23 ? 11  PO4 B O3    1 
HETATM 752 O O4    . PO4 C 3 .  ? 3.692   14.665  -0.731  1.00 34.85 ? 11  PO4 B O4    1 
HETATM 753 O O     . HOH D 4 .  ? -7.494  6.638   -13.775 1.00 39.18 ? 1   HOH A O     1 
HETATM 754 O O     . HOH D 4 .  ? 2.129   -11.937 -4.701  1.00 38.25 ? 2   HOH A O     1 
HETATM 755 O O     . HOH D 4 .  ? -5.230  6.316   -15.099 0.50 20.88 ? 3   HOH A O     1 
HETATM 756 O O     . HOH D 4 .  ? -1.487  -14.257 10.310  1.00 24.95 ? 4   HOH A O     1 
HETATM 757 O O     . HOH D 4 .  ? -10.477 2.768   -5.871  1.00 29.34 ? 5   HOH A O     1 
HETATM 758 O O     . HOH D 4 .  ? -9.522  -6.766  -8.596  1.00 33.06 ? 6   HOH A O     1 
HETATM 759 O O     . HOH D 4 .  ? 12.773  2.516   4.219   1.00 28.44 ? 7   HOH A O     1 
HETATM 760 O O     . HOH D 4 .  ? -6.905  -0.684  7.610   1.00 29.76 ? 8   HOH A O     1 
HETATM 761 O O     . HOH D 4 .  ? -3.317  8.834   -9.028  1.00 27.70 ? 9   HOH A O     1 
HETATM 762 O O     . HOH D 4 .  ? -10.772 12.584  -5.446  1.00 25.96 ? 10  HOH A O     1 
HETATM 763 O O     . HOH D 4 .  ? -1.395  -6.583  -8.198  1.00 28.00 ? 11  HOH A O     1 
HETATM 764 O O     . HOH D 4 .  ? -7.850  4.151   -13.497 1.00 41.65 ? 12  HOH A O     1 
HETATM 765 O O     . HOH D 4 .  ? -11.643 -0.157  -5.700  1.00 39.33 ? 13  HOH A O     1 
HETATM 766 O O     . HOH D 4 .  ? -5.264  8.984   -11.029 1.00 32.23 ? 14  HOH A O     1 
HETATM 767 O O     . HOH D 4 .  ? 9.304   -9.117  -3.751  1.00 37.16 ? 16  HOH A O     1 
HETATM 768 O O     . HOH D 4 .  ? -13.736 5.934   2.919   1.00 28.92 ? 17  HOH A O     1 
HETATM 769 O O     . HOH D 4 .  ? 6.284   9.844   7.395   1.00 33.69 ? 18  HOH A O     1 
HETATM 770 O O     . HOH D 4 .  ? -7.047  13.098  -2.511  1.00 37.14 ? 19  HOH A O     1 
HETATM 771 O O     . HOH D 4 .  ? -13.506 9.149   0.698   1.00 33.52 ? 20  HOH A O     1 
HETATM 772 O O     . HOH D 4 .  ? 7.703   10.102  -4.874  1.00 22.05 ? 21  HOH A O     1 
HETATM 773 O O     . HOH D 4 .  ? -9.787  -12.985 -8.175  1.00 35.67 ? 23  HOH A O     1 
HETATM 774 O O     . HOH D 4 .  ? -7.633  7.155   -11.253 1.00 23.54 ? 24  HOH A O     1 
HETATM 775 O O     . HOH D 4 .  ? -9.177  -1.628  6.444   1.00 25.21 ? 25  HOH A O     1 
HETATM 776 O O     . HOH D 4 .  ? 3.248   3.899   -17.009 1.00 25.69 ? 26  HOH A O     1 
HETATM 777 O O     . HOH D 4 .  ? 10.887  8.624   -7.025  0.25 25.31 ? 27  HOH A O     1 
HETATM 778 O O     . HOH D 4 .  ? -4.483  -3.781  -15.953 1.00 49.51 ? 28  HOH A O     1 
HETATM 779 O O     . HOH D 4 .  ? 5.163   -11.635 6.858   1.00 22.09 ? 29  HOH A O     1 
HETATM 780 O O     . HOH D 4 .  ? 7.813   -11.288 7.188   1.00 33.70 ? 30  HOH A O     1 
HETATM 781 O O     . HOH D 4 .  ? -12.913 4.276   -3.906  1.00 35.91 ? 32  HOH A O     1 
HETATM 782 O O     . HOH D 4 .  ? 1.822   8.406   -10.213 1.00 11.86 ? 33  HOH A O     1 
HETATM 783 O O     . HOH D 4 .  ? 12.644  6.349   -3.214  1.00 18.01 ? 34  HOH A O     1 
HETATM 784 O O     . HOH D 4 .  ? -9.519  6.139   -2.679  1.00 17.51 ? 35  HOH A O     1 
HETATM 785 O O     . HOH D 4 .  ? 8.644   8.209   -8.305  0.50 21.05 ? 36  HOH A O     1 
HETATM 786 O O     . HOH D 4 .  ? -4.888  -1.074  6.005   1.00 21.15 ? 37  HOH A O     1 
HETATM 787 O O     . HOH D 4 .  ? 4.165   -8.820  7.136   1.00 18.11 ? 38  HOH A O     1 
HETATM 788 O O     . HOH D 4 .  ? -7.418  4.964   -3.834  1.00 14.20 ? 39  HOH A O     1 
HETATM 789 O O     . HOH D 4 .  ? 13.105  -2.430  0.313   1.00 19.14 ? 40  HOH A O     1 
HETATM 790 O O     . HOH D 4 .  ? -0.885  7.884   -10.145 1.00 12.49 ? 41  HOH A O     1 
HETATM 791 O O     . HOH D 4 .  ? 14.335  -0.132  2.676   1.00 23.23 ? 42  HOH A O     1 
HETATM 792 O O     . HOH D 4 .  ? -1.042  7.207   -13.331 0.50 14.96 ? 43  HOH A O     1 
HETATM 793 O O     . HOH D 4 .  ? 9.857   -3.752  -4.901  1.00 19.14 ? 44  HOH A O     1 
HETATM 794 O O     . HOH D 4 .  ? 9.414   -6.194  -6.435  1.00 24.52 ? 45  HOH A O     1 
HETATM 795 O O     . HOH D 4 .  ? -10.912 -6.135  -4.155  1.00 24.06 ? 46  HOH A O     1 
HETATM 796 O O     . HOH D 4 .  ? -11.423 -2.456  -3.810  1.00 25.27 ? 47  HOH A O     1 
HETATM 797 O O     . HOH D 4 .  ? 3.706   -13.258 8.646   1.00 25.69 ? 48  HOH A O     1 
HETATM 798 O O     . HOH D 4 .  ? 1.752   -4.553  -11.041 1.00 31.00 ? 49  HOH A O     1 
HETATM 799 O O     . HOH D 4 .  ? -7.607  2.616   -5.749  1.00 21.34 ? 50  HOH A O     1 
HETATM 800 O O     . HOH D 4 .  ? -3.199  -12.249 5.822   1.00 40.80 ? 52  HOH A O     1 
HETATM 801 O O     . HOH D 4 .  ? 3.850   -2.739  -13.667 1.00 29.52 ? 54  HOH A O     1 
HETATM 802 O O     . HOH D 4 .  ? -3.524  1.108   -14.424 1.00 48.43 ? 57  HOH A O     1 
HETATM 803 O O     . HOH D 4 .  ? 1.691   2.027   11.338  1.00 43.34 ? 58  HOH A O     1 
HETATM 804 O O     . HOH D 4 .  ? 3.799   3.482   9.524   1.00 43.19 ? 59  HOH A O     1 
HETATM 805 O O     . HOH D 4 .  ? -9.242  -3.203  -11.820 1.00 41.59 ? 60  HOH A O     1 
HETATM 806 O O     . HOH D 4 .  ? 9.996   -7.647  3.180   1.00 42.03 ? 61  HOH A O     1 
HETATM 807 O O     . HOH D 4 .  ? -12.447 -1.934  -1.409  1.00 44.95 ? 62  HOH A O     1 
HETATM 808 O O     . HOH D 4 .  ? 9.471   -4.882  2.666   1.00 31.19 ? 63  HOH A O     1 
HETATM 809 O O     . HOH D 4 .  ? -6.924  -8.862  -9.260  1.00 51.58 ? 64  HOH A O     1 
HETATM 810 O O     . HOH D 4 .  ? 12.823  -2.832  8.176   1.00 40.13 ? 65  HOH A O     1 
HETATM 811 O O     . HOH D 4 .  ? -12.013 9.361   2.843   1.00 40.20 ? 66  HOH A O     1 
HETATM 812 O O     . HOH D 4 .  ? 5.189   -7.041  -8.516  1.00 44.58 ? 67  HOH A O     1 
HETATM 813 O O     . HOH D 4 .  ? 2.491   -5.647  13.768  1.00 41.74 ? 68  HOH A O     1 
HETATM 814 O O     . HOH D 4 .  ? -3.578  -0.838  -16.278 1.00 44.27 ? 69  HOH A O     1 
HETATM 815 O O     . HOH D 4 .  ? -11.283 -2.586  0.852   1.00 41.93 ? 70  HOH A O     1 
HETATM 816 O O     . HOH D 4 .  ? 8.615   -10.874 4.706   1.00 40.38 ? 71  HOH A O     1 
HETATM 817 O O     . HOH D 4 .  ? 9.994   -10.099 -1.449  0.50 42.53 ? 72  HOH A O     1 
HETATM 818 O O     . HOH D 4 .  ? -10.529 -4.014  10.753  1.00 66.62 ? 73  HOH A O     1 
HETATM 819 O O     . HOH D 4 .  ? 7.663   -12.934 -1.986  1.00 40.69 ? 74  HOH A O     1 
HETATM 820 O O     . HOH D 4 .  ? -1.768  -9.054  -8.870  1.00 40.38 ? 75  HOH A O     1 
HETATM 821 O O     . HOH D 4 .  ? 10.129  -9.235  12.052  1.00 53.12 ? 76  HOH A O     1 
HETATM 822 O O     . HOH D 4 .  ? -2.941  -9.372  -11.956 1.00 42.01 ? 77  HOH A O     1 
HETATM 823 O O     . HOH D 4 .  ? 0.750   -7.781  -8.701  1.00 45.18 ? 78  HOH A O     1 
HETATM 824 O O     . HOH D 4 .  ? 13.833  -0.522  7.093   1.00 43.01 ? 79  HOH A O     1 
HETATM 825 O O     . HOH D 4 .  ? 4.814   -5.703  -10.865 1.00 35.74 ? 80  HOH A O     1 
HETATM 826 O O     . HOH D 4 .  ? -0.127  -11.110 -8.215  1.00 46.84 ? 81  HOH A O     1 
HETATM 827 O O     . HOH D 4 .  ? -9.618  -6.669  7.773   1.00 46.71 ? 82  HOH A O     1 
HETATM 828 O O     . HOH D 4 .  ? 9.619   -13.697 3.632   1.00 48.18 ? 83  HOH A O     1 
HETATM 829 O O     . HOH D 4 .  ? 6.050   -3.879  -12.833 1.00 37.93 ? 84  HOH A O     1 
HETATM 830 O O     . HOH D 4 .  ? -9.800  8.714   -11.109 0.50 23.64 ? 86  HOH A O     1 
HETATM 831 O O     . HOH D 4 .  ? -0.013  -6.185  12.220  1.00 38.28 ? 87  HOH A O     1 
HETATM 832 O O     . HOH D 4 .  ? 0.883   -0.443  13.373  1.00 45.58 ? 88  HOH A O     1 
HETATM 833 O O     . HOH D 4 .  ? -5.321  -2.242  9.623   1.00 37.37 ? 89  HOH A O     1 
HETATM 834 O O     . HOH D 4 .  ? 2.353   1.316   -18.123 1.00 59.66 ? 92  HOH A O     1 
HETATM 835 O O     . HOH D 4 .  ? -4.731  10.363  -14.951 1.00 58.64 ? 95  HOH A O     1 
HETATM 836 O O     . HOH D 4 .  ? -3.730  8.217   -13.609 1.00 34.18 ? 96  HOH A O     1 
HETATM 837 O O     . HOH D 4 .  ? -2.137  -11.875 11.757  1.00 47.82 ? 97  HOH A O     1 
HETATM 838 O O     . HOH D 4 .  ? 2.082   -1.380  -17.816 1.00 52.44 ? 98  HOH A O     1 
HETATM 839 O O     . HOH D 4 .  ? -13.791 -2.307  -6.115  1.00 52.28 ? 100 HOH A O     1 
HETATM 840 O O     . HOH D 4 .  ? 1.222   -3.478  -16.237 1.00 49.15 ? 101 HOH A O     1 
HETATM 841 O O     . HOH D 4 .  ? -10.002 14.351  -2.110  1.00 55.00 ? 102 HOH A O     1 
HETATM 842 O O     . HOH D 4 .  ? -15.414 -0.189  0.293   1.00 54.34 ? 103 HOH A O     1 
HETATM 843 O O     . HOH D 4 .  ? -16.034 -1.626  2.306   1.00 49.70 ? 104 HOH A O     1 
HETATM 844 O O     . HOH D 4 .  ? -3.656  -10.578 2.710   0.50 58.50 ? 105 HOH A O     1 
HETATM 845 O O     . HOH D 4 .  ? 2.870   6.540   12.687  1.00 45.13 ? 107 HOH A O     1 
HETATM 846 O O     . HOH D 4 .  ? 1.022   -5.844  16.795  1.00 68.09 ? 108 HOH A O     1 
HETATM 847 O O     . HOH D 4 .  ? 3.821   -10.972 13.390  1.00 53.94 ? 109 HOH A O     1 
HETATM 848 O O     . HOH D 4 .  ? 6.068   -11.708 12.083  1.00 54.27 ? 110 HOH A O     1 
HETATM 849 O O     . HOH D 4 .  ? -16.560 -0.865  -7.372  1.00 48.45 ? 111 HOH A O     1 
HETATM 850 O O     . HOH D 4 .  ? 1.934   2.879   15.788  1.00 51.81 ? 112 HOH A O     1 
HETATM 851 O O     . HOH D 4 .  ? 0.299   -5.189  -13.390 1.00 53.31 ? 113 HOH A O     1 
HETATM 852 O O     . HOH D 4 .  ? -18.819 -1.255  -8.757  1.00 76.47 ? 114 HOH A O     1 
HETATM 853 O O     . HOH D 4 .  ? 6.666   -12.879 -4.289  1.00 41.92 ? 116 HOH A O     1 
HETATM 854 O O     . HOH E 4 .  ? -16.956 9.167   15.735  1.00 44.54 ? 15  HOH B O     1 
HETATM 855 O O     . HOH E 4 .  ? -23.715 6.888   17.530  1.00 44.34 ? 22  HOH B O     1 
HETATM 856 O O     . HOH E 4 .  ? -23.153 3.354   20.375  1.00 46.99 ? 31  HOH B O     1 
HETATM 857 O O     . HOH E 4 .  ? -15.848 12.233  18.359  1.00 49.77 ? 51  HOH B O     1 
HETATM 858 O O     . HOH E 4 .  ? -10.888 -1.215  15.399  1.00 43.98 ? 53  HOH B O     1 
HETATM 859 O O     . HOH E 4 .  ? -15.961 12.231  22.606  1.00 37.03 ? 55  HOH B O     1 
HETATM 860 O O     . HOH E 4 .  ? -17.425 4.435   5.353   1.00 44.07 ? 56  HOH B O     1 
HETATM 861 O O     . HOH E 4 .  ? -23.341 4.738   25.092  1.00 49.65 ? 85  HOH B O     1 
HETATM 862 O O     . HOH E 4 .  ? -15.837 6.326   4.732   1.00 57.17 ? 90  HOH B O     1 
HETATM 863 O O     . HOH E 4 .  ? -12.010 -0.130  20.205  1.00 60.29 ? 91  HOH B O     1 
HETATM 864 O O     . HOH E 4 .  ? 1.975   15.684  -2.449  1.00 30.52 ? 93  HOH B O     1 
HETATM 865 O O     . HOH E 4 .  ? 6.035   11.546  2.016   0.50 29.97 ? 94  HOH B O     1 
HETATM 866 O O     . HOH E 4 .  ? -23.020 3.863   17.517  1.00 49.17 ? 99  HOH B O     1 
HETATM 867 O O     . HOH E 4 .  ? -2.187  3.639   11.839  1.00 39.61 ? 106 HOH B O     1 
HETATM 868 O O     . HOH E 4 .  ? -17.472 8.004   11.133  1.00 43.73 ? 115 HOH B O     1 
# 
loop_
_pdbx_poly_seq_scheme.asym_id 
_pdbx_poly_seq_scheme.entity_id 
_pdbx_poly_seq_scheme.seq_id 
_pdbx_poly_seq_scheme.mon_id 
_pdbx_poly_seq_scheme.ndb_seq_num 
_pdbx_poly_seq_scheme.pdb_seq_num 
_pdbx_poly_seq_scheme.auth_seq_num 
_pdbx_poly_seq_scheme.pdb_mon_id 
_pdbx_poly_seq_scheme.auth_mon_id 
_pdbx_poly_seq_scheme.pdb_strand_id 
_pdbx_poly_seq_scheme.pdb_ins_code 
_pdbx_poly_seq_scheme.hetero 
A 1 1  MET 1  180 ?   ?   ?   A . n 
A 1 2  ARG 2  181 ?   ?   ?   A . n 
A 1 3  GLY 3  182 ?   ?   ?   A . n 
A 1 4  SER 4  183 ?   ?   ?   A . n 
A 1 5  HIS 5  184 ?   ?   ?   A . n 
A 1 6  HIS 6  185 ?   ?   ?   A . n 
A 1 7  HIS 7  186 ?   ?   ?   A . n 
A 1 8  HIS 8  187 ?   ?   ?   A . n 
A 1 9  HIS 9  188 ?   ?   ?   A . n 
A 1 10 HIS 10 189 ?   ?   ?   A . n 
A 1 11 GLY 11 190 190 GLY GLY A . n 
A 1 12 SER 12 191 191 SER SER A . n 
A 1 13 LYS 13 192 192 LYS LYS A . n 
A 1 14 VAL 14 193 193 VAL VAL A . n 
A 1 15 PHE 15 194 194 PHE PHE A . n 
A 1 16 VAL 16 195 195 VAL VAL A . n 
A 1 17 GLY 17 196 196 GLY GLY A . n 
A 1 18 ARG 18 197 197 ARG ARG A . n 
A 1 19 CYS 19 198 198 CYS CYS A . n 
A 1 20 THR 20 199 199 THR THR A . n 
A 1 21 GLU 21 200 200 GLU GLU A . n 
A 1 22 ASP 22 201 201 ASP ASP A . n 
A 1 23 MET 23 202 202 MET MET A . n 
A 1 24 THR 24 203 203 THR THR A . n 
A 1 25 ALA 25 204 204 ALA ALA A . n 
A 1 26 GLU 26 205 205 GLU GLU A . n 
A 1 27 GLU 27 206 206 GLU GLU A . n 
A 1 28 LEU 28 207 207 LEU LEU A . n 
A 1 29 GLN 29 208 208 GLN GLN A . n 
A 1 30 GLN 30 209 209 GLN GLN A . n 
A 1 31 PHE 31 210 210 PHE PHE A . n 
A 1 32 PHE 32 211 211 PHE PHE A . n 
A 1 33 CYS 33 212 212 CYS CYS A . n 
A 1 34 GLN 34 213 213 GLN GLN A . n 
A 1 35 TYR 35 214 214 TYR TYR A . n 
A 1 36 GLY 36 215 215 GLY GLY A . n 
A 1 37 GLU 37 216 216 GLU GLU A . n 
A 1 38 VAL 38 217 217 VAL VAL A . n 
A 1 39 VAL 39 218 218 VAL VAL A . n 
A 1 40 ASP 40 219 219 ASP ASP A . n 
A 1 41 VAL 41 220 220 VAL VAL A . n 
A 1 42 PHE 42 221 221 PHE PHE A . n 
A 1 43 ILE 43 222 222 ILE ILE A . n 
A 1 44 PRO 44 223 223 PRO PRO A . n 
A 1 45 LYS 45 224 224 LYS LYS A . n 
A 1 46 PRO 46 225 225 PRO PRO A . n 
A 1 47 PHE 47 226 226 PHE PHE A . n 
A 1 48 ARG 48 227 227 ARG ARG A . n 
A 1 49 ALA 49 228 228 ALA ALA A . n 
A 1 50 PHE 50 229 229 PHE PHE A . n 
A 1 51 ALA 51 230 230 ALA ALA A . n 
A 1 52 PHE 52 231 231 PHE PHE A . n 
A 1 53 VAL 53 232 232 VAL VAL A . n 
A 1 54 THR 54 233 233 THR THR A . n 
A 1 55 PHE 55 234 234 PHE PHE A . n 
A 1 56 ALA 56 235 235 ALA ALA A . n 
A 1 57 ASP 57 236 236 ASP ASP A . n 
A 1 58 ASP 58 237 237 ASP ASP A . n 
A 1 59 LYS 59 238 238 LYS LYS A . n 
A 1 60 VAL 60 239 239 VAL VAL A . n 
A 1 61 ALA 61 240 240 ALA ALA A . n 
A 1 62 GLN 62 241 241 GLN GLN A . n 
A 1 63 SER 63 242 242 SER SER A . n 
A 1 64 LEU 64 243 243 LEU LEU A . n 
A 1 65 CYS 65 244 244 CYS CYS A . n 
A 1 66 GLY 66 245 245 GLY GLY A . n 
A 1 67 GLU 67 246 246 GLU GLU A . n 
A 1 68 ASP 68 247 247 ASP ASP A . n 
A 1 69 LEU 69 248 248 LEU LEU A . n 
A 1 70 ILE 70 249 249 ILE ILE A . n 
A 1 71 ILE 71 250 250 ILE ILE A . n 
A 1 72 LYS 72 251 251 LYS LYS A . n 
A 1 73 GLY 73 252 252 GLY GLY A . n 
A 1 74 ILE 74 253 253 ILE ILE A . n 
A 1 75 SER 75 254 254 SER SER A . n 
A 1 76 VAL 76 255 255 VAL VAL A . n 
A 1 77 HIS 77 256 256 HIS HIS A . n 
A 1 78 ILE 78 257 257 ILE ILE A . n 
A 1 79 SER 79 258 258 SER SER A . n 
A 1 80 ASN 80 259 259 ASN ASN A . n 
A 1 81 ALA 81 260 260 ALA ALA A . n 
A 1 82 GLU 82 261 261 GLU GLU A . n 
A 1 83 PRO 83 262 ?   ?   ?   A . n 
A 1 84 LYS 84 263 ?   ?   ?   A . n 
A 1 85 HIS 85 264 ?   ?   ?   A . n 
A 1 86 ASN 86 265 ?   ?   ?   A . n 
A 1 87 LYS 87 266 ?   ?   ?   A . n 
A 1 88 LEU 88 267 ?   ?   ?   A . n 
A 1 89 ASN 89 268 ?   ?   ?   A . n 
B 2 1  DG  1  1   ?   ?   ?   B . n 
B 2 2  DT  2  2   2   DT  T   B . n 
B 2 3  DT  3  3   3   DT  T   B . n 
B 2 4  DG  4  4   4   DG  G   B . n 
B 2 5  DA  5  5   5   DA  A   B . n 
B 2 6  DG  6  6   6   DG  G   B . n 
B 2 7  DC  7  7   7   DC  C   B . n 
B 2 8  DG  8  8   8   DG  G   B . n 
B 2 9  DT  9  9   9   DT  T   B . n 
B 2 10 DT  10 10  10  DT  T   B . n 
# 
loop_
_pdbx_nonpoly_scheme.asym_id 
_pdbx_nonpoly_scheme.entity_id 
_pdbx_nonpoly_scheme.mon_id 
_pdbx_nonpoly_scheme.ndb_seq_num 
_pdbx_nonpoly_scheme.pdb_seq_num 
_pdbx_nonpoly_scheme.auth_seq_num 
_pdbx_nonpoly_scheme.pdb_mon_id 
_pdbx_nonpoly_scheme.auth_mon_id 
_pdbx_nonpoly_scheme.pdb_strand_id 
_pdbx_nonpoly_scheme.pdb_ins_code 
C 3 PO4 1   11  1   PO4 PO4 B . 
D 4 HOH 1   1   1   HOH HOH A . 
D 4 HOH 2   2   2   HOH HOH A . 
D 4 HOH 3   3   3   HOH HOH A . 
D 4 HOH 4   4   4   HOH HOH A . 
D 4 HOH 5   5   5   HOH HOH A . 
D 4 HOH 6   6   6   HOH HOH A . 
D 4 HOH 7   7   7   HOH HOH A . 
D 4 HOH 8   8   8   HOH HOH A . 
D 4 HOH 9   9   9   HOH HOH A . 
D 4 HOH 10  10  10  HOH HOH A . 
D 4 HOH 11  11  11  HOH HOH A . 
D 4 HOH 12  12  12  HOH HOH A . 
D 4 HOH 13  13  13  HOH HOH A . 
D 4 HOH 14  14  14  HOH HOH A . 
D 4 HOH 15  16  16  HOH HOH A . 
D 4 HOH 16  17  17  HOH HOH A . 
D 4 HOH 17  18  18  HOH HOH A . 
D 4 HOH 18  19  19  HOH HOH A . 
D 4 HOH 19  20  20  HOH HOH A . 
D 4 HOH 20  21  21  HOH HOH A . 
D 4 HOH 21  23  23  HOH HOH A . 
D 4 HOH 22  24  24  HOH HOH A . 
D 4 HOH 23  25  25  HOH HOH A . 
D 4 HOH 24  26  26  HOH HOH A . 
D 4 HOH 25  27  27  HOH HOH A . 
D 4 HOH 26  28  28  HOH HOH A . 
D 4 HOH 27  29  29  HOH HOH A . 
D 4 HOH 28  30  30  HOH HOH A . 
D 4 HOH 29  32  32  HOH HOH A . 
D 4 HOH 30  33  33  HOH HOH A . 
D 4 HOH 31  34  34  HOH HOH A . 
D 4 HOH 32  35  35  HOH HOH A . 
D 4 HOH 33  36  36  HOH HOH A . 
D 4 HOH 34  37  37  HOH HOH A . 
D 4 HOH 35  38  38  HOH HOH A . 
D 4 HOH 36  39  39  HOH HOH A . 
D 4 HOH 37  40  40  HOH HOH A . 
D 4 HOH 38  41  41  HOH HOH A . 
D 4 HOH 39  42  42  HOH HOH A . 
D 4 HOH 40  43  43  HOH HOH A . 
D 4 HOH 41  44  44  HOH HOH A . 
D 4 HOH 42  45  45  HOH HOH A . 
D 4 HOH 43  46  46  HOH HOH A . 
D 4 HOH 44  47  47  HOH HOH A . 
D 4 HOH 45  48  48  HOH HOH A . 
D 4 HOH 46  49  49  HOH HOH A . 
D 4 HOH 47  50  50  HOH HOH A . 
D 4 HOH 48  52  52  HOH HOH A . 
D 4 HOH 49  54  54  HOH HOH A . 
D 4 HOH 50  57  57  HOH HOH A . 
D 4 HOH 51  58  58  HOH HOH A . 
D 4 HOH 52  59  59  HOH HOH A . 
D 4 HOH 53  60  60  HOH HOH A . 
D 4 HOH 54  61  61  HOH HOH A . 
D 4 HOH 55  62  62  HOH HOH A . 
D 4 HOH 56  63  63  HOH HOH A . 
D 4 HOH 57  64  64  HOH HOH A . 
D 4 HOH 58  65  65  HOH HOH A . 
D 4 HOH 59  66  66  HOH HOH A . 
D 4 HOH 60  67  67  HOH HOH A . 
D 4 HOH 61  68  68  HOH HOH A . 
D 4 HOH 62  69  69  HOH HOH A . 
D 4 HOH 63  70  70  HOH HOH A . 
D 4 HOH 64  71  71  HOH HOH A . 
D 4 HOH 65  72  72  HOH HOH A . 
D 4 HOH 66  73  73  HOH HOH A . 
D 4 HOH 67  74  74  HOH HOH A . 
D 4 HOH 68  75  75  HOH HOH A . 
D 4 HOH 69  76  76  HOH HOH A . 
D 4 HOH 70  77  77  HOH HOH A . 
D 4 HOH 71  78  78  HOH HOH A . 
D 4 HOH 72  79  79  HOH HOH A . 
D 4 HOH 73  80  80  HOH HOH A . 
D 4 HOH 74  81  81  HOH HOH A . 
D 4 HOH 75  82  82  HOH HOH A . 
D 4 HOH 76  83  83  HOH HOH A . 
D 4 HOH 77  84  84  HOH HOH A . 
D 4 HOH 78  86  86  HOH HOH A . 
D 4 HOH 79  87  87  HOH HOH A . 
D 4 HOH 80  88  88  HOH HOH A . 
D 4 HOH 81  89  89  HOH HOH A . 
D 4 HOH 82  92  92  HOH HOH A . 
D 4 HOH 83  95  95  HOH HOH A . 
D 4 HOH 84  96  96  HOH HOH A . 
D 4 HOH 85  97  97  HOH HOH A . 
D 4 HOH 86  98  98  HOH HOH A . 
D 4 HOH 87  100 100 HOH HOH A . 
D 4 HOH 88  101 101 HOH HOH A . 
D 4 HOH 89  102 102 HOH HOH A . 
D 4 HOH 90  103 103 HOH HOH A . 
D 4 HOH 91  104 104 HOH HOH A . 
D 4 HOH 92  105 105 HOH HOH A . 
D 4 HOH 93  107 107 HOH HOH A . 
D 4 HOH 94  108 108 HOH HOH A . 
D 4 HOH 95  109 109 HOH HOH A . 
D 4 HOH 96  110 110 HOH HOH A . 
D 4 HOH 97  111 111 HOH HOH A . 
D 4 HOH 98  112 112 HOH HOH A . 
D 4 HOH 99  113 113 HOH HOH A . 
D 4 HOH 100 114 114 HOH HOH A . 
D 4 HOH 101 116 116 HOH HOH A . 
E 4 HOH 1   15  15  HOH HOH B . 
E 4 HOH 2   22  22  HOH HOH B . 
E 4 HOH 3   31  31  HOH HOH B . 
E 4 HOH 4   51  51  HOH HOH B . 
E 4 HOH 5   53  53  HOH HOH B . 
E 4 HOH 6   55  55  HOH HOH B . 
E 4 HOH 7   56  56  HOH HOH B . 
E 4 HOH 8   85  85  HOH HOH B . 
E 4 HOH 9   90  90  HOH HOH B . 
E 4 HOH 10  91  91  HOH HOH B . 
E 4 HOH 11  93  93  HOH HOH B . 
E 4 HOH 12  94  94  HOH HOH B . 
E 4 HOH 13  99  99  HOH HOH B . 
E 4 HOH 14  106 106 HOH HOH B . 
E 4 HOH 15  115 115 HOH HOH B . 
# 
loop_
_pdbx_struct_assembly.id 
_pdbx_struct_assembly.details 
_pdbx_struct_assembly.method_details 
_pdbx_struct_assembly.oligomeric_details 
_pdbx_struct_assembly.oligomeric_count 
1 author_defined_assembly ? tetrameric 4 
2 author_defined_assembly ? octameric  8 
# 
loop_
_pdbx_struct_assembly_gen.assembly_id 
_pdbx_struct_assembly_gen.oper_expression 
_pdbx_struct_assembly_gen.asym_id_list 
1 1,2     A,B,C,D,E 
2 1,3,4,2 A,B,C,D,E 
# 
loop_
_pdbx_struct_oper_list.id 
_pdbx_struct_oper_list.type 
_pdbx_struct_oper_list.name 
_pdbx_struct_oper_list.symmetry_operation 
_pdbx_struct_oper_list.matrix[1][1] 
_pdbx_struct_oper_list.matrix[1][2] 
_pdbx_struct_oper_list.matrix[1][3] 
_pdbx_struct_oper_list.vector[1] 
_pdbx_struct_oper_list.matrix[2][1] 
_pdbx_struct_oper_list.matrix[2][2] 
_pdbx_struct_oper_list.matrix[2][3] 
_pdbx_struct_oper_list.vector[2] 
_pdbx_struct_oper_list.matrix[3][1] 
_pdbx_struct_oper_list.matrix[3][2] 
_pdbx_struct_oper_list.matrix[3][3] 
_pdbx_struct_oper_list.vector[3] 
1 'identity operation'         1_555  x,y,z           1.0000000000  0.0000000000 0.0000000000  0.0000000000   0.0000000000 1.0000000000 0.0000000000  0.0000000000   0.0000000000  0.0000000000  1.0000000000  0.0000000000   
2 'crystal symmetry operation' 11_555 -x+1/2,y,-z+1/2 -0.9958320758 0.0874121234 -0.0260307032 20.7920862887  0.0874121234 0.8332577400 -0.5459310025 -3.3489809810  -0.0260307032 -0.5459310025 -0.8374256642 -7.9168702129  
3 'crystal symmetry operation' 3_655  -x+1,y,-z       -0.9958320758 0.0874121234 -0.0260307032 -26.0690573231 0.0874121234 0.8332577400 -0.5459310025 11.9475115097  -0.0260307032 -0.5459310025 -0.8374256642 35.9461474144  
4 'crystal symmetry operation' 9_455  x-1/2,y,z+1/2   1.0000000000  0.0000000000 0.0000000000  46.8611436118  0.0000000000 1.0000000000 0.0000000000  -15.2964924906 0.0000000000  0.0000000000  1.0000000000  -43.8630176273 
# 
loop_
_pdbx_struct_special_symmetry.id 
_pdbx_struct_special_symmetry.PDB_model_num 
_pdbx_struct_special_symmetry.auth_asym_id 
_pdbx_struct_special_symmetry.auth_comp_id 
_pdbx_struct_special_symmetry.auth_seq_id 
_pdbx_struct_special_symmetry.PDB_ins_code 
_pdbx_struct_special_symmetry.label_asym_id 
_pdbx_struct_special_symmetry.label_comp_id 
_pdbx_struct_special_symmetry.label_seq_id 
1 1 A HOH 27  ? D HOH . 
2 1 A HOH 36  ? D HOH . 
3 1 A HOH 72  ? D HOH . 
4 1 A HOH 105 ? D HOH . 
5 1 B HOH 94  ? E HOH . 
# 
loop_
_pdbx_audit_revision_history.ordinal 
_pdbx_audit_revision_history.data_content_type 
_pdbx_audit_revision_history.major_revision 
_pdbx_audit_revision_history.minor_revision 
_pdbx_audit_revision_history.revision_date 
1 'Structure model' 1 0 2009-04-07 
2 'Structure model' 1 1 2011-07-13 
3 'Structure model' 1 2 2023-11-01 
# 
_pdbx_audit_revision_details.ordinal             1 
_pdbx_audit_revision_details.revision_ordinal    1 
_pdbx_audit_revision_details.data_content_type   'Structure model' 
_pdbx_audit_revision_details.provider            repository 
_pdbx_audit_revision_details.type                'Initial release' 
_pdbx_audit_revision_details.description         ? 
_pdbx_audit_revision_details.details             ? 
# 
loop_
_pdbx_audit_revision_group.ordinal 
_pdbx_audit_revision_group.revision_ordinal 
_pdbx_audit_revision_group.data_content_type 
_pdbx_audit_revision_group.group 
1 2 'Structure model' 'Version format compliance' 
2 3 'Structure model' 'Data collection'           
3 3 'Structure model' 'Database references'       
4 3 'Structure model' 'Derived calculations'      
5 3 'Structure model' 'Refinement description'    
# 
loop_
_pdbx_audit_revision_category.ordinal 
_pdbx_audit_revision_category.revision_ordinal 
_pdbx_audit_revision_category.data_content_type 
_pdbx_audit_revision_category.category 
1 3 'Structure model' chem_comp_atom                
2 3 'Structure model' chem_comp_bond                
3 3 'Structure model' database_2                    
4 3 'Structure model' pdbx_initial_refinement_model 
5 3 'Structure model' pdbx_struct_special_symmetry  
6 3 'Structure model' struct_ref_seq_dif            
7 3 'Structure model' struct_site                   
# 
loop_
_pdbx_audit_revision_item.ordinal 
_pdbx_audit_revision_item.revision_ordinal 
_pdbx_audit_revision_item.data_content_type 
_pdbx_audit_revision_item.item 
1 3 'Structure model' '_database_2.pdbx_DOI'                
2 3 'Structure model' '_database_2.pdbx_database_accession' 
3 3 'Structure model' '_struct_ref_seq_dif.details'         
4 3 'Structure model' '_struct_site.pdbx_auth_asym_id'      
5 3 'Structure model' '_struct_site.pdbx_auth_comp_id'      
6 3 'Structure model' '_struct_site.pdbx_auth_seq_id'       
# 
loop_
_software.name 
_software.classification 
_software.version 
_software.citation_id 
_software.pdbx_ordinal 
REFMAC   refinement        5.2.0019 ? 1 
HKL-2000 'data collection' .        ? 2 
HKL-2000 'data reduction'  .        ? 3 
HKL-2000 'data scaling'    .        ? 4 
CCP4     phasing           .        ? 5 
# 
loop_
_pdbx_validate_rmsd_angle.id 
_pdbx_validate_rmsd_angle.PDB_model_num 
_pdbx_validate_rmsd_angle.auth_atom_id_1 
_pdbx_validate_rmsd_angle.auth_asym_id_1 
_pdbx_validate_rmsd_angle.auth_comp_id_1 
_pdbx_validate_rmsd_angle.auth_seq_id_1 
_pdbx_validate_rmsd_angle.PDB_ins_code_1 
_pdbx_validate_rmsd_angle.label_alt_id_1 
_pdbx_validate_rmsd_angle.auth_atom_id_2 
_pdbx_validate_rmsd_angle.auth_asym_id_2 
_pdbx_validate_rmsd_angle.auth_comp_id_2 
_pdbx_validate_rmsd_angle.auth_seq_id_2 
_pdbx_validate_rmsd_angle.PDB_ins_code_2 
_pdbx_validate_rmsd_angle.label_alt_id_2 
_pdbx_validate_rmsd_angle.auth_atom_id_3 
_pdbx_validate_rmsd_angle.auth_asym_id_3 
_pdbx_validate_rmsd_angle.auth_comp_id_3 
_pdbx_validate_rmsd_angle.auth_seq_id_3 
_pdbx_validate_rmsd_angle.PDB_ins_code_3 
_pdbx_validate_rmsd_angle.label_alt_id_3 
_pdbx_validate_rmsd_angle.angle_value 
_pdbx_validate_rmsd_angle.angle_target_value 
_pdbx_validate_rmsd_angle.angle_deviation 
_pdbx_validate_rmsd_angle.angle_standard_deviation 
_pdbx_validate_rmsd_angle.linker_flag 
1 1 "O4'" B DA 5 ? ? "C1'" B DA 5 ? ? N9 B DA 5 ? ? 103.66 108.00 -4.34 0.70 N 
2 1 "O4'" B DG 8 ? ? "C1'" B DG 8 ? ? N9 B DG 8 ? ? 113.18 108.30 4.88  0.30 N 
# 
loop_
_pdbx_unobs_or_zero_occ_residues.id 
_pdbx_unobs_or_zero_occ_residues.PDB_model_num 
_pdbx_unobs_or_zero_occ_residues.polymer_flag 
_pdbx_unobs_or_zero_occ_residues.occupancy_flag 
_pdbx_unobs_or_zero_occ_residues.auth_asym_id 
_pdbx_unobs_or_zero_occ_residues.auth_comp_id 
_pdbx_unobs_or_zero_occ_residues.auth_seq_id 
_pdbx_unobs_or_zero_occ_residues.PDB_ins_code 
_pdbx_unobs_or_zero_occ_residues.label_asym_id 
_pdbx_unobs_or_zero_occ_residues.label_comp_id 
_pdbx_unobs_or_zero_occ_residues.label_seq_id 
1  1 Y 1 A MET 180 ? A MET 1  
2  1 Y 1 A ARG 181 ? A ARG 2  
3  1 Y 1 A GLY 182 ? A GLY 3  
4  1 Y 1 A SER 183 ? A SER 4  
5  1 Y 1 A HIS 184 ? A HIS 5  
6  1 Y 1 A HIS 185 ? A HIS 6  
7  1 Y 1 A HIS 186 ? A HIS 7  
8  1 Y 1 A HIS 187 ? A HIS 8  
9  1 Y 1 A HIS 188 ? A HIS 9  
10 1 Y 1 A HIS 189 ? A HIS 10 
11 1 Y 1 A PRO 262 ? A PRO 83 
12 1 Y 1 A LYS 263 ? A LYS 84 
13 1 Y 1 A HIS 264 ? A HIS 85 
14 1 Y 1 A ASN 265 ? A ASN 86 
15 1 Y 1 A LYS 266 ? A LYS 87 
16 1 Y 1 A LEU 267 ? A LEU 88 
17 1 Y 1 A ASN 268 ? A ASN 89 
18 1 Y 1 B DG  1   ? B DG  1  
# 
loop_
_chem_comp_atom.comp_id 
_chem_comp_atom.atom_id 
_chem_comp_atom.type_symbol 
_chem_comp_atom.pdbx_aromatic_flag 
_chem_comp_atom.pdbx_stereo_config 
_chem_comp_atom.pdbx_ordinal 
ALA N      N N N 1   
ALA CA     C N S 2   
ALA C      C N N 3   
ALA O      O N N 4   
ALA CB     C N N 5   
ALA OXT    O N N 6   
ALA H      H N N 7   
ALA H2     H N N 8   
ALA HA     H N N 9   
ALA HB1    H N N 10  
ALA HB2    H N N 11  
ALA HB3    H N N 12  
ALA HXT    H N N 13  
ARG N      N N N 14  
ARG CA     C N S 15  
ARG C      C N N 16  
ARG O      O N N 17  
ARG CB     C N N 18  
ARG CG     C N N 19  
ARG CD     C N N 20  
ARG NE     N N N 21  
ARG CZ     C N N 22  
ARG NH1    N N N 23  
ARG NH2    N N N 24  
ARG OXT    O N N 25  
ARG H      H N N 26  
ARG H2     H N N 27  
ARG HA     H N N 28  
ARG HB2    H N N 29  
ARG HB3    H N N 30  
ARG HG2    H N N 31  
ARG HG3    H N N 32  
ARG HD2    H N N 33  
ARG HD3    H N N 34  
ARG HE     H N N 35  
ARG HH11   H N N 36  
ARG HH12   H N N 37  
ARG HH21   H N N 38  
ARG HH22   H N N 39  
ARG HXT    H N N 40  
ASN N      N N N 41  
ASN CA     C N S 42  
ASN C      C N N 43  
ASN O      O N N 44  
ASN CB     C N N 45  
ASN CG     C N N 46  
ASN OD1    O N N 47  
ASN ND2    N N N 48  
ASN OXT    O N N 49  
ASN H      H N N 50  
ASN H2     H N N 51  
ASN HA     H N N 52  
ASN HB2    H N N 53  
ASN HB3    H N N 54  
ASN HD21   H N N 55  
ASN HD22   H N N 56  
ASN HXT    H N N 57  
ASP N      N N N 58  
ASP CA     C N S 59  
ASP C      C N N 60  
ASP O      O N N 61  
ASP CB     C N N 62  
ASP CG     C N N 63  
ASP OD1    O N N 64  
ASP OD2    O N N 65  
ASP OXT    O N N 66  
ASP H      H N N 67  
ASP H2     H N N 68  
ASP HA     H N N 69  
ASP HB2    H N N 70  
ASP HB3    H N N 71  
ASP HD2    H N N 72  
ASP HXT    H N N 73  
CYS N      N N N 74  
CYS CA     C N R 75  
CYS C      C N N 76  
CYS O      O N N 77  
CYS CB     C N N 78  
CYS SG     S N N 79  
CYS OXT    O N N 80  
CYS H      H N N 81  
CYS H2     H N N 82  
CYS HA     H N N 83  
CYS HB2    H N N 84  
CYS HB3    H N N 85  
CYS HG     H N N 86  
CYS HXT    H N N 87  
DA  OP3    O N N 88  
DA  P      P N N 89  
DA  OP1    O N N 90  
DA  OP2    O N N 91  
DA  "O5'"  O N N 92  
DA  "C5'"  C N N 93  
DA  "C4'"  C N R 94  
DA  "O4'"  O N N 95  
DA  "C3'"  C N S 96  
DA  "O3'"  O N N 97  
DA  "C2'"  C N N 98  
DA  "C1'"  C N R 99  
DA  N9     N Y N 100 
DA  C8     C Y N 101 
DA  N7     N Y N 102 
DA  C5     C Y N 103 
DA  C6     C Y N 104 
DA  N6     N N N 105 
DA  N1     N Y N 106 
DA  C2     C Y N 107 
DA  N3     N Y N 108 
DA  C4     C Y N 109 
DA  HOP3   H N N 110 
DA  HOP2   H N N 111 
DA  "H5'"  H N N 112 
DA  "H5''" H N N 113 
DA  "H4'"  H N N 114 
DA  "H3'"  H N N 115 
DA  "HO3'" H N N 116 
DA  "H2'"  H N N 117 
DA  "H2''" H N N 118 
DA  "H1'"  H N N 119 
DA  H8     H N N 120 
DA  H61    H N N 121 
DA  H62    H N N 122 
DA  H2     H N N 123 
DC  OP3    O N N 124 
DC  P      P N N 125 
DC  OP1    O N N 126 
DC  OP2    O N N 127 
DC  "O5'"  O N N 128 
DC  "C5'"  C N N 129 
DC  "C4'"  C N R 130 
DC  "O4'"  O N N 131 
DC  "C3'"  C N S 132 
DC  "O3'"  O N N 133 
DC  "C2'"  C N N 134 
DC  "C1'"  C N R 135 
DC  N1     N N N 136 
DC  C2     C N N 137 
DC  O2     O N N 138 
DC  N3     N N N 139 
DC  C4     C N N 140 
DC  N4     N N N 141 
DC  C5     C N N 142 
DC  C6     C N N 143 
DC  HOP3   H N N 144 
DC  HOP2   H N N 145 
DC  "H5'"  H N N 146 
DC  "H5''" H N N 147 
DC  "H4'"  H N N 148 
DC  "H3'"  H N N 149 
DC  "HO3'" H N N 150 
DC  "H2'"  H N N 151 
DC  "H2''" H N N 152 
DC  "H1'"  H N N 153 
DC  H41    H N N 154 
DC  H42    H N N 155 
DC  H5     H N N 156 
DC  H6     H N N 157 
DG  OP3    O N N 158 
DG  P      P N N 159 
DG  OP1    O N N 160 
DG  OP2    O N N 161 
DG  "O5'"  O N N 162 
DG  "C5'"  C N N 163 
DG  "C4'"  C N R 164 
DG  "O4'"  O N N 165 
DG  "C3'"  C N S 166 
DG  "O3'"  O N N 167 
DG  "C2'"  C N N 168 
DG  "C1'"  C N R 169 
DG  N9     N Y N 170 
DG  C8     C Y N 171 
DG  N7     N Y N 172 
DG  C5     C Y N 173 
DG  C6     C N N 174 
DG  O6     O N N 175 
DG  N1     N N N 176 
DG  C2     C N N 177 
DG  N2     N N N 178 
DG  N3     N N N 179 
DG  C4     C Y N 180 
DG  HOP3   H N N 181 
DG  HOP2   H N N 182 
DG  "H5'"  H N N 183 
DG  "H5''" H N N 184 
DG  "H4'"  H N N 185 
DG  "H3'"  H N N 186 
DG  "HO3'" H N N 187 
DG  "H2'"  H N N 188 
DG  "H2''" H N N 189 
DG  "H1'"  H N N 190 
DG  H8     H N N 191 
DG  H1     H N N 192 
DG  H21    H N N 193 
DG  H22    H N N 194 
DT  OP3    O N N 195 
DT  P      P N N 196 
DT  OP1    O N N 197 
DT  OP2    O N N 198 
DT  "O5'"  O N N 199 
DT  "C5'"  C N N 200 
DT  "C4'"  C N R 201 
DT  "O4'"  O N N 202 
DT  "C3'"  C N S 203 
DT  "O3'"  O N N 204 
DT  "C2'"  C N N 205 
DT  "C1'"  C N R 206 
DT  N1     N N N 207 
DT  C2     C N N 208 
DT  O2     O N N 209 
DT  N3     N N N 210 
DT  C4     C N N 211 
DT  O4     O N N 212 
DT  C5     C N N 213 
DT  C7     C N N 214 
DT  C6     C N N 215 
DT  HOP3   H N N 216 
DT  HOP2   H N N 217 
DT  "H5'"  H N N 218 
DT  "H5''" H N N 219 
DT  "H4'"  H N N 220 
DT  "H3'"  H N N 221 
DT  "HO3'" H N N 222 
DT  "H2'"  H N N 223 
DT  "H2''" H N N 224 
DT  "H1'"  H N N 225 
DT  H3     H N N 226 
DT  H71    H N N 227 
DT  H72    H N N 228 
DT  H73    H N N 229 
DT  H6     H N N 230 
GLN N      N N N 231 
GLN CA     C N S 232 
GLN C      C N N 233 
GLN O      O N N 234 
GLN CB     C N N 235 
GLN CG     C N N 236 
GLN CD     C N N 237 
GLN OE1    O N N 238 
GLN NE2    N N N 239 
GLN OXT    O N N 240 
GLN H      H N N 241 
GLN H2     H N N 242 
GLN HA     H N N 243 
GLN HB2    H N N 244 
GLN HB3    H N N 245 
GLN HG2    H N N 246 
GLN HG3    H N N 247 
GLN HE21   H N N 248 
GLN HE22   H N N 249 
GLN HXT    H N N 250 
GLU N      N N N 251 
GLU CA     C N S 252 
GLU C      C N N 253 
GLU O      O N N 254 
GLU CB     C N N 255 
GLU CG     C N N 256 
GLU CD     C N N 257 
GLU OE1    O N N 258 
GLU OE2    O N N 259 
GLU OXT    O N N 260 
GLU H      H N N 261 
GLU H2     H N N 262 
GLU HA     H N N 263 
GLU HB2    H N N 264 
GLU HB3    H N N 265 
GLU HG2    H N N 266 
GLU HG3    H N N 267 
GLU HE2    H N N 268 
GLU HXT    H N N 269 
GLY N      N N N 270 
GLY CA     C N N 271 
GLY C      C N N 272 
GLY O      O N N 273 
GLY OXT    O N N 274 
GLY H      H N N 275 
GLY H2     H N N 276 
GLY HA2    H N N 277 
GLY HA3    H N N 278 
GLY HXT    H N N 279 
HIS N      N N N 280 
HIS CA     C N S 281 
HIS C      C N N 282 
HIS O      O N N 283 
HIS CB     C N N 284 
HIS CG     C Y N 285 
HIS ND1    N Y N 286 
HIS CD2    C Y N 287 
HIS CE1    C Y N 288 
HIS NE2    N Y N 289 
HIS OXT    O N N 290 
HIS H      H N N 291 
HIS H2     H N N 292 
HIS HA     H N N 293 
HIS HB2    H N N 294 
HIS HB3    H N N 295 
HIS HD1    H N N 296 
HIS HD2    H N N 297 
HIS HE1    H N N 298 
HIS HE2    H N N 299 
HIS HXT    H N N 300 
HOH O      O N N 301 
HOH H1     H N N 302 
HOH H2     H N N 303 
ILE N      N N N 304 
ILE CA     C N S 305 
ILE C      C N N 306 
ILE O      O N N 307 
ILE CB     C N S 308 
ILE CG1    C N N 309 
ILE CG2    C N N 310 
ILE CD1    C N N 311 
ILE OXT    O N N 312 
ILE H      H N N 313 
ILE H2     H N N 314 
ILE HA     H N N 315 
ILE HB     H N N 316 
ILE HG12   H N N 317 
ILE HG13   H N N 318 
ILE HG21   H N N 319 
ILE HG22   H N N 320 
ILE HG23   H N N 321 
ILE HD11   H N N 322 
ILE HD12   H N N 323 
ILE HD13   H N N 324 
ILE HXT    H N N 325 
LEU N      N N N 326 
LEU CA     C N S 327 
LEU C      C N N 328 
LEU O      O N N 329 
LEU CB     C N N 330 
LEU CG     C N N 331 
LEU CD1    C N N 332 
LEU CD2    C N N 333 
LEU OXT    O N N 334 
LEU H      H N N 335 
LEU H2     H N N 336 
LEU HA     H N N 337 
LEU HB2    H N N 338 
LEU HB3    H N N 339 
LEU HG     H N N 340 
LEU HD11   H N N 341 
LEU HD12   H N N 342 
LEU HD13   H N N 343 
LEU HD21   H N N 344 
LEU HD22   H N N 345 
LEU HD23   H N N 346 
LEU HXT    H N N 347 
LYS N      N N N 348 
LYS CA     C N S 349 
LYS C      C N N 350 
LYS O      O N N 351 
LYS CB     C N N 352 
LYS CG     C N N 353 
LYS CD     C N N 354 
LYS CE     C N N 355 
LYS NZ     N N N 356 
LYS OXT    O N N 357 
LYS H      H N N 358 
LYS H2     H N N 359 
LYS HA     H N N 360 
LYS HB2    H N N 361 
LYS HB3    H N N 362 
LYS HG2    H N N 363 
LYS HG3    H N N 364 
LYS HD2    H N N 365 
LYS HD3    H N N 366 
LYS HE2    H N N 367 
LYS HE3    H N N 368 
LYS HZ1    H N N 369 
LYS HZ2    H N N 370 
LYS HZ3    H N N 371 
LYS HXT    H N N 372 
MET N      N N N 373 
MET CA     C N S 374 
MET C      C N N 375 
MET O      O N N 376 
MET CB     C N N 377 
MET CG     C N N 378 
MET SD     S N N 379 
MET CE     C N N 380 
MET OXT    O N N 381 
MET H      H N N 382 
MET H2     H N N 383 
MET HA     H N N 384 
MET HB2    H N N 385 
MET HB3    H N N 386 
MET HG2    H N N 387 
MET HG3    H N N 388 
MET HE1    H N N 389 
MET HE2    H N N 390 
MET HE3    H N N 391 
MET HXT    H N N 392 
PHE N      N N N 393 
PHE CA     C N S 394 
PHE C      C N N 395 
PHE O      O N N 396 
PHE CB     C N N 397 
PHE CG     C Y N 398 
PHE CD1    C Y N 399 
PHE CD2    C Y N 400 
PHE CE1    C Y N 401 
PHE CE2    C Y N 402 
PHE CZ     C Y N 403 
PHE OXT    O N N 404 
PHE H      H N N 405 
PHE H2     H N N 406 
PHE HA     H N N 407 
PHE HB2    H N N 408 
PHE HB3    H N N 409 
PHE HD1    H N N 410 
PHE HD2    H N N 411 
PHE HE1    H N N 412 
PHE HE2    H N N 413 
PHE HZ     H N N 414 
PHE HXT    H N N 415 
PO4 P      P N N 416 
PO4 O1     O N N 417 
PO4 O2     O N N 418 
PO4 O3     O N N 419 
PO4 O4     O N N 420 
PRO N      N N N 421 
PRO CA     C N S 422 
PRO C      C N N 423 
PRO O      O N N 424 
PRO CB     C N N 425 
PRO CG     C N N 426 
PRO CD     C N N 427 
PRO OXT    O N N 428 
PRO H      H N N 429 
PRO HA     H N N 430 
PRO HB2    H N N 431 
PRO HB3    H N N 432 
PRO HG2    H N N 433 
PRO HG3    H N N 434 
PRO HD2    H N N 435 
PRO HD3    H N N 436 
PRO HXT    H N N 437 
SER N      N N N 438 
SER CA     C N S 439 
SER C      C N N 440 
SER O      O N N 441 
SER CB     C N N 442 
SER OG     O N N 443 
SER OXT    O N N 444 
SER H      H N N 445 
SER H2     H N N 446 
SER HA     H N N 447 
SER HB2    H N N 448 
SER HB3    H N N 449 
SER HG     H N N 450 
SER HXT    H N N 451 
THR N      N N N 452 
THR CA     C N S 453 
THR C      C N N 454 
THR O      O N N 455 
THR CB     C N R 456 
THR OG1    O N N 457 
THR CG2    C N N 458 
THR OXT    O N N 459 
THR H      H N N 460 
THR H2     H N N 461 
THR HA     H N N 462 
THR HB     H N N 463 
THR HG1    H N N 464 
THR HG21   H N N 465 
THR HG22   H N N 466 
THR HG23   H N N 467 
THR HXT    H N N 468 
TYR N      N N N 469 
TYR CA     C N S 470 
TYR C      C N N 471 
TYR O      O N N 472 
TYR CB     C N N 473 
TYR CG     C Y N 474 
TYR CD1    C Y N 475 
TYR CD2    C Y N 476 
TYR CE1    C Y N 477 
TYR CE2    C Y N 478 
TYR CZ     C Y N 479 
TYR OH     O N N 480 
TYR OXT    O N N 481 
TYR H      H N N 482 
TYR H2     H N N 483 
TYR HA     H N N 484 
TYR HB2    H N N 485 
TYR HB3    H N N 486 
TYR HD1    H N N 487 
TYR HD2    H N N 488 
TYR HE1    H N N 489 
TYR HE2    H N N 490 
TYR HH     H N N 491 
TYR HXT    H N N 492 
VAL N      N N N 493 
VAL CA     C N S 494 
VAL C      C N N 495 
VAL O      O N N 496 
VAL CB     C N N 497 
VAL CG1    C N N 498 
VAL CG2    C N N 499 
VAL OXT    O N N 500 
VAL H      H N N 501 
VAL H2     H N N 502 
VAL HA     H N N 503 
VAL HB     H N N 504 
VAL HG11   H N N 505 
VAL HG12   H N N 506 
VAL HG13   H N N 507 
VAL HG21   H N N 508 
VAL HG22   H N N 509 
VAL HG23   H N N 510 
VAL HXT    H N N 511 
# 
loop_
_chem_comp_bond.comp_id 
_chem_comp_bond.atom_id_1 
_chem_comp_bond.atom_id_2 
_chem_comp_bond.value_order 
_chem_comp_bond.pdbx_aromatic_flag 
_chem_comp_bond.pdbx_stereo_config 
_chem_comp_bond.pdbx_ordinal 
ALA N     CA     sing N N 1   
ALA N     H      sing N N 2   
ALA N     H2     sing N N 3   
ALA CA    C      sing N N 4   
ALA CA    CB     sing N N 5   
ALA CA    HA     sing N N 6   
ALA C     O      doub N N 7   
ALA C     OXT    sing N N 8   
ALA CB    HB1    sing N N 9   
ALA CB    HB2    sing N N 10  
ALA CB    HB3    sing N N 11  
ALA OXT   HXT    sing N N 12  
ARG N     CA     sing N N 13  
ARG N     H      sing N N 14  
ARG N     H2     sing N N 15  
ARG CA    C      sing N N 16  
ARG CA    CB     sing N N 17  
ARG CA    HA     sing N N 18  
ARG C     O      doub N N 19  
ARG C     OXT    sing N N 20  
ARG CB    CG     sing N N 21  
ARG CB    HB2    sing N N 22  
ARG CB    HB3    sing N N 23  
ARG CG    CD     sing N N 24  
ARG CG    HG2    sing N N 25  
ARG CG    HG3    sing N N 26  
ARG CD    NE     sing N N 27  
ARG CD    HD2    sing N N 28  
ARG CD    HD3    sing N N 29  
ARG NE    CZ     sing N N 30  
ARG NE    HE     sing N N 31  
ARG CZ    NH1    sing N N 32  
ARG CZ    NH2    doub N N 33  
ARG NH1   HH11   sing N N 34  
ARG NH1   HH12   sing N N 35  
ARG NH2   HH21   sing N N 36  
ARG NH2   HH22   sing N N 37  
ARG OXT   HXT    sing N N 38  
ASN N     CA     sing N N 39  
ASN N     H      sing N N 40  
ASN N     H2     sing N N 41  
ASN CA    C      sing N N 42  
ASN CA    CB     sing N N 43  
ASN CA    HA     sing N N 44  
ASN C     O      doub N N 45  
ASN C     OXT    sing N N 46  
ASN CB    CG     sing N N 47  
ASN CB    HB2    sing N N 48  
ASN CB    HB3    sing N N 49  
ASN CG    OD1    doub N N 50  
ASN CG    ND2    sing N N 51  
ASN ND2   HD21   sing N N 52  
ASN ND2   HD22   sing N N 53  
ASN OXT   HXT    sing N N 54  
ASP N     CA     sing N N 55  
ASP N     H      sing N N 56  
ASP N     H2     sing N N 57  
ASP CA    C      sing N N 58  
ASP CA    CB     sing N N 59  
ASP CA    HA     sing N N 60  
ASP C     O      doub N N 61  
ASP C     OXT    sing N N 62  
ASP CB    CG     sing N N 63  
ASP CB    HB2    sing N N 64  
ASP CB    HB3    sing N N 65  
ASP CG    OD1    doub N N 66  
ASP CG    OD2    sing N N 67  
ASP OD2   HD2    sing N N 68  
ASP OXT   HXT    sing N N 69  
CYS N     CA     sing N N 70  
CYS N     H      sing N N 71  
CYS N     H2     sing N N 72  
CYS CA    C      sing N N 73  
CYS CA    CB     sing N N 74  
CYS CA    HA     sing N N 75  
CYS C     O      doub N N 76  
CYS C     OXT    sing N N 77  
CYS CB    SG     sing N N 78  
CYS CB    HB2    sing N N 79  
CYS CB    HB3    sing N N 80  
CYS SG    HG     sing N N 81  
CYS OXT   HXT    sing N N 82  
DA  OP3   P      sing N N 83  
DA  OP3   HOP3   sing N N 84  
DA  P     OP1    doub N N 85  
DA  P     OP2    sing N N 86  
DA  P     "O5'"  sing N N 87  
DA  OP2   HOP2   sing N N 88  
DA  "O5'" "C5'"  sing N N 89  
DA  "C5'" "C4'"  sing N N 90  
DA  "C5'" "H5'"  sing N N 91  
DA  "C5'" "H5''" sing N N 92  
DA  "C4'" "O4'"  sing N N 93  
DA  "C4'" "C3'"  sing N N 94  
DA  "C4'" "H4'"  sing N N 95  
DA  "O4'" "C1'"  sing N N 96  
DA  "C3'" "O3'"  sing N N 97  
DA  "C3'" "C2'"  sing N N 98  
DA  "C3'" "H3'"  sing N N 99  
DA  "O3'" "HO3'" sing N N 100 
DA  "C2'" "C1'"  sing N N 101 
DA  "C2'" "H2'"  sing N N 102 
DA  "C2'" "H2''" sing N N 103 
DA  "C1'" N9     sing N N 104 
DA  "C1'" "H1'"  sing N N 105 
DA  N9    C8     sing Y N 106 
DA  N9    C4     sing Y N 107 
DA  C8    N7     doub Y N 108 
DA  C8    H8     sing N N 109 
DA  N7    C5     sing Y N 110 
DA  C5    C6     sing Y N 111 
DA  C5    C4     doub Y N 112 
DA  C6    N6     sing N N 113 
DA  C6    N1     doub Y N 114 
DA  N6    H61    sing N N 115 
DA  N6    H62    sing N N 116 
DA  N1    C2     sing Y N 117 
DA  C2    N3     doub Y N 118 
DA  C2    H2     sing N N 119 
DA  N3    C4     sing Y N 120 
DC  OP3   P      sing N N 121 
DC  OP3   HOP3   sing N N 122 
DC  P     OP1    doub N N 123 
DC  P     OP2    sing N N 124 
DC  P     "O5'"  sing N N 125 
DC  OP2   HOP2   sing N N 126 
DC  "O5'" "C5'"  sing N N 127 
DC  "C5'" "C4'"  sing N N 128 
DC  "C5'" "H5'"  sing N N 129 
DC  "C5'" "H5''" sing N N 130 
DC  "C4'" "O4'"  sing N N 131 
DC  "C4'" "C3'"  sing N N 132 
DC  "C4'" "H4'"  sing N N 133 
DC  "O4'" "C1'"  sing N N 134 
DC  "C3'" "O3'"  sing N N 135 
DC  "C3'" "C2'"  sing N N 136 
DC  "C3'" "H3'"  sing N N 137 
DC  "O3'" "HO3'" sing N N 138 
DC  "C2'" "C1'"  sing N N 139 
DC  "C2'" "H2'"  sing N N 140 
DC  "C2'" "H2''" sing N N 141 
DC  "C1'" N1     sing N N 142 
DC  "C1'" "H1'"  sing N N 143 
DC  N1    C2     sing N N 144 
DC  N1    C6     sing N N 145 
DC  C2    O2     doub N N 146 
DC  C2    N3     sing N N 147 
DC  N3    C4     doub N N 148 
DC  C4    N4     sing N N 149 
DC  C4    C5     sing N N 150 
DC  N4    H41    sing N N 151 
DC  N4    H42    sing N N 152 
DC  C5    C6     doub N N 153 
DC  C5    H5     sing N N 154 
DC  C6    H6     sing N N 155 
DG  OP3   P      sing N N 156 
DG  OP3   HOP3   sing N N 157 
DG  P     OP1    doub N N 158 
DG  P     OP2    sing N N 159 
DG  P     "O5'"  sing N N 160 
DG  OP2   HOP2   sing N N 161 
DG  "O5'" "C5'"  sing N N 162 
DG  "C5'" "C4'"  sing N N 163 
DG  "C5'" "H5'"  sing N N 164 
DG  "C5'" "H5''" sing N N 165 
DG  "C4'" "O4'"  sing N N 166 
DG  "C4'" "C3'"  sing N N 167 
DG  "C4'" "H4'"  sing N N 168 
DG  "O4'" "C1'"  sing N N 169 
DG  "C3'" "O3'"  sing N N 170 
DG  "C3'" "C2'"  sing N N 171 
DG  "C3'" "H3'"  sing N N 172 
DG  "O3'" "HO3'" sing N N 173 
DG  "C2'" "C1'"  sing N N 174 
DG  "C2'" "H2'"  sing N N 175 
DG  "C2'" "H2''" sing N N 176 
DG  "C1'" N9     sing N N 177 
DG  "C1'" "H1'"  sing N N 178 
DG  N9    C8     sing Y N 179 
DG  N9    C4     sing Y N 180 
DG  C8    N7     doub Y N 181 
DG  C8    H8     sing N N 182 
DG  N7    C5     sing Y N 183 
DG  C5    C6     sing N N 184 
DG  C5    C4     doub Y N 185 
DG  C6    O6     doub N N 186 
DG  C6    N1     sing N N 187 
DG  N1    C2     sing N N 188 
DG  N1    H1     sing N N 189 
DG  C2    N2     sing N N 190 
DG  C2    N3     doub N N 191 
DG  N2    H21    sing N N 192 
DG  N2    H22    sing N N 193 
DG  N3    C4     sing N N 194 
DT  OP3   P      sing N N 195 
DT  OP3   HOP3   sing N N 196 
DT  P     OP1    doub N N 197 
DT  P     OP2    sing N N 198 
DT  P     "O5'"  sing N N 199 
DT  OP2   HOP2   sing N N 200 
DT  "O5'" "C5'"  sing N N 201 
DT  "C5'" "C4'"  sing N N 202 
DT  "C5'" "H5'"  sing N N 203 
DT  "C5'" "H5''" sing N N 204 
DT  "C4'" "O4'"  sing N N 205 
DT  "C4'" "C3'"  sing N N 206 
DT  "C4'" "H4'"  sing N N 207 
DT  "O4'" "C1'"  sing N N 208 
DT  "C3'" "O3'"  sing N N 209 
DT  "C3'" "C2'"  sing N N 210 
DT  "C3'" "H3'"  sing N N 211 
DT  "O3'" "HO3'" sing N N 212 
DT  "C2'" "C1'"  sing N N 213 
DT  "C2'" "H2'"  sing N N 214 
DT  "C2'" "H2''" sing N N 215 
DT  "C1'" N1     sing N N 216 
DT  "C1'" "H1'"  sing N N 217 
DT  N1    C2     sing N N 218 
DT  N1    C6     sing N N 219 
DT  C2    O2     doub N N 220 
DT  C2    N3     sing N N 221 
DT  N3    C4     sing N N 222 
DT  N3    H3     sing N N 223 
DT  C4    O4     doub N N 224 
DT  C4    C5     sing N N 225 
DT  C5    C7     sing N N 226 
DT  C5    C6     doub N N 227 
DT  C7    H71    sing N N 228 
DT  C7    H72    sing N N 229 
DT  C7    H73    sing N N 230 
DT  C6    H6     sing N N 231 
GLN N     CA     sing N N 232 
GLN N     H      sing N N 233 
GLN N     H2     sing N N 234 
GLN CA    C      sing N N 235 
GLN CA    CB     sing N N 236 
GLN CA    HA     sing N N 237 
GLN C     O      doub N N 238 
GLN C     OXT    sing N N 239 
GLN CB    CG     sing N N 240 
GLN CB    HB2    sing N N 241 
GLN CB    HB3    sing N N 242 
GLN CG    CD     sing N N 243 
GLN CG    HG2    sing N N 244 
GLN CG    HG3    sing N N 245 
GLN CD    OE1    doub N N 246 
GLN CD    NE2    sing N N 247 
GLN NE2   HE21   sing N N 248 
GLN NE2   HE22   sing N N 249 
GLN OXT   HXT    sing N N 250 
GLU N     CA     sing N N 251 
GLU N     H      sing N N 252 
GLU N     H2     sing N N 253 
GLU CA    C      sing N N 254 
GLU CA    CB     sing N N 255 
GLU CA    HA     sing N N 256 
GLU C     O      doub N N 257 
GLU C     OXT    sing N N 258 
GLU CB    CG     sing N N 259 
GLU CB    HB2    sing N N 260 
GLU CB    HB3    sing N N 261 
GLU CG    CD     sing N N 262 
GLU CG    HG2    sing N N 263 
GLU CG    HG3    sing N N 264 
GLU CD    OE1    doub N N 265 
GLU CD    OE2    sing N N 266 
GLU OE2   HE2    sing N N 267 
GLU OXT   HXT    sing N N 268 
GLY N     CA     sing N N 269 
GLY N     H      sing N N 270 
GLY N     H2     sing N N 271 
GLY CA    C      sing N N 272 
GLY CA    HA2    sing N N 273 
GLY CA    HA3    sing N N 274 
GLY C     O      doub N N 275 
GLY C     OXT    sing N N 276 
GLY OXT   HXT    sing N N 277 
HIS N     CA     sing N N 278 
HIS N     H      sing N N 279 
HIS N     H2     sing N N 280 
HIS CA    C      sing N N 281 
HIS CA    CB     sing N N 282 
HIS CA    HA     sing N N 283 
HIS C     O      doub N N 284 
HIS C     OXT    sing N N 285 
HIS CB    CG     sing N N 286 
HIS CB    HB2    sing N N 287 
HIS CB    HB3    sing N N 288 
HIS CG    ND1    sing Y N 289 
HIS CG    CD2    doub Y N 290 
HIS ND1   CE1    doub Y N 291 
HIS ND1   HD1    sing N N 292 
HIS CD2   NE2    sing Y N 293 
HIS CD2   HD2    sing N N 294 
HIS CE1   NE2    sing Y N 295 
HIS CE1   HE1    sing N N 296 
HIS NE2   HE2    sing N N 297 
HIS OXT   HXT    sing N N 298 
HOH O     H1     sing N N 299 
HOH O     H2     sing N N 300 
ILE N     CA     sing N N 301 
ILE N     H      sing N N 302 
ILE N     H2     sing N N 303 
ILE CA    C      sing N N 304 
ILE CA    CB     sing N N 305 
ILE CA    HA     sing N N 306 
ILE C     O      doub N N 307 
ILE C     OXT    sing N N 308 
ILE CB    CG1    sing N N 309 
ILE CB    CG2    sing N N 310 
ILE CB    HB     sing N N 311 
ILE CG1   CD1    sing N N 312 
ILE CG1   HG12   sing N N 313 
ILE CG1   HG13   sing N N 314 
ILE CG2   HG21   sing N N 315 
ILE CG2   HG22   sing N N 316 
ILE CG2   HG23   sing N N 317 
ILE CD1   HD11   sing N N 318 
ILE CD1   HD12   sing N N 319 
ILE CD1   HD13   sing N N 320 
ILE OXT   HXT    sing N N 321 
LEU N     CA     sing N N 322 
LEU N     H      sing N N 323 
LEU N     H2     sing N N 324 
LEU CA    C      sing N N 325 
LEU CA    CB     sing N N 326 
LEU CA    HA     sing N N 327 
LEU C     O      doub N N 328 
LEU C     OXT    sing N N 329 
LEU CB    CG     sing N N 330 
LEU CB    HB2    sing N N 331 
LEU CB    HB3    sing N N 332 
LEU CG    CD1    sing N N 333 
LEU CG    CD2    sing N N 334 
LEU CG    HG     sing N N 335 
LEU CD1   HD11   sing N N 336 
LEU CD1   HD12   sing N N 337 
LEU CD1   HD13   sing N N 338 
LEU CD2   HD21   sing N N 339 
LEU CD2   HD22   sing N N 340 
LEU CD2   HD23   sing N N 341 
LEU OXT   HXT    sing N N 342 
LYS N     CA     sing N N 343 
LYS N     H      sing N N 344 
LYS N     H2     sing N N 345 
LYS CA    C      sing N N 346 
LYS CA    CB     sing N N 347 
LYS CA    HA     sing N N 348 
LYS C     O      doub N N 349 
LYS C     OXT    sing N N 350 
LYS CB    CG     sing N N 351 
LYS CB    HB2    sing N N 352 
LYS CB    HB3    sing N N 353 
LYS CG    CD     sing N N 354 
LYS CG    HG2    sing N N 355 
LYS CG    HG3    sing N N 356 
LYS CD    CE     sing N N 357 
LYS CD    HD2    sing N N 358 
LYS CD    HD3    sing N N 359 
LYS CE    NZ     sing N N 360 
LYS CE    HE2    sing N N 361 
LYS CE    HE3    sing N N 362 
LYS NZ    HZ1    sing N N 363 
LYS NZ    HZ2    sing N N 364 
LYS NZ    HZ3    sing N N 365 
LYS OXT   HXT    sing N N 366 
MET N     CA     sing N N 367 
MET N     H      sing N N 368 
MET N     H2     sing N N 369 
MET CA    C      sing N N 370 
MET CA    CB     sing N N 371 
MET CA    HA     sing N N 372 
MET C     O      doub N N 373 
MET C     OXT    sing N N 374 
MET CB    CG     sing N N 375 
MET CB    HB2    sing N N 376 
MET CB    HB3    sing N N 377 
MET CG    SD     sing N N 378 
MET CG    HG2    sing N N 379 
MET CG    HG3    sing N N 380 
MET SD    CE     sing N N 381 
MET CE    HE1    sing N N 382 
MET CE    HE2    sing N N 383 
MET CE    HE3    sing N N 384 
MET OXT   HXT    sing N N 385 
PHE N     CA     sing N N 386 
PHE N     H      sing N N 387 
PHE N     H2     sing N N 388 
PHE CA    C      sing N N 389 
PHE CA    CB     sing N N 390 
PHE CA    HA     sing N N 391 
PHE C     O      doub N N 392 
PHE C     OXT    sing N N 393 
PHE CB    CG     sing N N 394 
PHE CB    HB2    sing N N 395 
PHE CB    HB3    sing N N 396 
PHE CG    CD1    doub Y N 397 
PHE CG    CD2    sing Y N 398 
PHE CD1   CE1    sing Y N 399 
PHE CD1   HD1    sing N N 400 
PHE CD2   CE2    doub Y N 401 
PHE CD2   HD2    sing N N 402 
PHE CE1   CZ     doub Y N 403 
PHE CE1   HE1    sing N N 404 
PHE CE2   CZ     sing Y N 405 
PHE CE2   HE2    sing N N 406 
PHE CZ    HZ     sing N N 407 
PHE OXT   HXT    sing N N 408 
PO4 P     O1     doub N N 409 
PO4 P     O2     sing N N 410 
PO4 P     O3     sing N N 411 
PO4 P     O4     sing N N 412 
PRO N     CA     sing N N 413 
PRO N     CD     sing N N 414 
PRO N     H      sing N N 415 
PRO CA    C      sing N N 416 
PRO CA    CB     sing N N 417 
PRO CA    HA     sing N N 418 
PRO C     O      doub N N 419 
PRO C     OXT    sing N N 420 
PRO CB    CG     sing N N 421 
PRO CB    HB2    sing N N 422 
PRO CB    HB3    sing N N 423 
PRO CG    CD     sing N N 424 
PRO CG    HG2    sing N N 425 
PRO CG    HG3    sing N N 426 
PRO CD    HD2    sing N N 427 
PRO CD    HD3    sing N N 428 
PRO OXT   HXT    sing N N 429 
SER N     CA     sing N N 430 
SER N     H      sing N N 431 
SER N     H2     sing N N 432 
SER CA    C      sing N N 433 
SER CA    CB     sing N N 434 
SER CA    HA     sing N N 435 
SER C     O      doub N N 436 
SER C     OXT    sing N N 437 
SER CB    OG     sing N N 438 
SER CB    HB2    sing N N 439 
SER CB    HB3    sing N N 440 
SER OG    HG     sing N N 441 
SER OXT   HXT    sing N N 442 
THR N     CA     sing N N 443 
THR N     H      sing N N 444 
THR N     H2     sing N N 445 
THR CA    C      sing N N 446 
THR CA    CB     sing N N 447 
THR CA    HA     sing N N 448 
THR C     O      doub N N 449 
THR C     OXT    sing N N 450 
THR CB    OG1    sing N N 451 
THR CB    CG2    sing N N 452 
THR CB    HB     sing N N 453 
THR OG1   HG1    sing N N 454 
THR CG2   HG21   sing N N 455 
THR CG2   HG22   sing N N 456 
THR CG2   HG23   sing N N 457 
THR OXT   HXT    sing N N 458 
TYR N     CA     sing N N 459 
TYR N     H      sing N N 460 
TYR N     H2     sing N N 461 
TYR CA    C      sing N N 462 
TYR CA    CB     sing N N 463 
TYR CA    HA     sing N N 464 
TYR C     O      doub N N 465 
TYR C     OXT    sing N N 466 
TYR CB    CG     sing N N 467 
TYR CB    HB2    sing N N 468 
TYR CB    HB3    sing N N 469 
TYR CG    CD1    doub Y N 470 
TYR CG    CD2    sing Y N 471 
TYR CD1   CE1    sing Y N 472 
TYR CD1   HD1    sing N N 473 
TYR CD2   CE2    doub Y N 474 
TYR CD2   HD2    sing N N 475 
TYR CE1   CZ     doub Y N 476 
TYR CE1   HE1    sing N N 477 
TYR CE2   CZ     sing Y N 478 
TYR CE2   HE2    sing N N 479 
TYR CZ    OH     sing N N 480 
TYR OH    HH     sing N N 481 
TYR OXT   HXT    sing N N 482 
VAL N     CA     sing N N 483 
VAL N     H      sing N N 484 
VAL N     H2     sing N N 485 
VAL CA    C      sing N N 486 
VAL CA    CB     sing N N 487 
VAL CA    HA     sing N N 488 
VAL C     O      doub N N 489 
VAL C     OXT    sing N N 490 
VAL CB    CG1    sing N N 491 
VAL CB    CG2    sing N N 492 
VAL CB    HB     sing N N 493 
VAL CG1   HG11   sing N N 494 
VAL CG1   HG12   sing N N 495 
VAL CG1   HG13   sing N N 496 
VAL CG2   HG21   sing N N 497 
VAL CG2   HG22   sing N N 498 
VAL CG2   HG23   sing N N 499 
VAL OXT   HXT    sing N N 500 
# 
loop_
_ndb_struct_conf_na.entry_id 
_ndb_struct_conf_na.feature 
3D2W 'b-form double helix'  
3D2W 'mismatched base pair' 
# 
loop_
_ndb_struct_na_base_pair.model_number 
_ndb_struct_na_base_pair.i_label_asym_id 
_ndb_struct_na_base_pair.i_label_comp_id 
_ndb_struct_na_base_pair.i_label_seq_id 
_ndb_struct_na_base_pair.i_symmetry 
_ndb_struct_na_base_pair.j_label_asym_id 
_ndb_struct_na_base_pair.j_label_comp_id 
_ndb_struct_na_base_pair.j_label_seq_id 
_ndb_struct_na_base_pair.j_symmetry 
_ndb_struct_na_base_pair.shear 
_ndb_struct_na_base_pair.stretch 
_ndb_struct_na_base_pair.stagger 
_ndb_struct_na_base_pair.buckle 
_ndb_struct_na_base_pair.propeller 
_ndb_struct_na_base_pair.opening 
_ndb_struct_na_base_pair.pair_number 
_ndb_struct_na_base_pair.pair_name 
_ndb_struct_na_base_pair.i_auth_asym_id 
_ndb_struct_na_base_pair.i_auth_seq_id 
_ndb_struct_na_base_pair.i_PDB_ins_code 
_ndb_struct_na_base_pair.j_auth_asym_id 
_ndb_struct_na_base_pair.j_auth_seq_id 
_ndb_struct_na_base_pair.j_PDB_ins_code 
_ndb_struct_na_base_pair.hbond_type_28 
_ndb_struct_na_base_pair.hbond_type_12 
1 B DA 5 1_555 B DG 8 3_655 -6.460 -4.337 0.804  -26.544 4.868 5.195 1 B_DA5:DG8_B B 5 ? B 8 ? 11 9 
1 B DG 6 1_555 B DC 7 3_655 -0.316 -0.058 -0.002 -6.694  6.650 0.595 2 B_DG6:DC7_B B 6 ? B 7 ? 19 1 
1 B DC 7 1_555 B DG 6 3_655 0.316  -0.058 -0.002 6.694   6.650 0.595 3 B_DC7:DG6_B B 7 ? B 6 ? 19 1 
1 B DG 8 1_555 B DA 5 3_655 6.460  -4.337 0.804  26.544  4.868 5.195 4 B_DG8:DA5_B B 8 ? B 5 ? 11 9 
# 
loop_
_ndb_struct_na_base_pair_step.model_number 
_ndb_struct_na_base_pair_step.i_label_asym_id_1 
_ndb_struct_na_base_pair_step.i_label_comp_id_1 
_ndb_struct_na_base_pair_step.i_label_seq_id_1 
_ndb_struct_na_base_pair_step.i_symmetry_1 
_ndb_struct_na_base_pair_step.j_label_asym_id_1 
_ndb_struct_na_base_pair_step.j_label_comp_id_1 
_ndb_struct_na_base_pair_step.j_label_seq_id_1 
_ndb_struct_na_base_pair_step.j_symmetry_1 
_ndb_struct_na_base_pair_step.i_label_asym_id_2 
_ndb_struct_na_base_pair_step.i_label_comp_id_2 
_ndb_struct_na_base_pair_step.i_label_seq_id_2 
_ndb_struct_na_base_pair_step.i_symmetry_2 
_ndb_struct_na_base_pair_step.j_label_asym_id_2 
_ndb_struct_na_base_pair_step.j_label_comp_id_2 
_ndb_struct_na_base_pair_step.j_label_seq_id_2 
_ndb_struct_na_base_pair_step.j_symmetry_2 
_ndb_struct_na_base_pair_step.shift 
_ndb_struct_na_base_pair_step.slide 
_ndb_struct_na_base_pair_step.rise 
_ndb_struct_na_base_pair_step.tilt 
_ndb_struct_na_base_pair_step.roll 
_ndb_struct_na_base_pair_step.twist 
_ndb_struct_na_base_pair_step.x_displacement 
_ndb_struct_na_base_pair_step.y_displacement 
_ndb_struct_na_base_pair_step.helical_rise 
_ndb_struct_na_base_pair_step.inclination 
_ndb_struct_na_base_pair_step.tip 
_ndb_struct_na_base_pair_step.helical_twist 
_ndb_struct_na_base_pair_step.step_number 
_ndb_struct_na_base_pair_step.step_name 
_ndb_struct_na_base_pair_step.i_auth_asym_id_1 
_ndb_struct_na_base_pair_step.i_auth_seq_id_1 
_ndb_struct_na_base_pair_step.i_PDB_ins_code_1 
_ndb_struct_na_base_pair_step.j_auth_asym_id_1 
_ndb_struct_na_base_pair_step.j_auth_seq_id_1 
_ndb_struct_na_base_pair_step.j_PDB_ins_code_1 
_ndb_struct_na_base_pair_step.i_auth_asym_id_2 
_ndb_struct_na_base_pair_step.i_auth_seq_id_2 
_ndb_struct_na_base_pair_step.i_PDB_ins_code_2 
_ndb_struct_na_base_pair_step.j_auth_asym_id_2 
_ndb_struct_na_base_pair_step.j_auth_seq_id_2 
_ndb_struct_na_base_pair_step.j_PDB_ins_code_2 
1 B DA 5 1_555 B DG 8 3_655 B DG 6 1_555 B DC 7 3_655 -0.775 1.219  2.875 0.391  7.137 54.364 0.939  0.863  2.995 7.774 -0.426 
54.796 1 BB_DA5DG6:DC7DG8_BB B 5 ? B 8 ? B 6 ? B 7 ? 
1 B DG 6 1_555 B DC 7 3_655 B DC 7 1_555 B DG 6 3_655 0.000  -0.218 3.126 0.000  3.607 25.442 -1.457 0.000  3.066 8.138 0.000  
25.693 2 BB_DG6DC7:DG6DC7_BB B 6 ? B 7 ? B 7 ? B 6 ? 
1 B DC 7 1_555 B DG 6 3_655 B DG 8 1_555 B DA 5 3_655 0.775  1.219  2.875 -0.391 7.137 54.364 0.939  -0.863 2.995 7.774 0.426  
54.796 3 BB_DC7DG8:DA5DG6_BB B 7 ? B 6 ? B 8 ? B 5 ? 
# 
loop_
_pdbx_entity_nonpoly.entity_id 
_pdbx_entity_nonpoly.name 
_pdbx_entity_nonpoly.comp_id 
3 'PHOSPHATE ION' PO4 
4 water           HOH 
# 
_pdbx_initial_refinement_model.id               1 
_pdbx_initial_refinement_model.entity_id_list   ? 
_pdbx_initial_refinement_model.type             'experimental model' 
_pdbx_initial_refinement_model.source_name      PDB 
_pdbx_initial_refinement_model.accession_code   1WF0 
_pdbx_initial_refinement_model.details          'PDB ENTRY 1WF0' 
# 
